data_6E82
# 
_entry.id   6E82 
# 
_audit_conform.dict_name       mmcif_pdbx.dic 
_audit_conform.dict_version    5.379 
_audit_conform.dict_location   http://mmcif.pdb.org/dictionaries/ascii/mmcif_pdbx.dic 
# 
loop_
_database_2.database_id 
_database_2.database_code 
_database_2.pdbx_database_accession 
_database_2.pdbx_DOI 
PDB   6E82         pdb_00006e82 10.2210/pdb6e82/pdb 
WWPDB D_1000235871 ?            ?                   
# 
_pdbx_database_related.db_name        PDB 
_pdbx_database_related.details        . 
_pdbx_database_related.db_id          6E81 
_pdbx_database_related.content_type   unspecified 
# 
_pdbx_database_status.status_code                     REL 
_pdbx_database_status.status_code_sf                  REL 
_pdbx_database_status.status_code_mr                  ? 
_pdbx_database_status.entry_id                        6E82 
_pdbx_database_status.recvd_initial_deposition_date   2018-07-27 
_pdbx_database_status.SG_entry                        N 
_pdbx_database_status.deposit_site                    RCSB 
_pdbx_database_status.process_site                    RCSB 
_pdbx_database_status.status_code_cs                  ? 
_pdbx_database_status.methods_development_category    ? 
_pdbx_database_status.pdb_format_compatible           Y 
_pdbx_database_status.status_code_nmr_data            ? 
# 
loop_
_audit_author.name 
_audit_author.pdbx_ordinal 
_audit_author.identifier_ORCID 
'Sjekloca, L.'        1 0000-0002-4508-1743 
;Ferre-D'Amare, A.R.
;
2 0000-0003-4549-1619 
# 
_citation.abstract                  ? 
_citation.abstract_id_CAS           ? 
_citation.book_id_ISBN              ? 
_citation.book_publisher            ? 
_citation.book_publisher_city       ? 
_citation.book_title                ? 
_citation.coordinate_linkage        ? 
_citation.country                   US 
_citation.database_id_Medline       ? 
_citation.details                   ? 
_citation.id                        primary 
_citation.journal_abbrev            'Cell Chem Biol' 
_citation.journal_id_ASTM           ? 
_citation.journal_id_CSD            ? 
_citation.journal_id_ISSN           2451-9456 
_citation.journal_full              ? 
_citation.journal_issue             ? 
_citation.journal_volume            26 
_citation.language                  ? 
_citation.page_first                1159 
_citation.page_last                 ? 
_citation.title                     
'Binding between G Quadruplexes at the Homodimer Interface of the Corn RNA Aptamer Strongly Activates Thioflavin T Fluorescence.' 
_citation.year                      2019 
_citation.database_id_CSD           ? 
_citation.pdbx_database_id_DOI      10.1016/j.chembiol.2019.04.012 
_citation.pdbx_database_id_PubMed   31178406 
_citation.unpublished_flag          ? 
# 
loop_
_citation_author.citation_id 
_citation_author.name 
_citation_author.ordinal 
_citation_author.identifier_ORCID 
primary 'Sjekloca, L.'        1 ? 
primary 
;Ferre-D'Amare, A.R.
;
2 ? 
# 
_cell.angle_alpha                  90.000 
_cell.angle_alpha_esd              ? 
_cell.angle_beta                   90.000 
_cell.angle_beta_esd               ? 
_cell.angle_gamma                  120.000 
_cell.angle_gamma_esd              ? 
_cell.entry_id                     6E82 
_cell.details                      ? 
_cell.formula_units_Z              ? 
_cell.length_a                     130.723 
_cell.length_a_esd                 ? 
_cell.length_b                     130.723 
_cell.length_b_esd                 ? 
_cell.length_c                     40.674 
_cell.length_c_esd                 ? 
_cell.volume                       ? 
_cell.volume_esd                   ? 
_cell.Z_PDB                        18 
_cell.reciprocal_angle_alpha       ? 
_cell.reciprocal_angle_beta        ? 
_cell.reciprocal_angle_gamma       ? 
_cell.reciprocal_angle_alpha_esd   ? 
_cell.reciprocal_angle_beta_esd    ? 
_cell.reciprocal_angle_gamma_esd   ? 
_cell.reciprocal_length_a          ? 
_cell.reciprocal_length_b          ? 
_cell.reciprocal_length_c          ? 
_cell.reciprocal_length_a_esd      ? 
_cell.reciprocal_length_b_esd      ? 
_cell.reciprocal_length_c_esd      ? 
_cell.pdbx_unique_axis             ? 
# 
_symmetry.entry_id                         6E82 
_symmetry.cell_setting                     ? 
_symmetry.Int_Tables_number                155 
_symmetry.space_group_name_Hall            ? 
_symmetry.space_group_name_H-M             'H 3 2' 
_symmetry.pdbx_full_space_group_name_H-M   ? 
# 
loop_
_entity.id 
_entity.type 
_entity.src_method 
_entity.pdbx_description 
_entity.formula_weight 
_entity.pdbx_number_of_molecules 
_entity.pdbx_ec 
_entity.pdbx_mutation 
_entity.pdbx_fragment 
_entity.details 
1 polymer     syn 'RNA (36-MER)'                                                    11771.060 1 ? A14U ? ? 
2 non-polymer syn 'POTASSIUM ION'                                                   39.098    1 ? ?    ? ? 
3 non-polymer syn '2-[4-(dimethylamino)phenyl]-3,6-dimethyl-1,3-benzothiazol-3-ium' 283.411   1 ? ?    ? ? 
# 
_entity_poly.entity_id                      1 
_entity_poly.type                           polyribonucleotide 
_entity_poly.nstd_linkage                   no 
_entity_poly.nstd_monomer                   no 
_entity_poly.pdbx_seq_one_letter_code       GGCGCGAGGAAGGUGGUCUGAGGAGGUCACUGCGCC 
_entity_poly.pdbx_seq_one_letter_code_can   GGCGCGAGGAAGGUGGUCUGAGGAGGUCACUGCGCC 
_entity_poly.pdbx_strand_id                 A 
_entity_poly.pdbx_target_identifier         ? 
# 
loop_
_entity_poly_seq.entity_id 
_entity_poly_seq.num 
_entity_poly_seq.mon_id 
_entity_poly_seq.hetero 
1 1  G n 
1 2  G n 
1 3  C n 
1 4  G n 
1 5  C n 
1 6  G n 
1 7  A n 
1 8  G n 
1 9  G n 
1 10 A n 
1 11 A n 
1 12 G n 
1 13 G n 
1 14 U n 
1 15 G n 
1 16 G n 
1 17 U n 
1 18 C n 
1 19 U n 
1 20 G n 
1 21 A n 
1 22 G n 
1 23 G n 
1 24 A n 
1 25 G n 
1 26 G n 
1 27 U n 
1 28 C n 
1 29 A n 
1 30 C n 
1 31 U n 
1 32 G n 
1 33 C n 
1 34 G n 
1 35 C n 
1 36 C n 
# 
_pdbx_entity_src_syn.entity_id              1 
_pdbx_entity_src_syn.pdbx_src_id            1 
_pdbx_entity_src_syn.pdbx_alt_source_flag   sample 
_pdbx_entity_src_syn.pdbx_beg_seq_num       1 
_pdbx_entity_src_syn.pdbx_end_seq_num       36 
_pdbx_entity_src_syn.organism_scientific    'synthetic construct' 
_pdbx_entity_src_syn.organism_common_name   ? 
_pdbx_entity_src_syn.ncbi_taxonomy_id       32630 
_pdbx_entity_src_syn.details                ? 
# 
_struct_ref.id                         1 
_struct_ref.db_name                    PDB 
_struct_ref.db_code                    6E82 
_struct_ref.pdbx_db_accession          6E82 
_struct_ref.pdbx_db_isoform            ? 
_struct_ref.entity_id                  1 
_struct_ref.pdbx_seq_one_letter_code   ? 
_struct_ref.pdbx_align_begin           1 
# 
_struct_ref_seq.align_id                      1 
_struct_ref_seq.ref_id                        1 
_struct_ref_seq.pdbx_PDB_id_code              6E82 
_struct_ref_seq.pdbx_strand_id                A 
_struct_ref_seq.seq_align_beg                 1 
_struct_ref_seq.pdbx_seq_align_beg_ins_code   ? 
_struct_ref_seq.seq_align_end                 36 
_struct_ref_seq.pdbx_seq_align_end_ins_code   ? 
_struct_ref_seq.pdbx_db_accession             6E82 
_struct_ref_seq.db_align_beg                  1 
_struct_ref_seq.pdbx_db_align_beg_ins_code    ? 
_struct_ref_seq.db_align_end                  36 
_struct_ref_seq.pdbx_db_align_end_ins_code    ? 
_struct_ref_seq.pdbx_auth_seq_align_beg       1 
_struct_ref_seq.pdbx_auth_seq_align_end       36 
# 
loop_
_chem_comp.id 
_chem_comp.type 
_chem_comp.mon_nstd_flag 
_chem_comp.name 
_chem_comp.pdbx_synonyms 
_chem_comp.formula 
_chem_comp.formula_weight 
A   'RNA linking' y "ADENOSINE-5'-MONOPHOSPHATE"                                      ?              'C10 H14 N5 O7 P' 347.221 
C   'RNA linking' y "CYTIDINE-5'-MONOPHOSPHATE"                                       ?              'C9 H14 N3 O8 P'  323.197 
G   'RNA linking' y "GUANOSINE-5'-MONOPHOSPHATE"                                      ?              'C10 H14 N5 O8 P' 363.221 
K   non-polymer   . 'POTASSIUM ION'                                                   ?              'K 1'             39.098  
TFX non-polymer   . '2-[4-(dimethylamino)phenyl]-3,6-dimethyl-1,3-benzothiazol-3-ium' 'Thioflavin T' 'C17 H19 N2 S 1'  283.411 
U   'RNA linking' y "URIDINE-5'-MONOPHOSPHATE"                                        ?              'C9 H13 N2 O9 P'  324.181 
# 
_exptl.absorpt_coefficient_mu     ? 
_exptl.absorpt_correction_T_max   ? 
_exptl.absorpt_correction_T_min   ? 
_exptl.absorpt_correction_type    ? 
_exptl.absorpt_process_details    ? 
_exptl.entry_id                   6E82 
_exptl.crystals_number            1 
_exptl.details                    ? 
_exptl.method                     'X-RAY DIFFRACTION' 
_exptl.method_details             ? 
# 
_exptl_crystal.colour                      ? 
_exptl_crystal.density_diffrn              ? 
_exptl_crystal.density_Matthews            2.84 
_exptl_crystal.density_method              ? 
_exptl_crystal.density_percent_sol         56.70 
_exptl_crystal.description                 'rectangular plate-shaped' 
_exptl_crystal.F_000                       ? 
_exptl_crystal.id                          1 
_exptl_crystal.preparation                 ? 
_exptl_crystal.size_max                    ? 
_exptl_crystal.size_mid                    ? 
_exptl_crystal.size_min                    ? 
_exptl_crystal.size_rad                    ? 
_exptl_crystal.colour_lustre               ? 
_exptl_crystal.colour_modifier             ? 
_exptl_crystal.colour_primary              ? 
_exptl_crystal.density_meas                ? 
_exptl_crystal.density_meas_esd            ? 
_exptl_crystal.density_meas_gt             ? 
_exptl_crystal.density_meas_lt             ? 
_exptl_crystal.density_meas_temp           ? 
_exptl_crystal.density_meas_temp_esd       ? 
_exptl_crystal.density_meas_temp_gt        ? 
_exptl_crystal.density_meas_temp_lt        ? 
_exptl_crystal.pdbx_crystal_image_url      ? 
_exptl_crystal.pdbx_crystal_image_format   ? 
_exptl_crystal.pdbx_mosaicity              ? 
_exptl_crystal.pdbx_mosaicity_esd          ? 
# 
_exptl_crystal_grow.apparatus       ? 
_exptl_crystal_grow.atmosphere      ? 
_exptl_crystal_grow.crystal_id      1 
_exptl_crystal_grow.details         ? 
_exptl_crystal_grow.method          'VAPOR DIFFUSION, HANGING DROP' 
_exptl_crystal_grow.method_ref      ? 
_exptl_crystal_grow.pH              ? 
_exptl_crystal_grow.pressure        ? 
_exptl_crystal_grow.pressure_esd    ? 
_exptl_crystal_grow.seeding         ? 
_exptl_crystal_grow.seeding_ref     ? 
_exptl_crystal_grow.temp            294 
_exptl_crystal_grow.temp_details    ? 
_exptl_crystal_grow.temp_esd        ? 
_exptl_crystal_grow.time            ? 
_exptl_crystal_grow.pdbx_details    
'20 % PEG 4000, 5% PEG 400, 10% glycerol, 0.2 M ammonium acetate pH 6.7, 0.1 M sodium citrate pH 5.6, 0.5 mM ThT' 
_exptl_crystal_grow.pdbx_pH_range   ? 
# 
_diffrn.ambient_environment              ? 
_diffrn.ambient_temp                     100 
_diffrn.ambient_temp_details             ? 
_diffrn.ambient_temp_esd                 ? 
_diffrn.crystal_id                       1 
_diffrn.crystal_support                  ? 
_diffrn.crystal_treatment                ? 
_diffrn.details                          ? 
_diffrn.id                               1 
_diffrn.ambient_pressure                 ? 
_diffrn.ambient_pressure_esd             ? 
_diffrn.ambient_pressure_gt              ? 
_diffrn.ambient_pressure_lt              ? 
_diffrn.ambient_temp_gt                  ? 
_diffrn.ambient_temp_lt                  ? 
_diffrn.pdbx_serial_crystal_experiment   ? 
# 
_diffrn_detector.details                      ? 
_diffrn_detector.detector                     PIXEL 
_diffrn_detector.diffrn_id                    1 
_diffrn_detector.type                         'DECTRIS PILATUS3 6M' 
_diffrn_detector.area_resol_mean              ? 
_diffrn_detector.dtime                        ? 
_diffrn_detector.pdbx_frames_total            ? 
_diffrn_detector.pdbx_collection_time_total   ? 
_diffrn_detector.pdbx_collection_date         2018-05-03 
_diffrn_detector.pdbx_frequency               ? 
# 
_diffrn_radiation.collimation                      ? 
_diffrn_radiation.diffrn_id                        1 
_diffrn_radiation.filter_edge                      ? 
_diffrn_radiation.inhomogeneity                    ? 
_diffrn_radiation.monochromator                    ? 
_diffrn_radiation.polarisn_norm                    ? 
_diffrn_radiation.polarisn_ratio                   ? 
_diffrn_radiation.probe                            ? 
_diffrn_radiation.type                             ? 
_diffrn_radiation.xray_symbol                      ? 
_diffrn_radiation.wavelength_id                    1 
_diffrn_radiation.pdbx_monochromatic_or_laue_m_l   M 
_diffrn_radiation.pdbx_wavelength_list             ? 
_diffrn_radiation.pdbx_wavelength                  ? 
_diffrn_radiation.pdbx_diffrn_protocol             'SINGLE WAVELENGTH' 
_diffrn_radiation.pdbx_analyzer                    ? 
_diffrn_radiation.pdbx_scattering_type             x-ray 
# 
_diffrn_radiation_wavelength.id           1 
_diffrn_radiation_wavelength.wavelength   1 
_diffrn_radiation_wavelength.wt           1.0 
# 
_diffrn_source.current                     ? 
_diffrn_source.details                     ? 
_diffrn_source.diffrn_id                   1 
_diffrn_source.power                       ? 
_diffrn_source.size                        ? 
_diffrn_source.source                      SYNCHROTRON 
_diffrn_source.target                      ? 
_diffrn_source.type                        'ALS BEAMLINE 5.0.1' 
_diffrn_source.voltage                     ? 
_diffrn_source.take-off_angle              ? 
_diffrn_source.pdbx_wavelength_list        1 
_diffrn_source.pdbx_wavelength             ? 
_diffrn_source.pdbx_synchrotron_beamline   5.0.1 
_diffrn_source.pdbx_synchrotron_site       ALS 
# 
_reflns.B_iso_Wilson_estimate            75.660 
_reflns.entry_id                         6E82 
_reflns.data_reduction_details           ? 
_reflns.data_reduction_method            ? 
_reflns.d_resolution_high                2.960 
_reflns.d_resolution_low                 37.740 
_reflns.details                          ? 
_reflns.limit_h_max                      ? 
_reflns.limit_h_min                      ? 
_reflns.limit_k_max                      ? 
_reflns.limit_k_min                      ? 
_reflns.limit_l_max                      ? 
_reflns.limit_l_min                      ? 
_reflns.number_all                       ? 
_reflns.number_obs                       2840 
_reflns.observed_criterion               ? 
_reflns.observed_criterion_F_max         ? 
_reflns.observed_criterion_F_min         ? 
_reflns.observed_criterion_I_max         ? 
_reflns.observed_criterion_I_min         ? 
_reflns.observed_criterion_sigma_F       ? 
_reflns.observed_criterion_sigma_I       ? 
_reflns.percent_possible_obs             99.900 
_reflns.R_free_details                   ? 
_reflns.Rmerge_F_all                     ? 
_reflns.Rmerge_F_obs                     ? 
_reflns.Friedel_coverage                 ? 
_reflns.number_gt                        ? 
_reflns.threshold_expression             ? 
_reflns.pdbx_redundancy                  19.000 
_reflns.pdbx_Rmerge_I_obs                0.137 
_reflns.pdbx_Rmerge_I_all                ? 
_reflns.pdbx_Rsym_value                  ? 
_reflns.pdbx_netI_over_av_sigmaI         ? 
_reflns.pdbx_netI_over_sigmaI            13.800 
_reflns.pdbx_res_netI_over_av_sigmaI_2   ? 
_reflns.pdbx_res_netI_over_sigmaI_2      ? 
_reflns.pdbx_chi_squared                 ? 
_reflns.pdbx_scaling_rejects             45 
_reflns.pdbx_d_res_high_opt              ? 
_reflns.pdbx_d_res_low_opt               ? 
_reflns.pdbx_d_res_opt_method            ? 
_reflns.phase_calculation_details        ? 
_reflns.pdbx_Rrim_I_all                  0.141 
_reflns.pdbx_Rpim_I_all                  0.032 
_reflns.pdbx_d_opt                       ? 
_reflns.pdbx_number_measured_all         53903 
_reflns.pdbx_diffrn_id                   1 
_reflns.pdbx_ordinal                     1 
_reflns.pdbx_CC_half                     1.000 
_reflns.pdbx_R_split                     ? 
# 
loop_
_reflns_shell.d_res_high 
_reflns_shell.d_res_low 
_reflns_shell.meanI_over_sigI_all 
_reflns_shell.meanI_over_sigI_obs 
_reflns_shell.number_measured_all 
_reflns_shell.number_measured_obs 
_reflns_shell.number_possible 
_reflns_shell.number_unique_all 
_reflns_shell.number_unique_obs 
_reflns_shell.percent_possible_all 
_reflns_shell.percent_possible_obs 
_reflns_shell.Rmerge_F_all 
_reflns_shell.Rmerge_F_obs 
_reflns_shell.Rmerge_I_all 
_reflns_shell.Rmerge_I_obs 
_reflns_shell.meanI_over_sigI_gt 
_reflns_shell.meanI_over_uI_all 
_reflns_shell.meanI_over_uI_gt 
_reflns_shell.number_measured_gt 
_reflns_shell.number_unique_gt 
_reflns_shell.percent_possible_gt 
_reflns_shell.Rmerge_F_gt 
_reflns_shell.Rmerge_I_gt 
_reflns_shell.pdbx_redundancy 
_reflns_shell.pdbx_Rsym_value 
_reflns_shell.pdbx_chi_squared 
_reflns_shell.pdbx_netI_over_sigmaI_all 
_reflns_shell.pdbx_netI_over_sigmaI_obs 
_reflns_shell.pdbx_Rrim_I_all 
_reflns_shell.pdbx_Rpim_I_all 
_reflns_shell.pdbx_rejects 
_reflns_shell.pdbx_ordinal 
_reflns_shell.pdbx_diffrn_id 
_reflns_shell.pdbx_CC_half 
_reflns_shell.pdbx_R_split 
2.960  3.040  ? ? ? ? ? ? 198 100.000 ? ? ? ? 1.062 ? ? ? ? ? ? ? ? 19.100 ? ? ? ? 1.091 0.246 ? 1 1 0.516 ? 
13.240 37.740 ? ? ? ? ? ? 36  96.000  ? ? ? ? 0.018 ? ? ? ? ? ? ? ? 15.500 ? ? ? ? 0.018 0.005 ? 2 1 1.000 ? 
# 
_refine.aniso_B[1][1]                            ? 
_refine.aniso_B[1][2]                            ? 
_refine.aniso_B[1][3]                            ? 
_refine.aniso_B[2][2]                            ? 
_refine.aniso_B[2][3]                            ? 
_refine.aniso_B[3][3]                            ? 
_refine.B_iso_max                                184.270 
_refine.B_iso_mean                               108.9614 
_refine.B_iso_min                                63.980 
_refine.correlation_coeff_Fo_to_Fc               ? 
_refine.correlation_coeff_Fo_to_Fc_free          ? 
_refine.details                                  ? 
_refine.diff_density_max                         ? 
_refine.diff_density_max_esd                     ? 
_refine.diff_density_min                         ? 
_refine.diff_density_min_esd                     ? 
_refine.diff_density_rms                         ? 
_refine.diff_density_rms_esd                     ? 
_refine.entry_id                                 6E82 
_refine.pdbx_refine_id                           'X-RAY DIFFRACTION' 
_refine.ls_abs_structure_details                 ? 
_refine.ls_abs_structure_Flack                   ? 
_refine.ls_abs_structure_Flack_esd               ? 
_refine.ls_abs_structure_Rogers                  ? 
_refine.ls_abs_structure_Rogers_esd              ? 
_refine.ls_d_res_high                            3.1010 
_refine.ls_d_res_low                             33.0310 
_refine.ls_extinction_coef                       ? 
_refine.ls_extinction_coef_esd                   ? 
_refine.ls_extinction_expression                 ? 
_refine.ls_extinction_method                     ? 
_refine.ls_goodness_of_fit_all                   ? 
_refine.ls_goodness_of_fit_all_esd               ? 
_refine.ls_goodness_of_fit_obs                   ? 
_refine.ls_goodness_of_fit_obs_esd               ? 
_refine.ls_hydrogen_treatment                    ? 
_refine.ls_matrix_type                           ? 
_refine.ls_number_constraints                    ? 
_refine.ls_number_parameters                     ? 
_refine.ls_number_reflns_all                     ? 
_refine.ls_number_reflns_obs                     2459 
_refine.ls_number_reflns_R_free                  246 
_refine.ls_number_reflns_R_work                  ? 
_refine.ls_number_restraints                     ? 
_refine.ls_percent_reflns_obs                    99.2700 
_refine.ls_percent_reflns_R_free                 10.0000 
_refine.ls_R_factor_all                          ? 
_refine.ls_R_factor_obs                          0.2475 
_refine.ls_R_factor_R_free                       0.3298 
_refine.ls_R_factor_R_free_error                 ? 
_refine.ls_R_factor_R_free_error_details         ? 
_refine.ls_R_factor_R_work                       0.2380 
_refine.ls_R_Fsqd_factor_obs                     ? 
_refine.ls_R_I_factor_obs                        ? 
_refine.ls_redundancy_reflns_all                 ? 
_refine.ls_redundancy_reflns_obs                 ? 
_refine.ls_restrained_S_all                      ? 
_refine.ls_restrained_S_obs                      ? 
_refine.ls_shift_over_esd_max                    ? 
_refine.ls_shift_over_esd_mean                   ? 
_refine.ls_structure_factor_coef                 ? 
_refine.ls_weighting_details                     ? 
_refine.ls_weighting_scheme                      ? 
_refine.ls_wR_factor_all                         ? 
_refine.ls_wR_factor_obs                         ? 
_refine.ls_wR_factor_R_free                      ? 
_refine.ls_wR_factor_R_work                      ? 
_refine.occupancy_max                            ? 
_refine.occupancy_min                            ? 
_refine.solvent_model_details                    ? 
_refine.solvent_model_param_bsol                 ? 
_refine.solvent_model_param_ksol                 ? 
_refine.ls_R_factor_gt                           ? 
_refine.ls_goodness_of_fit_gt                    ? 
_refine.ls_goodness_of_fit_ref                   ? 
_refine.ls_shift_over_su_max                     ? 
_refine.ls_shift_over_su_max_lt                  ? 
_refine.ls_shift_over_su_mean                    ? 
_refine.ls_shift_over_su_mean_lt                 ? 
_refine.pdbx_ls_sigma_I                          ? 
_refine.pdbx_ls_sigma_F                          1.590 
_refine.pdbx_ls_sigma_Fsqd                       ? 
_refine.pdbx_data_cutoff_high_absF               ? 
_refine.pdbx_data_cutoff_high_rms_absF           ? 
_refine.pdbx_data_cutoff_low_absF                ? 
_refine.pdbx_isotropic_thermal_model             ? 
_refine.pdbx_ls_cross_valid_method               THROUGHOUT 
_refine.pdbx_method_to_determine_struct          'MOLECULAR REPLACEMENT' 
_refine.pdbx_starting_model                      5BJP 
_refine.pdbx_stereochemistry_target_values       ? 
_refine.pdbx_R_Free_selection_details            ? 
_refine.pdbx_stereochem_target_val_spec_case     ? 
_refine.pdbx_overall_ESU_R                       ? 
_refine.pdbx_overall_ESU_R_Free                  ? 
_refine.pdbx_solvent_vdw_probe_radii             1.1100 
_refine.pdbx_solvent_ion_probe_radii             ? 
_refine.pdbx_solvent_shrinkage_radii             0.9000 
_refine.pdbx_real_space_R                        ? 
_refine.pdbx_density_correlation                 ? 
_refine.pdbx_pd_number_of_powder_patterns        ? 
_refine.pdbx_pd_number_of_points                 ? 
_refine.pdbx_pd_meas_number_of_points            ? 
_refine.pdbx_pd_proc_ls_prof_R_factor            ? 
_refine.pdbx_pd_proc_ls_prof_wR_factor           ? 
_refine.pdbx_pd_Marquardt_correlation_coeff      ? 
_refine.pdbx_pd_Fsqrd_R_factor                   ? 
_refine.pdbx_pd_ls_matrix_band_width             ? 
_refine.pdbx_overall_phase_error                 24.7600 
_refine.pdbx_overall_SU_R_free_Cruickshank_DPI   ? 
_refine.pdbx_overall_SU_R_free_Blow_DPI          ? 
_refine.pdbx_overall_SU_R_Blow_DPI               ? 
_refine.pdbx_TLS_residual_ADP_flag               ? 
_refine.pdbx_diffrn_id                           1 
_refine.overall_SU_B                             ? 
_refine.overall_SU_ML                            0.3500 
_refine.overall_SU_R_Cruickshank_DPI             ? 
_refine.overall_SU_R_free                        ? 
_refine.overall_FOM_free_R_set                   ? 
_refine.overall_FOM_work_R_set                   ? 
_refine.pdbx_average_fsc_overall                 ? 
_refine.pdbx_average_fsc_work                    ? 
_refine.pdbx_average_fsc_free                    ? 
# 
_refine_hist.cycle_id                         final 
_refine_hist.pdbx_refine_id                   'X-RAY DIFFRACTION' 
_refine_hist.d_res_high                       3.1010 
_refine_hist.d_res_low                        33.0310 
_refine_hist.pdbx_number_atoms_ligand         41 
_refine_hist.number_atoms_solvent             0 
_refine_hist.number_atoms_total               824 
_refine_hist.pdbx_number_residues_total       36 
_refine_hist.pdbx_B_iso_mean_ligand           74.16 
_refine_hist.pdbx_number_atoms_protein        0 
_refine_hist.pdbx_number_atoms_nucleic_acid   783 
# 
loop_
_refine_ls_restr.pdbx_refine_id 
_refine_ls_restr.criterion 
_refine_ls_restr.dev_ideal 
_refine_ls_restr.dev_ideal_target 
_refine_ls_restr.number 
_refine_ls_restr.rejects 
_refine_ls_restr.type 
_refine_ls_restr.weight 
_refine_ls_restr.pdbx_restraint_function 
'X-RAY DIFFRACTION' ? 0.008  ? 921  ? f_bond_d           ? ? 
'X-RAY DIFFRACTION' ? 1.688  ? 1433 ? f_angle_d          ? ? 
'X-RAY DIFFRACTION' ? 0.066  ? 180  ? f_chiral_restr     ? ? 
'X-RAY DIFFRACTION' ? 0.008  ? 42   ? f_plane_restr      ? ? 
'X-RAY DIFFRACTION' ? 22.025 ? 433  ? f_dihedral_angle_d ? ? 
# 
loop_
_refine_ls_shell.pdbx_refine_id 
_refine_ls_shell.d_res_high 
_refine_ls_shell.d_res_low 
_refine_ls_shell.number_reflns_all 
_refine_ls_shell.number_reflns_obs 
_refine_ls_shell.number_reflns_R_free 
_refine_ls_shell.number_reflns_R_work 
_refine_ls_shell.percent_reflns_obs 
_refine_ls_shell.percent_reflns_R_free 
_refine_ls_shell.R_factor_all 
_refine_ls_shell.R_factor_obs 
_refine_ls_shell.R_factor_R_free 
_refine_ls_shell.R_factor_R_free_error 
_refine_ls_shell.R_factor_R_work 
_refine_ls_shell.redundancy_reflns_all 
_refine_ls_shell.redundancy_reflns_obs 
_refine_ls_shell.wR_factor_all 
_refine_ls_shell.wR_factor_obs 
_refine_ls_shell.wR_factor_R_free 
_refine_ls_shell.wR_factor_R_work 
_refine_ls_shell.pdbx_total_number_of_bins_used 
_refine_ls_shell.pdbx_phase_error 
_refine_ls_shell.pdbx_fsc_work 
_refine_ls_shell.pdbx_fsc_free 
'X-RAY DIFFRACTION' 3.1011 3.9060  1203 . 120 1083 99.0000  . . . 0.3682 0.0000 0.2985 . . . . . . 2 . . . 
'X-RAY DIFFRACTION' 3.9060 33.0327 1256 . 126 1130 100.0000 . . . 0.3141 0.0000 0.2128 . . . . . . 2 . . . 
# 
_struct.entry_id                     6E82 
_struct.title                        'Crystal structure of the Corn aptamer mutant A14U in complex with ThT' 
_struct.pdbx_model_details           ? 
_struct.pdbx_formula_weight          ? 
_struct.pdbx_formula_weight_method   ? 
_struct.pdbx_model_type_details      ? 
_struct.pdbx_CASP_flag               N 
# 
_struct_keywords.entry_id        6E82 
_struct_keywords.text            'polyribonucleotide, fluorigenic aptamer, G-quadruplex, thioflavin T, Corn mutant A14U, RNA' 
_struct_keywords.pdbx_keywords   RNA 
# 
loop_
_struct_asym.id 
_struct_asym.pdbx_blank_PDB_chainid_flag 
_struct_asym.pdbx_modified 
_struct_asym.entity_id 
_struct_asym.details 
A N N 1 ? 
B N N 2 ? 
C N N 3 ? 
# 
loop_
_struct_conn.id 
_struct_conn.conn_type_id 
_struct_conn.pdbx_leaving_atom_flag 
_struct_conn.pdbx_PDB_id 
_struct_conn.ptnr1_label_asym_id 
_struct_conn.ptnr1_label_comp_id 
_struct_conn.ptnr1_label_seq_id 
_struct_conn.ptnr1_label_atom_id 
_struct_conn.pdbx_ptnr1_label_alt_id 
_struct_conn.pdbx_ptnr1_PDB_ins_code 
_struct_conn.pdbx_ptnr1_standard_comp_id 
_struct_conn.ptnr1_symmetry 
_struct_conn.ptnr2_label_asym_id 
_struct_conn.ptnr2_label_comp_id 
_struct_conn.ptnr2_label_seq_id 
_struct_conn.ptnr2_label_atom_id 
_struct_conn.pdbx_ptnr2_label_alt_id 
_struct_conn.pdbx_ptnr2_PDB_ins_code 
_struct_conn.ptnr1_auth_asym_id 
_struct_conn.ptnr1_auth_comp_id 
_struct_conn.ptnr1_auth_seq_id 
_struct_conn.ptnr2_auth_asym_id 
_struct_conn.ptnr2_auth_comp_id 
_struct_conn.ptnr2_auth_seq_id 
_struct_conn.ptnr2_symmetry 
_struct_conn.pdbx_ptnr3_label_atom_id 
_struct_conn.pdbx_ptnr3_label_seq_id 
_struct_conn.pdbx_ptnr3_label_comp_id 
_struct_conn.pdbx_ptnr3_label_asym_id 
_struct_conn.pdbx_ptnr3_label_alt_id 
_struct_conn.pdbx_ptnr3_PDB_ins_code 
_struct_conn.details 
_struct_conn.pdbx_dist_value 
_struct_conn.pdbx_value_order 
_struct_conn.pdbx_role 
metalc1  metalc ? ? A G 15 O6 ? ? ? 1_555 B K .  K  ? ? A G 15 A K 101 1_555 ? ? ? ? ? ? ?             2.739 ? ? 
metalc2  metalc ? ? A G 16 O6 ? ? ? 1_555 B K .  K  ? ? A G 16 A K 101 1_555 ? ? ? ? ? ? ?             2.826 ? ? 
metalc3  metalc ? ? A G 22 O6 ? ? ? 1_555 B K .  K  ? ? A G 22 A K 101 1_555 ? ? ? ? ? ? ?             2.979 ? ? 
metalc4  metalc ? ? A G 25 O6 ? ? ? 1_555 B K .  K  ? ? A G 25 A K 101 1_555 ? ? ? ? ? ? ?             2.949 ? ? 
metalc5  metalc ? ? A G 26 O6 ? ? ? 1_555 B K .  K  ? ? A G 26 A K 101 1_555 ? ? ? ? ? ? ?             2.797 ? ? 
hydrog1  hydrog ? ? A G 1  N1 ? ? ? 1_555 A C 36 N3 ? ? A G 1  A C 36  1_555 ? ? ? ? ? ? WATSON-CRICK  ?     ? ? 
hydrog2  hydrog ? ? A G 1  N2 ? ? ? 1_555 A C 36 O2 ? ? A G 1  A C 36  1_555 ? ? ? ? ? ? WATSON-CRICK  ?     ? ? 
hydrog3  hydrog ? ? A G 1  O6 ? ? ? 1_555 A C 36 N4 ? ? A G 1  A C 36  1_555 ? ? ? ? ? ? WATSON-CRICK  ?     ? ? 
hydrog4  hydrog ? ? A G 2  N1 ? ? ? 1_555 A C 35 N3 ? ? A G 2  A C 35  1_555 ? ? ? ? ? ? WATSON-CRICK  ?     ? ? 
hydrog5  hydrog ? ? A G 2  N2 ? ? ? 1_555 A C 35 O2 ? ? A G 2  A C 35  1_555 ? ? ? ? ? ? WATSON-CRICK  ?     ? ? 
hydrog6  hydrog ? ? A G 2  O6 ? ? ? 1_555 A C 35 N4 ? ? A G 2  A C 35  1_555 ? ? ? ? ? ? WATSON-CRICK  ?     ? ? 
hydrog7  hydrog ? ? A C 3  N3 ? ? ? 1_555 A G 34 N1 ? ? A C 3  A G 34  1_555 ? ? ? ? ? ? WATSON-CRICK  ?     ? ? 
hydrog8  hydrog ? ? A C 3  N4 ? ? ? 1_555 A G 34 O6 ? ? A C 3  A G 34  1_555 ? ? ? ? ? ? WATSON-CRICK  ?     ? ? 
hydrog9  hydrog ? ? A C 3  O2 ? ? ? 1_555 A G 34 N2 ? ? A C 3  A G 34  1_555 ? ? ? ? ? ? WATSON-CRICK  ?     ? ? 
hydrog10 hydrog ? ? A G 4  N1 ? ? ? 1_555 A C 33 N3 ? ? A G 4  A C 33  1_555 ? ? ? ? ? ? WATSON-CRICK  ?     ? ? 
hydrog11 hydrog ? ? A G 4  N2 ? ? ? 1_555 A C 33 O2 ? ? A G 4  A C 33  1_555 ? ? ? ? ? ? WATSON-CRICK  ?     ? ? 
hydrog12 hydrog ? ? A G 4  O6 ? ? ? 1_555 A C 33 N4 ? ? A G 4  A C 33  1_555 ? ? ? ? ? ? WATSON-CRICK  ?     ? ? 
hydrog13 hydrog ? ? A C 5  O2 ? ? ? 1_555 A G 32 N1 ? ? A C 5  A G 32  1_555 ? ? ? ? ? ? 'C-G PAIR'    ?     ? ? 
hydrog14 hydrog ? ? A G 9  N1 ? ? ? 1_555 A C 18 N3 ? ? A G 9  A C 18  1_555 ? ? ? ? ? ? 'G-C PAIR'    ?     ? ? 
hydrog15 hydrog ? ? A G 9  N2 ? ? ? 1_555 A U 27 O2 ? ? A G 9  A U 27  1_555 ? ? ? ? ? ? 'G-U MISPAIR' ?     ? ? 
hydrog16 hydrog ? ? A G 9  N2 ? ? ? 1_555 A C 28 O2 ? ? A G 9  A C 28  1_555 ? ? ? ? ? ? 'G-C PAIR'    ?     ? ? 
hydrog17 hydrog ? ? A G 12 N1 ? ? ? 1_555 A G 15 O6 ? ? A G 12 A G 15  1_555 ? ? ? ? ? ? TYPE_6_PAIR   ?     ? ? 
hydrog18 hydrog ? ? A G 12 N2 ? ? ? 1_555 A G 15 N7 ? ? A G 12 A G 15  1_555 ? ? ? ? ? ? TYPE_6_PAIR   ?     ? ? 
hydrog19 hydrog ? ? A G 12 N7 ? ? ? 1_555 A G 25 N2 ? ? A G 12 A G 25  1_555 ? ? ? ? ? ? 'G-G MISPAIR' ?     ? ? 
hydrog20 hydrog ? ? A U 14 O4 ? ? ? 1_555 A G 26 N2 ? ? A U 14 A G 26  1_555 ? ? ? ? ? ? 'U-G MISPAIR' ?     ? ? 
hydrog21 hydrog ? ? A G 15 N1 ? ? ? 1_555 A G 22 O6 ? ? A G 15 A G 22  1_555 ? ? ? ? ? ? TYPE_6_PAIR   ?     ? ? 
hydrog22 hydrog ? ? A G 15 N2 ? ? ? 1_555 A G 22 N7 ? ? A G 15 A G 22  1_555 ? ? ? ? ? ? TYPE_6_PAIR   ?     ? ? 
hydrog23 hydrog ? ? A G 16 N1 ? ? ? 1_555 A G 23 O6 ? ? A G 16 A G 23  1_555 ? ? ? ? ? ? TYPE_6_PAIR   ?     ? ? 
hydrog24 hydrog ? ? A G 16 N2 ? ? ? 1_555 A G 23 N7 ? ? A G 16 A G 23  1_555 ? ? ? ? ? ? TYPE_6_PAIR   ?     ? ? 
hydrog25 hydrog ? ? A G 20 N1 ? ? ? 1_555 A C 28 N3 ? ? A G 20 A C 28  1_555 ? ? ? ? ? ? 'G-C PAIR'    ?     ? ? 
hydrog26 hydrog ? ? A A 21 N6 ? ? ? 1_555 A U 27 O4 ? ? A A 21 A U 27  1_555 ? ? ? ? ? ? 'A-U PAIR'    ?     ? ? 
hydrog27 hydrog ? ? A G 22 N1 ? ? ? 1_555 A G 25 O6 ? ? A G 22 A G 25  1_555 ? ? ? ? ? ? TYPE_6_PAIR   ?     ? ? 
hydrog28 hydrog ? ? A G 22 N2 ? ? ? 1_555 A G 25 N7 ? ? A G 22 A G 25  1_555 ? ? ? ? ? ? TYPE_6_PAIR   ?     ? ? 
hydrog29 hydrog ? ? A G 23 N1 ? ? ? 1_555 A G 26 O6 ? ? A G 23 A G 26  1_555 ? ? ? ? ? ? TYPE_6_PAIR   ?     ? ? 
hydrog30 hydrog ? ? A G 23 N2 ? ? ? 1_555 A G 26 N7 ? ? A G 23 A G 26  1_555 ? ? ? ? ? ? TYPE_6_PAIR   ?     ? ? 
# 
loop_
_struct_conn_type.id 
_struct_conn_type.criteria 
_struct_conn_type.reference 
metalc ? ? 
hydrog ? ? 
# 
loop_
_struct_site.id 
_struct_site.pdbx_evidence_code 
_struct_site.pdbx_auth_asym_id 
_struct_site.pdbx_auth_comp_id 
_struct_site.pdbx_auth_seq_id 
_struct_site.pdbx_auth_ins_code 
_struct_site.pdbx_num_residues 
_struct_site.details 
AC1 Software A K   101 ? 6 'binding site for residue K A 101'   
AC2 Software A TFX 102 ? 8 'binding site for residue TFX A 102' 
# 
loop_
_struct_site_gen.id 
_struct_site_gen.site_id 
_struct_site_gen.pdbx_num_res 
_struct_site_gen.label_comp_id 
_struct_site_gen.label_asym_id 
_struct_site_gen.label_seq_id 
_struct_site_gen.pdbx_auth_ins_code 
_struct_site_gen.auth_comp_id 
_struct_site_gen.auth_asym_id 
_struct_site_gen.auth_seq_id 
_struct_site_gen.label_atom_id 
_struct_site_gen.label_alt_id 
_struct_site_gen.symmetry 
_struct_site_gen.details 
1  AC1 6 G A 15 ? G A 15 . ? 1_555  ? 
2  AC1 6 G A 16 ? G A 16 . ? 1_555  ? 
3  AC1 6 G A 22 ? G A 22 . ? 1_555  ? 
4  AC1 6 G A 23 ? G A 23 . ? 1_555  ? 
5  AC1 6 G A 25 ? G A 25 . ? 1_555  ? 
6  AC1 6 G A 26 ? G A 26 . ? 1_555  ? 
7  AC2 8 G A 12 ? G A 12 . ? 12_556 ? 
8  AC2 8 G A 12 ? G A 12 . ? 1_555  ? 
9  AC2 8 G A 15 ? G A 15 . ? 12_556 ? 
10 AC2 8 G A 15 ? G A 15 . ? 1_555  ? 
11 AC2 8 G A 22 ? G A 22 . ? 1_555  ? 
12 AC2 8 G A 22 ? G A 22 . ? 12_556 ? 
13 AC2 8 G A 25 ? G A 25 . ? 12_556 ? 
14 AC2 8 G A 25 ? G A 25 . ? 1_555  ? 
# 
_atom_sites.entry_id                    6E82 
_atom_sites.fract_transf_matrix[1][1]   0.00209960 
_atom_sites.fract_transf_matrix[1][2]   -0.00606104 
_atom_sites.fract_transf_matrix[1][3]   -0.00607354 
_atom_sites.fract_transf_matrix[2][1]   0.00790865 
_atom_sites.fract_transf_matrix[2][2]   -0.00392716 
_atom_sites.fract_transf_matrix[2][3]   0.00022924 
_atom_sites.fract_transf_matrix[3][1]   -0.00918393 
_atom_sites.fract_transf_matrix[3][2]   -0.01765194 
_atom_sites.fract_transf_matrix[3][3]   0.01444077 
_atom_sites.fract_transf_vector[1]      0.239170 
_atom_sites.fract_transf_vector[2]      0.448213 
_atom_sites.fract_transf_vector[3]      0.496060 
# 
loop_
_atom_type.symbol 
C 
K 
N 
O 
P 
S 
# 
loop_
_atom_site.group_PDB 
_atom_site.id 
_atom_site.type_symbol 
_atom_site.label_atom_id 
_atom_site.label_alt_id 
_atom_site.label_comp_id 
_atom_site.label_asym_id 
_atom_site.label_entity_id 
_atom_site.label_seq_id 
_atom_site.pdbx_PDB_ins_code 
_atom_site.Cartn_x 
_atom_site.Cartn_y 
_atom_site.Cartn_z 
_atom_site.occupancy 
_atom_site.B_iso_or_equiv 
_atom_site.pdbx_formal_charge 
_atom_site.auth_seq_id 
_atom_site.auth_comp_id 
_atom_site.auth_asym_id 
_atom_site.auth_atom_id 
_atom_site.pdbx_PDB_model_num 
ATOM   1   P P     . G   A 1 1  ? 10.746  10.032  -3.093  1.00 128.32 ? 1   G   A P     1 
ATOM   2   O OP1   . G   A 1 1  ? 9.734   9.739   -4.147  1.00 127.26 ? 1   G   A OP1   1 
ATOM   3   O OP2   . G   A 1 1  ? 10.396  10.062  -1.643  1.00 124.05 ? 1   G   A OP2   1 
ATOM   4   O "O5'" . G   A 1 1  ? 11.861  8.915   -3.279  1.00 123.26 ? 1   G   A "O5'" 1 
ATOM   5   C "C5'" . G   A 1 1  ? 12.204  8.447   -4.573  1.00 122.00 ? 1   G   A "C5'" 1 
ATOM   6   C "C4'" . G   A 1 1  ? 13.589  7.853   -4.578  1.00 123.39 ? 1   G   A "C4'" 1 
ATOM   7   O "O4'" . G   A 1 1  ? 14.528  8.812   -4.029  1.00 135.23 ? 1   G   A "O4'" 1 
ATOM   8   C "C3'" . G   A 1 1  ? 13.776  6.612   -3.722  1.00 122.69 ? 1   G   A "C3'" 1 
ATOM   9   O "O3'" . G   A 1 1  ? 13.366  5.433   -4.391  1.00 126.18 ? 1   G   A "O3'" 1 
ATOM   10  C "C2'" . G   A 1 1  ? 15.267  6.642   -3.406  1.00 125.50 ? 1   G   A "C2'" 1 
ATOM   11  O "O2'" . G   A 1 1  ? 16.015  6.161   -4.517  1.00 125.10 ? 1   G   A "O2'" 1 
ATOM   12  C "C1'" . G   A 1 1  ? 15.524  8.142   -3.279  1.00 128.73 ? 1   G   A "C1'" 1 
ATOM   13  N N9    . G   A 1 1  ? 15.475  8.641   -1.888  1.00 130.09 ? 1   G   A N9    1 
ATOM   14  C C8    . G   A 1 1  ? 14.644  9.648   -1.450  1.00 132.68 ? 1   G   A C8    1 
ATOM   15  N N7    . G   A 1 1  ? 14.775  9.946   -0.185  1.00 132.39 ? 1   G   A N7    1 
ATOM   16  C C5    . G   A 1 1  ? 15.770  9.083   0.252   1.00 133.24 ? 1   G   A C5    1 
ATOM   17  C C6    . G   A 1 1  ? 16.328  8.949   1.551   1.00 135.25 ? 1   G   A C6    1 
ATOM   18  O O6    . G   A 1 1  ? 16.041  9.591   2.573   1.00 136.68 ? 1   G   A O6    1 
ATOM   19  N N1    . G   A 1 1  ? 17.315  7.960   1.586   1.00 135.59 ? 1   G   A N1    1 
ATOM   20  C C2    . G   A 1 1  ? 17.718  7.200   0.505   1.00 134.17 ? 1   G   A C2    1 
ATOM   21  N N2    . G   A 1 1  ? 18.694  6.300   0.759   1.00 134.89 ? 1   G   A N2    1 
ATOM   22  N N3    . G   A 1 1  ? 17.199  7.320   -0.722  1.00 134.15 ? 1   G   A N3    1 
ATOM   23  C C4    . G   A 1 1  ? 16.231  8.275   -0.784  1.00 133.24 ? 1   G   A C4    1 
ATOM   24  P P     . G   A 1 2  ? 12.877  4.145   -3.555  1.00 130.57 ? 2   G   A P     1 
ATOM   25  O OP1   . G   A 1 2  ? 12.649  3.032   -4.524  1.00 115.86 ? 2   G   A OP1   1 
ATOM   26  O OP2   . G   A 1 2  ? 11.760  4.543   -2.644  1.00 134.37 ? 2   G   A OP2   1 
ATOM   27  O "O5'" . G   A 1 2  ? 14.132  3.802   -2.637  1.00 120.32 ? 2   G   A "O5'" 1 
ATOM   28  C "C5'" . G   A 1 2  ? 15.271  3.134   -3.156  1.00 120.92 ? 2   G   A "C5'" 1 
ATOM   29  C "C4'" . G   A 1 2  ? 16.135  2.639   -2.034  1.00 123.41 ? 2   G   A "C4'" 1 
ATOM   30  O "O4'" . G   A 1 2  ? 16.661  3.768   -1.288  1.00 130.27 ? 2   G   A "O4'" 1 
ATOM   31  C "C3'" . G   A 1 2  ? 15.417  1.819   -0.970  1.00 132.61 ? 2   G   A "C3'" 1 
ATOM   32  O "O3'" . G   A 1 2  ? 15.176  0.472   -1.346  1.00 120.48 ? 2   G   A "O3'" 1 
ATOM   33  C "C2'" . G   A 1 2  ? 16.322  1.971   0.250   1.00 143.44 ? 2   G   A "C2'" 1 
ATOM   34  O "O2'" . G   A 1 2  ? 17.421  1.073   0.195   1.00 154.93 ? 2   G   A "O2'" 1 
ATOM   35  C "C1'" . G   A 1 2  ? 16.843  3.403   0.070   1.00 137.83 ? 2   G   A "C1'" 1 
ATOM   36  N N9    . G   A 1 2  ? 16.140  4.343   0.966   1.00 130.26 ? 2   G   A N9    1 
ATOM   37  C C8    . G   A 1 2  ? 15.044  5.143   0.743   1.00 127.33 ? 2   G   A C8    1 
ATOM   38  N N7    . G   A 1 2  ? 14.693  5.832   1.801   1.00 128.90 ? 2   G   A N7    1 
ATOM   39  C C5    . G   A 1 2  ? 15.606  5.460   2.782   1.00 131.82 ? 2   G   A C5    1 
ATOM   40  C C6    . G   A 1 2  ? 15.743  5.863   4.145   1.00 132.23 ? 2   G   A C6    1 
ATOM   41  O O6    . G   A 1 2  ? 15.064  6.669   4.806   1.00 132.82 ? 2   G   A O6    1 
ATOM   42  N N1    . G   A 1 2  ? 16.814  5.212   4.758   1.00 133.80 ? 2   G   A N1    1 
ATOM   43  C C2    . G   A 1 2  ? 17.652  4.297   4.155   1.00 133.44 ? 2   G   A C2    1 
ATOM   44  N N2    . G   A 1 2  ? 18.630  3.781   4.921   1.00 135.44 ? 2   G   A N2    1 
ATOM   45  N N3    . G   A 1 2  ? 17.537  3.916   2.892   1.00 131.52 ? 2   G   A N3    1 
ATOM   46  C C4    . G   A 1 2  ? 16.499  4.530   2.276   1.00 132.51 ? 2   G   A C4    1 
ATOM   47  P P     . C   A 1 3  ? 14.070  -0.373  -0.547  1.00 120.02 ? 3   C   A P     1 
ATOM   48  O OP1   . C   A 1 3  ? 13.861  -1.688  -1.215  1.00 118.10 ? 3   C   A OP1   1 
ATOM   49  O OP2   . C   A 1 3  ? 12.910  0.527   -0.337  1.00 120.30 ? 3   C   A OP2   1 
ATOM   50  O "O5'" . C   A 1 3  ? 14.733  -0.609  0.881   1.00 126.55 ? 3   C   A "O5'" 1 
ATOM   51  C "C5'" . C   A 1 3  ? 15.830  -1.495  1.051   1.00 125.13 ? 3   C   A "C5'" 1 
ATOM   52  C "C4'" . C   A 1 3  ? 16.244  -1.572  2.502   1.00 128.89 ? 3   C   A "C4'" 1 
ATOM   53  O "O4'" . C   A 1 3  ? 16.631  -0.254  2.956   1.00 124.92 ? 3   C   A "O4'" 1 
ATOM   54  C "C3'" . C   A 1 3  ? 15.171  -2.001  3.499   1.00 129.60 ? 3   C   A "C3'" 1 
ATOM   55  O "O3'" . C   A 1 3  ? 14.971  -3.405  3.562   1.00 129.37 ? 3   C   A "O3'" 1 
ATOM   56  C "C2'" . C   A 1 3  ? 15.693  -1.413  4.799   1.00 126.15 ? 3   C   A "C2'" 1 
ATOM   57  O "O2'" . C   A 1 3  ? 16.772  -2.194  5.285   1.00 138.82 ? 3   C   A "O2'" 1 
ATOM   58  C "C1'" . C   A 1 3  ? 16.269  -0.091  4.313   1.00 125.61 ? 3   C   A "C1'" 1 
ATOM   59  N N1    . C   A 1 3  ? 15.287  1.003   4.420   1.00 126.46 ? 3   C   A N1    1 
ATOM   60  C C2    . C   A 1 3  ? 15.250  1.691   5.632   1.00 129.96 ? 3   C   A C2    1 
ATOM   61  O O2    . C   A 1 3  ? 16.033  1.342   6.530   1.00 128.84 ? 3   C   A O2    1 
ATOM   62  N N3    . C   A 1 3  ? 14.381  2.714   5.785   1.00 142.86 ? 3   C   A N3    1 
ATOM   63  C C4    . C   A 1 3  ? 13.574  3.053   4.774   1.00 149.00 ? 3   C   A C4    1 
ATOM   64  N N4    . C   A 1 3  ? 12.724  4.066   4.976   1.00 154.27 ? 3   C   A N4    1 
ATOM   65  C C5    . C   A 1 3  ? 13.593  2.362   3.520   1.00 140.40 ? 3   C   A C5    1 
ATOM   66  C C6    . C   A 1 3  ? 14.463  1.351   3.383   1.00 131.39 ? 3   C   A C6    1 
ATOM   67  P P     . G   A 1 4  ? 13.525  -4.018  3.902   1.00 124.41 ? 4   G   A P     1 
ATOM   68  O OP1   . G   A 1 4  ? 13.741  -5.465  4.111   1.00 140.44 ? 4   G   A OP1   1 
ATOM   69  O OP2   . G   A 1 4  ? 12.540  -3.594  2.868   1.00 113.34 ? 4   G   A OP2   1 
ATOM   70  O "O5'" . G   A 1 4  ? 13.168  -3.432  5.345   1.00 119.30 ? 4   G   A "O5'" 1 
ATOM   71  C "C5'" . G   A 1 4  ? 13.155  -4.289  6.479   1.00 119.91 ? 4   G   A "C5'" 1 
ATOM   72  C "C4'" . G   A 1 4  ? 13.088  -3.537  7.792   1.00 127.99 ? 4   G   A "C4'" 1 
ATOM   73  O "O4'" . G   A 1 4  ? 13.635  -2.206  7.642   1.00 124.91 ? 4   G   A "O4'" 1 
ATOM   74  C "C3'" . G   A 1 4  ? 11.705  -3.287  8.386   1.00 129.55 ? 4   G   A "C3'" 1 
ATOM   75  O "O3'" . G   A 1 4  ? 11.151  -4.400  9.059   1.00 115.35 ? 4   G   A "O3'" 1 
ATOM   76  C "C2'" . G   A 1 4  ? 11.938  -2.113  9.321   1.00 133.07 ? 4   G   A "C2'" 1 
ATOM   77  O "O2'" . G   A 1 4  ? 12.447  -2.567  10.573  1.00 140.54 ? 4   G   A "O2'" 1 
ATOM   78  C "C1'" . G   A 1 4  ? 13.022  -1.330  8.572   1.00 127.80 ? 4   G   A "C1'" 1 
ATOM   79  N N9    . G   A 1 4  ? 12.489  -0.151  7.863   1.00 129.66 ? 4   G   A N9    1 
ATOM   80  C C8    . G   A 1 4  ? 12.335  0.046   6.506   1.00 128.61 ? 4   G   A C8    1 
ATOM   81  N N7    . G   A 1 4  ? 11.846  1.224   6.220   1.00 130.35 ? 4   G   A N7    1 
ATOM   82  C C5    . G   A 1 4  ? 11.692  1.849   7.457   1.00 133.25 ? 4   G   A C5    1 
ATOM   83  C C6    . G   A 1 4  ? 11.207  3.141   7.801   1.00 135.27 ? 4   G   A C6    1 
ATOM   84  O O6    . G   A 1 4  ? 10.802  4.042   7.057   1.00 140.37 ? 4   G   A O6    1 
ATOM   85  N N1    . G   A 1 4  ? 11.209  3.344   9.174   1.00 129.34 ? 4   G   A N1    1 
ATOM   86  C C2    . G   A 1 4  ? 11.624  2.420   10.095  1.00 133.42 ? 4   G   A C2    1 
ATOM   87  N N2    . G   A 1 4  ? 11.563  2.789   11.376  1.00 155.45 ? 4   G   A N2    1 
ATOM   88  N N3    . G   A 1 4  ? 12.074  1.219   9.800   1.00 126.22 ? 4   G   A N3    1 
ATOM   89  C C4    . G   A 1 4  ? 12.078  1.005   8.474   1.00 129.09 ? 4   G   A C4    1 
ATOM   90  P P     . C   A 1 5  ? 9.562   -4.450  9.196   1.00 123.78 ? 5   C   A P     1 
ATOM   91  O OP1   . C   A 1 5  ? 9.163   -5.656  9.963   1.00 139.65 ? 5   C   A OP1   1 
ATOM   92  O OP2   . C   A 1 5  ? 9.033   -4.229  7.827   1.00 125.74 ? 5   C   A OP2   1 
ATOM   93  O "O5'" . C   A 1 5  ? 9.221   -3.147  10.026  1.00 113.95 ? 5   C   A "O5'" 1 
ATOM   94  C "C5'" . C   A 1 5  ? 7.910   -2.878  10.463  1.00 112.37 ? 5   C   A "C5'" 1 
ATOM   95  C "C4'" . C   A 1 5  ? 7.980   -1.745  11.422  1.00 114.90 ? 5   C   A "C4'" 1 
ATOM   96  O "O4'" . C   A 1 5  ? 9.099   -0.922  11.012  1.00 119.67 ? 5   C   A "O4'" 1 
ATOM   97  C "C3'" . C   A 1 5  ? 6.798   -0.799  11.438  1.00 114.28 ? 5   C   A "C3'" 1 
ATOM   98  O "O3'" . C   A 1 5  ? 5.767   -1.234  12.294  1.00 112.76 ? 5   C   A "O3'" 1 
ATOM   99  C "C2'" . C   A 1 5  ? 7.435   0.501   11.892  1.00 117.57 ? 5   C   A "C2'" 1 
ATOM   100 O "O2'" . C   A 1 5  ? 7.673   0.472   13.293  1.00 119.23 ? 5   C   A "O2'" 1 
ATOM   101 C "C1'" . C   A 1 5  ? 8.776   0.442   11.152  1.00 126.95 ? 5   C   A "C1'" 1 
ATOM   102 N N1    . C   A 1 5  ? 8.691   1.013   9.781   1.00 118.45 ? 5   C   A N1    1 
ATOM   103 C C2    . C   A 1 5  ? 8.385   2.350   9.499   1.00 119.58 ? 5   C   A C2    1 
ATOM   104 O O2    . C   A 1 5  ? 8.186   3.164   10.403  1.00 121.26 ? 5   C   A O2    1 
ATOM   105 N N3    . C   A 1 5  ? 8.303   2.744   8.206   1.00 118.83 ? 5   C   A N3    1 
ATOM   106 C C4    . C   A 1 5  ? 8.505   1.892   7.198   1.00 117.04 ? 5   C   A C4    1 
ATOM   107 N N4    . C   A 1 5  ? 8.429   2.333   5.943   1.00 116.42 ? 5   C   A N4    1 
ATOM   108 C C5    . C   A 1 5  ? 8.820   0.538   7.447   1.00 115.88 ? 5   C   A C5    1 
ATOM   109 C C6    . C   A 1 5  ? 8.897   0.160   8.731   1.00 128.27 ? 5   C   A C6    1 
ATOM   110 P P     . G   A 1 6  ? 4.275   -1.469  11.745  1.00 123.06 ? 6   G   A P     1 
ATOM   111 O OP1   . G   A 1 6  ? 3.714   -2.671  12.414  1.00 145.98 ? 6   G   A OP1   1 
ATOM   112 O OP2   . G   A 1 6  ? 4.262   -1.422  10.266  1.00 125.39 ? 6   G   A OP2   1 
ATOM   113 O "O5'" . G   A 1 6  ? 3.467   -0.246  12.348  1.00 110.54 ? 6   G   A "O5'" 1 
ATOM   114 C "C5'" . G   A 1 6  ? 3.749   0.222   13.655  1.00 112.81 ? 6   G   A "C5'" 1 
ATOM   115 C "C4'" . G   A 1 6  ? 3.815   1.726   13.666  1.00 115.10 ? 6   G   A "C4'" 1 
ATOM   116 O "O4'" . G   A 1 6  ? 4.980   2.149   12.908  1.00 118.06 ? 6   G   A "O4'" 1 
ATOM   117 C "C3'" . G   A 1 6  ? 2.656   2.414   12.970  1.00 114.85 ? 6   G   A "C3'" 1 
ATOM   118 O "O3'" . G   A 1 6  ? 1.482   2.509   13.745  1.00 112.71 ? 6   G   A "O3'" 1 
ATOM   119 C "C2'" . G   A 1 6  ? 3.267   3.746   12.566  1.00 132.64 ? 6   G   A "C2'" 1 
ATOM   120 O "O2'" . G   A 1 6  ? 3.402   4.589   13.704  1.00 151.36 ? 6   G   A "O2'" 1 
ATOM   121 C "C1'" . G   A 1 6  ? 4.652   3.294   12.134  1.00 124.96 ? 6   G   A "C1'" 1 
ATOM   122 N N9    . G   A 1 6  ? 4.689   2.920   10.701  1.00 120.15 ? 6   G   A N9    1 
ATOM   123 C C8    . G   A 1 6  ? 5.095   1.729   10.162  1.00 118.53 ? 6   G   A C8    1 
ATOM   124 N N7    . G   A 1 6  ? 5.033   1.645   8.864   1.00 115.53 ? 6   G   A N7    1 
ATOM   125 C C5    . G   A 1 6  ? 4.533   2.879   8.505   1.00 119.51 ? 6   G   A C5    1 
ATOM   126 C C6    . G   A 1 6  ? 4.236   3.376   7.211   1.00 112.44 ? 6   G   A C6    1 
ATOM   127 O O6    . G   A 1 6  ? 4.372   2.812   6.119   1.00 110.90 ? 6   G   A O6    1 
ATOM   128 N N1    . G   A 1 6  ? 3.736   4.670   7.281   1.00 113.63 ? 6   G   A N1    1 
ATOM   129 C C2    . G   A 1 6  ? 3.548   5.385   8.447   1.00 129.84 ? 6   G   A C2    1 
ATOM   130 N N2    . G   A 1 6  ? 3.063   6.631   8.302   1.00 141.09 ? 6   G   A N2    1 
ATOM   131 N N3    . G   A 1 6  ? 3.827   4.932   9.667   1.00 132.13 ? 6   G   A N3    1 
ATOM   132 C C4    . G   A 1 6  ? 4.317   3.678   9.621   1.00 128.01 ? 6   G   A C4    1 
ATOM   133 P P     . A   A 1 7  ? 0.254   1.537   13.375  1.00 128.97 ? 7   A   A P     1 
ATOM   134 O OP1   . A   A 1 7  ? -0.417  1.103   14.633  1.00 144.76 ? 7   A   A OP1   1 
ATOM   135 O OP2   . A   A 1 7  ? 0.764   0.565   12.362  1.00 129.86 ? 7   A   A OP2   1 
ATOM   136 O "O5'" . A   A 1 7  ? -0.784  2.444   12.591  1.00 115.67 ? 7   A   A "O5'" 1 
ATOM   137 C "C5'" . A   A 1 7  ? -1.042  3.770   13.006  1.00 117.95 ? 7   A   A "C5'" 1 
ATOM   138 C "C4'" . A   A 1 7  ? -0.873  4.712   11.844  1.00 125.64 ? 7   A   A "C4'" 1 
ATOM   139 O "O4'" . A   A 1 7  ? 0.453   4.537   11.278  1.00 123.67 ? 7   A   A "O4'" 1 
ATOM   140 C "C3'" . A   A 1 7  ? -1.803  4.491   10.660  1.00 108.21 ? 7   A   A "C3'" 1 
ATOM   141 O "O3'" . A   A 1 7  ? -3.085  5.073   10.825  1.00 114.19 ? 7   A   A "O3'" 1 
ATOM   142 C "C2'" . A   A 1 7  ? -1.023  5.113   9.521   1.00 109.27 ? 7   A   A "C2'" 1 
ATOM   143 O "O2'" . A   A 1 7  ? -1.123  6.524   9.587   1.00 111.31 ? 7   A   A "O2'" 1 
ATOM   144 C "C1'" . A   A 1 7  ? 0.406   4.737   9.885   1.00 111.05 ? 7   A   A "C1'" 1 
ATOM   145 N N9    . A   A 1 7  ? 0.889   3.521   9.198   1.00 109.37 ? 7   A   A N9    1 
ATOM   146 C C8    . A   A 1 7  ? 1.522   2.449   9.773   1.00 109.22 ? 7   A   A C8    1 
ATOM   147 N N7    . A   A 1 7  ? 1.882   1.524   8.914   1.00 118.29 ? 7   A   A N7    1 
ATOM   148 C C5    . A   A 1 7  ? 1.461   2.013   7.682   1.00 108.66 ? 7   A   A C5    1 
ATOM   149 C C6    . A   A 1 7  ? 1.537   1.501   6.368   1.00 105.04 ? 7   A   A C6    1 
ATOM   150 N N6    . A   A 1 7  ? 2.088   0.339   6.014   1.00 103.91 ? 7   A   A N6    1 
ATOM   151 N N1    . A   A 1 7  ? 1.013   2.246   5.385   1.00 104.55 ? 7   A   A N1    1 
ATOM   152 C C2    . A   A 1 7  ? 0.463   3.417   5.703   1.00 105.71 ? 7   A   A C2    1 
ATOM   153 N N3    . A   A 1 7  ? 0.338   4.002   6.886   1.00 107.36 ? 7   A   A N3    1 
ATOM   154 C C4    . A   A 1 7  ? 0.861   3.247   7.851   1.00 107.80 ? 7   A   A C4    1 
ATOM   155 P P     . G   A 1 8  ? -4.329  4.215   11.395  1.00 128.20 ? 8   G   A P     1 
ATOM   156 O OP1   . G   A 1 8  ? -5.196  5.176   12.149  1.00 124.86 ? 8   G   A OP1   1 
ATOM   157 O OP2   . G   A 1 8  ? -3.853  2.942   12.017  1.00 124.90 ? 8   G   A OP2   1 
ATOM   158 O "O5'" . G   A 1 8  ? -5.123  3.813   10.085  1.00 109.84 ? 8   G   A "O5'" 1 
ATOM   159 C "C5'" . G   A 1 8  ? -5.273  4.778   9.080   1.00 108.35 ? 8   G   A "C5'" 1 
ATOM   160 C "C4'" . G   A 1 8  ? -4.651  4.306   7.797   1.00 111.14 ? 8   G   A "C4'" 1 
ATOM   161 O "O4'" . G   A 1 8  ? -3.238  4.037   7.966   1.00 112.24 ? 8   G   A "O4'" 1 
ATOM   162 C "C3'" . G   A 1 8  ? -5.176  3.013   7.231   1.00 98.81  ? 8   G   A "C3'" 1 
ATOM   163 O "O3'" . G   A 1 8  ? -6.473  3.089   6.656   1.00 96.88  ? 8   G   A "O3'" 1 
ATOM   164 C "C2'" . G   A 1 8  ? -4.079  2.690   6.215   1.00 98.96  ? 8   G   A "C2'" 1 
ATOM   165 O "O2'" . G   A 1 8  ? -4.194  3.487   5.058   1.00 102.17 ? 8   G   A "O2'" 1 
ATOM   166 C "C1'" . G   A 1 8  ? -2.828  3.088   6.996   1.00 105.36 ? 8   G   A "C1'" 1 
ATOM   167 N N9    . G   A 1 8  ? -2.199  1.922   7.654   1.00 110.62 ? 8   G   A N9    1 
ATOM   168 C C8    . G   A 1 8  ? -2.034  1.759   9.006   1.00 119.62 ? 8   G   A C8    1 
ATOM   169 N N7    . G   A 1 8  ? -1.444  0.644   9.348   1.00 125.32 ? 8   G   A N7    1 
ATOM   170 C C5    . G   A 1 8  ? -1.194  0.004   8.138   1.00 118.96 ? 8   G   A C5    1 
ATOM   171 C C6    . G   A 1 8  ? -0.567  -1.258  7.874   1.00 112.38 ? 8   G   A C6    1 
ATOM   172 O O6    . G   A 1 8  ? -0.095  -2.089  8.661   1.00 106.45 ? 8   G   A O6    1 
ATOM   173 N N1    . G   A 1 8  ? -0.514  -1.542  6.518   1.00 107.78 ? 8   G   A N1    1 
ATOM   174 C C2    . G   A 1 8  ? -0.983  -0.719  5.534   1.00 97.70  ? 8   G   A C2    1 
ATOM   175 N N2    . G   A 1 8  ? -0.844  -1.178  4.274   1.00 96.29  ? 8   G   A N2    1 
ATOM   176 N N3    . G   A 1 8  ? -1.557  0.463   5.770   1.00 98.76  ? 8   G   A N3    1 
ATOM   177 C C4    . G   A 1 8  ? -1.649  0.776   7.081   1.00 108.60 ? 8   G   A C4    1 
ATOM   178 P P     . G   A 1 9  ? -7.784  3.123   7.592   1.00 96.05  ? 9   G   A P     1 
ATOM   179 O OP1   . G   A 1 9  ? -8.412  4.454   7.493   1.00 97.19  ? 9   G   A OP1   1 
ATOM   180 O OP2   . G   A 1 9  ? -7.395  2.660   8.937   1.00 96.85  ? 9   G   A OP2   1 
ATOM   181 O "O5'" . G   A 1 9  ? -8.828  2.169   6.848   1.00 92.90  ? 9   G   A "O5'" 1 
ATOM   182 C "C5'" . G   A 1 9  ? -10.179 2.590   6.682   1.00 91.87  ? 9   G   A "C5'" 1 
ATOM   183 C "C4'" . G   A 1 9  ? -10.614 2.655   5.230   1.00 90.47  ? 9   G   A "C4'" 1 
ATOM   184 O "O4'" . G   A 1 9  ? -9.565  3.216   4.402   1.00 91.84  ? 9   G   A "O4'" 1 
ATOM   185 C "C3'" . G   A 1 9  ? -10.932 1.329   4.552   1.00 95.78  ? 9   G   A "C3'" 1 
ATOM   186 O "O3'" . G   A 1 9  ? -12.199 0.810   4.888   1.00 100.41 ? 9   G   A "O3'" 1 
ATOM   187 C "C2'" . G   A 1 9  ? -10.802 1.668   3.078   1.00 89.47  ? 9   G   A "C2'" 1 
ATOM   188 O "O2'" . G   A 1 9  ? -11.971 2.351   2.644   1.00 100.97 ? 9   G   A "O2'" 1 
ATOM   189 C "C1'" . G   A 1 9  ? -9.628  2.648   3.104   1.00 90.06  ? 9   G   A "C1'" 1 
ATOM   190 N N9    . G   A 1 9  ? -8.333  2.001   2.835   1.00 90.39  ? 9   G   A N9    1 
ATOM   191 C C8    . G   A 1 9  ? -7.538  1.412   3.769   1.00 91.11  ? 9   G   A C8    1 
ATOM   192 N N7    . G   A 1 9  ? -6.425  0.951   3.285   1.00 92.81  ? 9   G   A N7    1 
ATOM   193 C C5    . G   A 1 9  ? -6.471  1.273   1.952   1.00 94.38  ? 9   G   A C5    1 
ATOM   194 C C6    . G   A 1 9  ? -5.519  1.021   0.937   1.00 98.22  ? 9   G   A C6    1 
ATOM   195 O O6    . G   A 1 9  ? -4.427  0.448   1.019   1.00 91.52  ? 9   G   A O6    1 
ATOM   196 N N1    . G   A 1 9  ? -5.956  1.508   -0.285  1.00 106.99 ? 9   G   A N1    1 
ATOM   197 C C2    . G   A 1 9  ? -7.153  2.156   -0.491  1.00 114.89 ? 9   G   A C2    1 
ATOM   198 N N2    . G   A 1 9  ? -7.391  2.551   -1.747  1.00 115.89 ? 9   G   A N2    1 
ATOM   199 N N3    . G   A 1 9  ? -8.050  2.400   0.456   1.00 117.54 ? 9   G   A N3    1 
ATOM   200 C C4    . G   A 1 9  ? -7.643  1.929   1.652   1.00 97.76  ? 9   G   A C4    1 
ATOM   201 P P     . A   A 1 10 ? -12.328 -0.747  5.240   1.00 100.82 ? 10  A   A P     1 
ATOM   202 O OP1   . A   A 1 10 ? -13.700 -0.889  5.792   1.00 110.73 ? 10  A   A OP1   1 
ATOM   203 O OP2   . A   A 1 10 ? -11.136 -1.219  6.027   1.00 84.97  ? 10  A   A OP2   1 
ATOM   204 O "O5'" . A   A 1 10 ? -12.294 -1.436  3.806   1.00 98.68  ? 10  A   A "O5'" 1 
ATOM   205 C "C5'" . A   A 1 10 ? -13.347 -1.215  2.886   1.00 96.37  ? 10  A   A "C5'" 1 
ATOM   206 C "C4'" . A   A 1 10 ? -13.265 -2.159  1.710   1.00 90.70  ? 10  A   A "C4'" 1 
ATOM   207 O "O4'" . A   A 1 10 ? -12.076 -1.849  0.943   1.00 79.87  ? 10  A   A "O4'" 1 
ATOM   208 C "C3'" . A   A 1 10 ? -13.138 -3.630  2.051   1.00 97.09  ? 10  A   A "C3'" 1 
ATOM   209 O "O3'" . A   A 1 10 ? -14.397 -4.244  2.288   1.00 102.97 ? 10  A   A "O3'" 1 
ATOM   210 C "C2'" . A   A 1 10 ? -12.385 -4.196  0.844   1.00 90.67  ? 10  A   A "C2'" 1 
ATOM   211 O "O2'" . A   A 1 10 ? -13.277 -4.445  -0.230  1.00 86.53  ? 10  A   A "O2'" 1 
ATOM   212 C "C1'" . A   A 1 10 ? -11.481 -3.023  0.462   1.00 79.74  ? 10  A   A "C1'" 1 
ATOM   213 N N9    . A   A 1 10 ? -10.163 -3.091  1.094   1.00 80.23  ? 10  A   A N9    1 
ATOM   214 C C8    . A   A 1 10 ? -9.824  -3.627  2.301   1.00 83.42  ? 10  A   A C8    1 
ATOM   215 N N7    . A   A 1 10 ? -8.559  -3.492  2.600   1.00 91.55  ? 10  A   A N7    1 
ATOM   216 C C5    . A   A 1 10 ? -8.051  -2.811  1.523   1.00 83.16  ? 10  A   A C5    1 
ATOM   217 C C6    . A   A 1 10 ? -6.775  -2.365  1.221   1.00 85.01  ? 10  A   A C6    1 
ATOM   218 N N6    . A   A 1 10 ? -5.746  -2.555  2.017   1.00 86.50  ? 10  A   A N6    1 
ATOM   219 N N1    . A   A 1 10 ? -6.578  -1.713  0.066   1.00 89.51  ? 10  A   A N1    1 
ATOM   220 C C2    . A   A 1 10 ? -7.629  -1.530  -0.728  1.00 88.59  ? 10  A   A C2    1 
ATOM   221 N N3    . A   A 1 10 ? -8.886  -1.917  -0.546  1.00 82.49  ? 10  A   A N3    1 
ATOM   222 C C4    . A   A 1 10 ? -9.029  -2.544  0.612   1.00 81.86  ? 10  A   A C4    1 
ATOM   223 P P     . A   A 1 11 ? -14.515 -5.531  3.253   1.00 121.81 ? 11  A   A P     1 
ATOM   224 O OP1   . A   A 1 11 ? -15.572 -5.272  4.264   1.00 131.75 ? 11  A   A OP1   1 
ATOM   225 O OP2   . A   A 1 11 ? -13.152 -5.929  3.694   1.00 130.42 ? 11  A   A OP2   1 
ATOM   226 O "O5'" . A   A 1 11 ? -15.090 -6.682  2.322   1.00 78.58  ? 11  A   A "O5'" 1 
ATOM   227 C "C5'" . A   A 1 11 ? -15.492 -7.906  2.909   1.00 84.89  ? 11  A   A "C5'" 1 
ATOM   228 C "C4'" . A   A 1 11 ? -14.753 -9.067  2.303   1.00 97.62  ? 11  A   A "C4'" 1 
ATOM   229 O "O4'" . A   A 1 11 ? -15.278 -9.298  0.974   1.00 106.02 ? 11  A   A "O4'" 1 
ATOM   230 C "C3'" . A   A 1 11 ? -13.265 -8.843  2.136   1.00 89.49  ? 11  A   A "C3'" 1 
ATOM   231 O "O3'" . A   A 1 11 ? -12.608 -10.106 2.178   1.00 85.77  ? 11  A   A "O3'" 1 
ATOM   232 C "C2'" . A   A 1 11 ? -13.174 -8.251  0.731   1.00 89.69  ? 11  A   A "C2'" 1 
ATOM   233 O "O2'" . A   A 1 11 ? -11.945 -8.471  0.086   1.00 107.78 ? 11  A   A "O2'" 1 
ATOM   234 C "C1'" . A   A 1 11 ? -14.304 -8.967  0.003   1.00 85.48  ? 11  A   A "C1'" 1 
ATOM   235 N N9    . A   A 1 11 ? -14.981 -8.109  -0.960  1.00 69.34  ? 11  A   A N9    1 
ATOM   236 C C8    . A   A 1 11 ? -15.533 -6.875  -0.718  1.00 75.95  ? 11  A   A C8    1 
ATOM   237 N N7    . A   A 1 11 ? -16.112 -6.361  -1.779  1.00 82.04  ? 11  A   A N7    1 
ATOM   238 C C5    . A   A 1 11 ? -15.934 -7.333  -2.759  1.00 76.26  ? 11  A   A C5    1 
ATOM   239 C C6    . A   A 1 11 ? -16.296 -7.408  -4.115  1.00 88.84  ? 11  A   A C6    1 
ATOM   240 N N6    . A   A 1 11 ? -16.958 -6.447  -4.747  1.00 96.50  ? 11  A   A N6    1 
ATOM   241 N N1    . A   A 1 11 ? -15.958 -8.517  -4.814  1.00 94.89  ? 11  A   A N1    1 
ATOM   242 C C2    . A   A 1 11 ? -15.289 -9.481  -4.171  1.00 88.85  ? 11  A   A C2    1 
ATOM   243 N N3    . A   A 1 11 ? -14.886 -9.525  -2.902  1.00 85.34  ? 11  A   A N3    1 
ATOM   244 C C4    . A   A 1 11 ? -15.241 -8.412  -2.256  1.00 74.40  ? 11  A   A C4    1 
ATOM   245 P P     . G   A 1 12 ? -11.885 -10.596 3.522   1.00 90.60  ? 12  G   A P     1 
ATOM   246 O OP1   . G   A 1 12 ? -12.394 -11.973 3.763   1.00 98.68  ? 12  G   A OP1   1 
ATOM   247 O OP2   . G   A 1 12 ? -12.022 -9.522  4.556   1.00 71.98  ? 12  G   A OP2   1 
ATOM   248 O "O5'" . G   A 1 12 ? -10.357 -10.740 3.086   1.00 85.51  ? 12  G   A "O5'" 1 
ATOM   249 C "C5'" . G   A 1 12 ? -9.339  -11.083 4.026   1.00 80.42  ? 12  G   A "C5'" 1 
ATOM   250 C "C4'" . G   A 1 12 ? -8.233  -10.052 4.072   1.00 85.73  ? 12  G   A "C4'" 1 
ATOM   251 O "O4'" . G   A 1 12 ? -7.616  -9.913  2.758   1.00 93.03  ? 12  G   A "O4'" 1 
ATOM   252 C "C3'" . G   A 1 12 ? -8.659  -8.641  4.462   1.00 82.86  ? 12  G   A "C3'" 1 
ATOM   253 O "O3'" . G   A 1 12 ? -7.508  -8.005  4.982   1.00 79.14  ? 12  G   A "O3'" 1 
ATOM   254 C "C2'" . G   A 1 12 ? -8.926  -8.017  3.109   1.00 79.40  ? 12  G   A "C2'" 1 
ATOM   255 O "O2'" . G   A 1 12 ? -9.003  -6.609  3.105   1.00 78.06  ? 12  G   A "O2'" 1 
ATOM   256 C "C1'" . G   A 1 12 ? -7.730  -8.557  2.347   1.00 79.48  ? 12  G   A "C1'" 1 
ATOM   257 N N9    . G   A 1 12 ? -7.871  -8.491  0.901   1.00 75.49  ? 12  G   A N9    1 
ATOM   258 C C8    . G   A 1 12 ? -9.020  -8.275  0.224   1.00 74.10  ? 12  G   A C8    1 
ATOM   259 N N7    . G   A 1 12 ? -8.825  -8.255  -1.058  1.00 77.23  ? 12  G   A N7    1 
ATOM   260 C C5    . G   A 1 12 ? -7.473  -8.446  -1.204  1.00 74.70  ? 12  G   A C5    1 
ATOM   261 C C6    . G   A 1 12 ? -6.687  -8.505  -2.356  1.00 85.41  ? 12  G   A C6    1 
ATOM   262 O O6    . G   A 1 12 ? -7.034  -8.389  -3.521  1.00 85.15  ? 12  G   A O6    1 
ATOM   263 N N1    . G   A 1 12 ? -5.361  -8.723  -2.056  1.00 80.76  ? 12  G   A N1    1 
ATOM   264 C C2    . G   A 1 12 ? -4.848  -8.856  -0.807  1.00 77.47  ? 12  G   A C2    1 
ATOM   265 N N2    . G   A 1 12 ? -3.530  -9.059  -0.730  1.00 78.88  ? 12  G   A N2    1 
ATOM   266 N N3    . G   A 1 12 ? -5.577  -8.806  0.279   1.00 80.65  ? 12  G   A N3    1 
ATOM   267 C C4    . G   A 1 12 ? -6.865  -8.588  -0.001  1.00 75.95  ? 12  G   A C4    1 
ATOM   268 P P     . G   A 1 13 ? -7.638  -6.704  5.875   1.00 81.30  ? 13  G   A P     1 
ATOM   269 O OP1   . G   A 1 13 ? -8.568  -6.808  7.033   1.00 80.86  ? 13  G   A OP1   1 
ATOM   270 O OP2   . G   A 1 13 ? -8.058  -5.719  4.880   1.00 81.46  ? 13  G   A OP2   1 
ATOM   271 O "O5'" . G   A 1 13 ? -6.157  -6.548  6.464   1.00 83.70  ? 13  G   A "O5'" 1 
ATOM   272 C "C5'" . G   A 1 13 ? -5.056  -7.281  5.934   1.00 83.74  ? 13  G   A "C5'" 1 
ATOM   273 C "C4'" . G   A 1 13 ? -4.356  -6.460  4.898   1.00 84.98  ? 13  G   A "C4'" 1 
ATOM   274 O "O4'" . G   A 1 13 ? -5.383  -5.632  4.297   1.00 103.48 ? 13  G   A "O4'" 1 
ATOM   275 C "C3'" . G   A 1 13 ? -3.304  -5.460  5.418   1.00 97.29  ? 13  G   A "C3'" 1 
ATOM   276 O "O3'" . G   A 1 13 ? -1.964  -5.933  5.463   1.00 95.77  ? 13  G   A "O3'" 1 
ATOM   277 C "C2'" . G   A 1 13 ? -3.455  -4.291  4.454   1.00 99.72  ? 13  G   A "C2'" 1 
ATOM   278 O "O2'" . G   A 1 13 ? -2.835  -4.541  3.208   1.00 96.08  ? 13  G   A "O2'" 1 
ATOM   279 C "C1'" . G   A 1 13 ? -4.955  -4.289  4.243   1.00 103.01 ? 13  G   A "C1'" 1 
ATOM   280 N N9    . G   A 1 13 ? -5.610  -3.510  5.320   1.00 109.78 ? 13  G   A N9    1 
ATOM   281 C C8    . G   A 1 13 ? -6.546  -3.813  6.283   1.00 109.75 ? 13  G   A C8    1 
ATOM   282 N N7    . G   A 1 13 ? -6.842  -2.844  7.100   1.00 110.08 ? 13  G   A N7    1 
ATOM   283 C C5    . G   A 1 13 ? -6.025  -1.827  6.660   1.00 106.26 ? 13  G   A C5    1 
ATOM   284 C C6    . G   A 1 13 ? -5.857  -0.513  7.118   1.00 105.24 ? 13  G   A C6    1 
ATOM   285 O O6    . G   A 1 13 ? -6.407  0.088   8.043   1.00 110.97 ? 13  G   A O6    1 
ATOM   286 N N1    . G   A 1 13 ? -4.898  0.100   6.347   1.00 103.83 ? 13  G   A N1    1 
ATOM   287 C C2    . G   A 1 13 ? -4.201  -0.382  5.274   1.00 105.55 ? 13  G   A C2    1 
ATOM   288 N N2    . G   A 1 13 ? -3.324  0.381   4.602   1.00 95.42  ? 13  G   A N2    1 
ATOM   289 N N3    . G   A 1 13 ? -4.358  -1.581  4.856   1.00 113.93 ? 13  G   A N3    1 
ATOM   290 C C4    . G   A 1 13 ? -5.267  -2.231  5.585   1.00 106.73 ? 13  G   A C4    1 
ATOM   291 P P     . U   A 1 14 ? -1.331  -6.652  6.751   1.00 90.10  ? 14  U   A P     1 
ATOM   292 O OP1   . U   A 1 14 ? -2.367  -6.652  7.806   1.00 89.46  ? 14  U   A OP1   1 
ATOM   293 O OP2   . U   A 1 14 ? -0.018  -6.063  7.089   1.00 92.99  ? 14  U   A OP2   1 
ATOM   294 O "O5'" . U   A 1 14 ? -1.042  -8.093  6.143   1.00 88.16  ? 14  U   A "O5'" 1 
ATOM   295 C "C5'" . U   A 1 14 ? -1.954  -8.652  5.182   1.00 105.27 ? 14  U   A "C5'" 1 
ATOM   296 C "C4'" . U   A 1 14 ? -1.387  -8.620  3.785   1.00 108.12 ? 14  U   A "C4'" 1 
ATOM   297 O "O4'" . U   A 1 14 ? -2.379  -8.238  2.763   1.00 103.08 ? 14  U   A "O4'" 1 
ATOM   298 C "C3'" . U   A 1 14 ? -0.199  -7.674  3.626   1.00 122.98 ? 14  U   A "C3'" 1 
ATOM   299 O "O3'" . U   A 1 14 ? 0.862   -8.405  3.032   1.00 138.46 ? 14  U   A "O3'" 1 
ATOM   300 C "C2'" . U   A 1 14 ? -0.738  -6.554  2.697   1.00 118.66 ? 14  U   A "C2'" 1 
ATOM   301 O "O2'" . U   A 1 14 ? 0.239   -5.851  1.938   1.00 121.71 ? 14  U   A "O2'" 1 
ATOM   302 C "C1'" . U   A 1 14 ? -1.777  -7.315  1.852   1.00 99.68  ? 14  U   A "C1'" 1 
ATOM   303 N N1    . U   A 1 14 ? -2.818  -6.513  1.108   1.00 84.25  ? 14  U   A N1    1 
ATOM   304 C C2    . U   A 1 14 ? -2.586  -5.845  -0.132  1.00 84.57  ? 14  U   A C2    1 
ATOM   305 O O2    . U   A 1 14 ? -1.531  -5.763  -0.741  1.00 85.62  ? 14  U   A O2    1 
ATOM   306 N N3    . U   A 1 14 ? -3.646  -5.191  -0.722  1.00 83.70  ? 14  U   A N3    1 
ATOM   307 C C4    . U   A 1 14 ? -4.933  -5.103  -0.266  1.00 82.54  ? 14  U   A C4    1 
ATOM   308 O O4    . U   A 1 14 ? -5.778  -4.480  -0.904  1.00 81.95  ? 14  U   A O4    1 
ATOM   309 C C5    . U   A 1 14 ? -5.132  -5.788  0.965   1.00 82.22  ? 14  U   A C5    1 
ATOM   310 C C6    . U   A 1 14 ? -4.121  -6.449  1.556   1.00 82.99  ? 14  U   A C6    1 
ATOM   311 P P     . G   A 1 15 ? 2.046   -8.991  3.950   1.00 126.45 ? 15  G   A P     1 
ATOM   312 O OP1   . G   A 1 15 ? 2.049   -10.478 3.801   1.00 108.90 ? 15  G   A OP1   1 
ATOM   313 O OP2   . G   A 1 15 ? 1.849   -8.490  5.344   1.00 91.57  ? 15  G   A OP2   1 
ATOM   314 O "O5'" . G   A 1 15 ? 3.319   -8.391  3.186   1.00 117.92 ? 15  G   A "O5'" 1 
ATOM   315 C "C5'" . G   A 1 15 ? 3.123   -7.568  2.027   1.00 91.99  ? 15  G   A "C5'" 1 
ATOM   316 C "C4'" . G   A 1 15 ? 3.474   -8.252  0.714   1.00 90.93  ? 15  G   A "C4'" 1 
ATOM   317 O "O4'" . G   A 1 15 ? 2.477   -9.240  0.329   1.00 99.51  ? 15  G   A "O4'" 1 
ATOM   318 C "C3'" . G   A 1 15 ? 3.540   -7.349  -0.506  1.00 90.99  ? 15  G   A "C3'" 1 
ATOM   319 O "O3'" . G   A 1 15 ? 4.714   -6.578  -0.566  1.00 110.28 ? 15  G   A "O3'" 1 
ATOM   320 C "C2'" . G   A 1 15 ? 3.417   -8.328  -1.660  1.00 89.01  ? 15  G   A "C2'" 1 
ATOM   321 O "O2'" . G   A 1 15 ? 4.654   -8.977  -1.894  1.00 90.28  ? 15  G   A "O2'" 1 
ATOM   322 C "C1'" . G   A 1 15 ? 2.407   -9.324  -1.098  1.00 97.91  ? 15  G   A "C1'" 1 
ATOM   323 N N9    . G   A 1 15 ? 1.047   -8.953  -1.550  1.00 84.67  ? 15  G   A N9    1 
ATOM   324 C C8    . G   A 1 15 ? 0.042   -8.553  -0.721  1.00 84.18  ? 15  G   A C8    1 
ATOM   325 N N7    . G   A 1 15 ? -1.056  -8.252  -1.326  1.00 82.68  ? 15  G   A N7    1 
ATOM   326 C C5    . G   A 1 15 ? -0.764  -8.434  -2.644  1.00 81.96  ? 15  G   A C5    1 
ATOM   327 C C6    . G   A 1 15 ? -1.619  -8.227  -3.737  1.00 80.39  ? 15  G   A C6    1 
ATOM   328 O O6    . G   A 1 15 ? -2.787  -7.830  -3.726  1.00 79.43  ? 15  G   A O6    1 
ATOM   329 N N1    . G   A 1 15 ? -0.993  -8.523  -4.932  1.00 80.06  ? 15  G   A N1    1 
ATOM   330 C C2    . G   A 1 15 ? 0.300   -8.962  -5.038  1.00 86.50  ? 15  G   A C2    1 
ATOM   331 N N2    . G   A 1 15 ? 0.674   -9.182  -6.311  1.00 88.75  ? 15  G   A N2    1 
ATOM   332 N N3    . G   A 1 15 ? 1.127   -9.162  -3.998  1.00 82.92  ? 15  G   A N3    1 
ATOM   333 C C4    . G   A 1 15 ? 0.525   -8.877  -2.824  1.00 83.03  ? 15  G   A C4    1 
ATOM   334 P P     . G   A 1 16 ? 4.584   -5.010  -0.829  1.00 115.55 ? 16  G   A P     1 
ATOM   335 O OP1   . G   A 1 16 ? 5.688   -4.375  -0.056  1.00 120.06 ? 16  G   A OP1   1 
ATOM   336 O OP2   . G   A 1 16 ? 3.177   -4.625  -0.561  1.00 130.24 ? 16  G   A OP2   1 
ATOM   337 O "O5'" . G   A 1 16 ? 4.751   -4.881  -2.405  1.00 94.27  ? 16  G   A "O5'" 1 
ATOM   338 C "C5'" . G   A 1 16 ? 5.483   -5.862  -3.109  1.00 93.76  ? 16  G   A "C5'" 1 
ATOM   339 C "C4'" . G   A 1 16 ? 5.038   -5.993  -4.545  1.00 100.89 ? 16  G   A "C4'" 1 
ATOM   340 O "O4'" . G   A 1 16 ? 3.776   -6.706  -4.656  1.00 106.97 ? 16  G   A "O4'" 1 
ATOM   341 C "C3'" . G   A 1 16 ? 4.772   -4.717  -5.311  1.00 92.40  ? 16  G   A "C3'" 1 
ATOM   342 O "O3'" . G   A 1 16 ? 5.951   -4.031  -5.665  1.00 102.72 ? 16  G   A "O3'" 1 
ATOM   343 C "C2'" . G   A 1 16 ? 3.985   -5.240  -6.498  1.00 89.79  ? 16  G   A "C2'" 1 
ATOM   344 O "O2'" . G   A 1 16 ? 4.841   -5.980  -7.361  1.00 89.60  ? 16  G   A "O2'" 1 
ATOM   345 C "C1'" . G   A 1 16 ? 3.068   -6.240  -5.791  1.00 87.75  ? 16  G   A "C1'" 1 
ATOM   346 N N9    . G   A 1 16 ? 1.792   -5.633  -5.347  1.00 87.06  ? 16  G   A N9    1 
ATOM   347 C C8    . G   A 1 16 ? 1.438   -5.264  -4.073  1.00 87.92  ? 16  G   A C8    1 
ATOM   348 N N7    . G   A 1 16 ? 0.230   -4.780  -3.978  1.00 86.98  ? 16  G   A N7    1 
ATOM   349 C C5    . G   A 1 16 ? -0.253  -4.816  -5.273  1.00 85.44  ? 16  G   A C5    1 
ATOM   350 C C6    . G   A 1 16 ? -1.507  -4.417  -5.798  1.00 84.01  ? 16  G   A C6    1 
ATOM   351 O O6    . G   A 1 16 ? -2.488  -3.930  -5.223  1.00 89.04  ? 16  G   A O6    1 
ATOM   352 N N1    . G   A 1 16 ? -1.563  -4.644  -7.157  1.00 82.78  ? 16  G   A N1    1 
ATOM   353 C C2    . G   A 1 16 ? -0.552  -5.177  -7.901  1.00 82.89  ? 16  G   A C2    1 
ATOM   354 N N2    . G   A 1 16 ? -0.809  -5.317  -9.198  1.00 104.21 ? 16  G   A N2    1 
ATOM   355 N N3    . G   A 1 16 ? 0.614   -5.556  -7.444  1.00 84.20  ? 16  G   A N3    1 
ATOM   356 C C4    . G   A 1 16 ? 0.694   -5.348  -6.122  1.00 85.43  ? 16  G   A C4    1 
ATOM   357 P P     . U   A 1 17 ? 5.962   -2.422  -5.690  1.00 111.35 ? 17  U   A P     1 
ATOM   358 O OP1   . U   A 1 17 ? 7.193   -2.036  -6.417  1.00 133.97 ? 17  U   A OP1   1 
ATOM   359 O OP2   . U   A 1 17 ? 5.666   -1.800  -4.363  1.00 108.08 ? 17  U   A OP2   1 
ATOM   360 O "O5'" . U   A 1 17 ? 4.733   -2.053  -6.617  1.00 94.80  ? 17  U   A "O5'" 1 
ATOM   361 C "C5'" . U   A 1 17 ? 3.983   -0.900  -6.316  1.00 95.47  ? 17  U   A "C5'" 1 
ATOM   362 C "C4'" . U   A 1 17 ? 2.692   -0.876  -7.079  1.00 105.32 ? 17  U   A "C4'" 1 
ATOM   363 O "O4'" . U   A 1 17 ? 1.880   -2.015  -6.686  1.00 109.59 ? 17  U   A "O4'" 1 
ATOM   364 C "C3'" . U   A 1 17 ? 1.808   0.320   -6.782  1.00 114.98 ? 17  U   A "C3'" 1 
ATOM   365 O "O3'" . U   A 1 17 ? 2.206   1.500   -7.458  1.00 127.35 ? 17  U   A "O3'" 1 
ATOM   366 C "C2'" . U   A 1 17 ? 0.440   -0.213  -7.166  1.00 96.57  ? 17  U   A "C2'" 1 
ATOM   367 O "O2'" . U   A 1 17 ? 0.379   -0.346  -8.574  1.00 89.84  ? 17  U   A "O2'" 1 
ATOM   368 C "C1'" . U   A 1 17 ? 0.529   -1.613  -6.571  1.00 103.59 ? 17  U   A "C1'" 1 
ATOM   369 N N1    . U   A 1 17 ? 0.176   -1.623  -5.122  1.00 95.33  ? 17  U   A N1    1 
ATOM   370 C C2    . U   A 1 17 ? -1.144  -1.416  -4.746  1.00 92.78  ? 17  U   A C2    1 
ATOM   371 O O2    . U   A 1 17 ? -2.048  -1.232  -5.562  1.00 93.21  ? 17  U   A O2    1 
ATOM   372 N N3    . U   A 1 17 ? -1.367  -1.447  -3.378  1.00 89.69  ? 17  U   A N3    1 
ATOM   373 C C4    . U   A 1 17 ? -0.437  -1.632  -2.370  1.00 91.35  ? 17  U   A C4    1 
ATOM   374 O O4    . U   A 1 17 ? -0.792  -1.599  -1.193  1.00 91.76  ? 17  U   A O4    1 
ATOM   375 C C5    . U   A 1 17 ? 0.897   -1.837  -2.836  1.00 92.51  ? 17  U   A C5    1 
ATOM   376 C C6    . U   A 1 17 ? 1.140   -1.824  -4.153  1.00 91.92  ? 17  U   A C6    1 
ATOM   377 P P     . C   A 1 18 ? 2.755   2.764   -6.621  1.00 120.90 ? 18  C   A P     1 
ATOM   378 O OP1   . C   A 1 18 ? 3.951   3.285   -7.340  1.00 106.09 ? 18  C   A OP1   1 
ATOM   379 O OP2   . C   A 1 18 ? 2.815   2.467   -5.165  1.00 99.22  ? 18  C   A OP2   1 
ATOM   380 O "O5'" . C   A 1 18 ? 1.592   3.812   -6.793  1.00 98.25  ? 18  C   A "O5'" 1 
ATOM   381 C "C5'" . C   A 1 18 ? 1.051   4.462   -5.674  1.00 99.25  ? 18  C   A "C5'" 1 
ATOM   382 C "C4'" . C   A 1 18 ? -0.378  4.771   -5.948  1.00 97.65  ? 18  C   A "C4'" 1 
ATOM   383 O "O4'" . C   A 1 18 ? -1.172  3.712   -5.367  1.00 107.09 ? 18  C   A "O4'" 1 
ATOM   384 C "C3'" . C   A 1 18 ? -0.875  6.045   -5.308  1.00 99.48  ? 18  C   A "C3'" 1 
ATOM   385 O "O3'" . C   A 1 18 ? -2.070  6.432   -5.987  1.00 97.87  ? 18  C   A "O3'" 1 
ATOM   386 C "C2'" . C   A 1 18 ? -1.263  5.544   -3.941  1.00 99.10  ? 18  C   A "C2'" 1 
ATOM   387 O "O2'" . C   A 1 18 ? -2.085  6.421   -3.206  1.00 111.17 ? 18  C   A "O2'" 1 
ATOM   388 C "C1'" . C   A 1 18 ? -1.966  4.247   -4.332  1.00 103.38 ? 18  C   A "C1'" 1 
ATOM   389 N N1    . C   A 1 18 ? -2.096  3.245   -3.266  1.00 95.26  ? 18  C   A N1    1 
ATOM   390 C C2    . C   A 1 18 ? -3.355  3.090   -2.688  1.00 108.37 ? 18  C   A C2    1 
ATOM   391 O O2    . C   A 1 18 ? -4.271  3.805   -3.117  1.00 109.99 ? 18  C   A O2    1 
ATOM   392 N N3    . C   A 1 18 ? -3.535  2.197   -1.680  1.00 108.88 ? 18  C   A N3    1 
ATOM   393 C C4    . C   A 1 18 ? -2.503  1.456   -1.256  1.00 107.07 ? 18  C   A C4    1 
ATOM   394 N N4    . C   A 1 18 ? -2.702  0.564   -0.273  1.00 92.91  ? 18  C   A N4    1 
ATOM   395 C C5    . C   A 1 18 ? -1.207  1.603   -1.850  1.00 113.81 ? 18  C   A C5    1 
ATOM   396 C C6    . C   A 1 18 ? -1.045  2.485   -2.849  1.00 95.83  ? 18  C   A C6    1 
ATOM   397 P P     . U   A 1 19 ? -2.095  7.659   -7.021  1.00 98.86  ? 19  U   A P     1 
ATOM   398 O OP1   . U   A 1 19 ? -0.710  8.163   -7.239  1.00 101.12 ? 19  U   A OP1   1 
ATOM   399 O OP2   . U   A 1 19 ? -3.115  8.601   -6.503  1.00 99.37  ? 19  U   A OP2   1 
ATOM   400 O "O5'" . U   A 1 19 ? -2.625  6.954   -8.355  1.00 103.89 ? 19  U   A "O5'" 1 
ATOM   401 C "C5'" . U   A 1 19 ? -3.869  7.311   -8.950  1.00 94.97  ? 19  U   A "C5'" 1 
ATOM   402 C "C4'" . U   A 1 19 ? -4.382  6.234   -9.870  1.00 92.28  ? 19  U   A "C4'" 1 
ATOM   403 O "O4'" . U   A 1 19 ? -5.545  5.649   -9.253  1.00 90.57  ? 19  U   A "O4'" 1 
ATOM   404 C "C3'" . U   A 1 19 ? -4.815  6.697   -11.270 1.00 110.71 ? 19  U   A "C3'" 1 
ATOM   405 O "O3'" . U   A 1 19 ? -4.413  5.757   -12.274 1.00 113.05 ? 19  U   A "O3'" 1 
ATOM   406 C "C2'" . U   A 1 19 ? -6.339  6.718   -11.186 1.00 104.90 ? 19  U   A "C2'" 1 
ATOM   407 O "O2'" . U   A 1 19 ? -6.989  6.433   -12.412 1.00 88.22  ? 19  U   A "O2'" 1 
ATOM   408 C "C1'" . U   A 1 19 ? -6.620  5.625   -10.165 1.00 88.82  ? 19  U   A "C1'" 1 
ATOM   409 N N1    . U   A 1 19 ? -7.854  5.819   -9.400  1.00 88.29  ? 19  U   A N1    1 
ATOM   410 C C2    . U   A 1 19 ? -9.032  5.236   -9.842  1.00 88.20  ? 19  U   A C2    1 
ATOM   411 O O2    . U   A 1 19 ? -9.119  4.557   -10.851 1.00 94.29  ? 19  U   A O2    1 
ATOM   412 N N3    . U   A 1 19 ? -10.126 5.477   -9.053  1.00 85.78  ? 19  U   A N3    1 
ATOM   413 C C4    . U   A 1 19 ? -10.163 6.208   -7.880  1.00 87.47  ? 19  U   A C4    1 
ATOM   414 O O4    . U   A 1 19 ? -11.225 6.341   -7.251  1.00 87.02  ? 19  U   A O4    1 
ATOM   415 C C5    . U   A 1 19 ? -8.894  6.763   -7.505  1.00 95.17  ? 19  U   A C5    1 
ATOM   416 C C6    . U   A 1 19 ? -7.806  6.558   -8.252  1.00 90.09  ? 19  U   A C6    1 
ATOM   417 P P     . G   A 1 20 ? -2.947  5.853   -12.926 1.00 116.67 ? 20  G   A P     1 
ATOM   418 O OP1   . G   A 1 20 ? -2.756  7.264   -13.330 1.00 93.30  ? 20  G   A OP1   1 
ATOM   419 O OP2   . G   A 1 20 ? -2.793  4.744   -13.919 1.00 89.42  ? 20  G   A OP2   1 
ATOM   420 O "O5'" . G   A 1 20 ? -1.989  5.651   -11.659 1.00 108.77 ? 20  G   A "O5'" 1 
ATOM   421 C "C5'" . G   A 1 20 ? -0.571  5.742   -11.758 1.00 94.76  ? 20  G   A "C5'" 1 
ATOM   422 C "C4'" . G   A 1 20 ? 0.083   4.407   -11.521 1.00 93.87  ? 20  G   A "C4'" 1 
ATOM   423 O "O4'" . G   A 1 20 ? -0.352  3.897   -10.235 1.00 93.51  ? 20  G   A "O4'" 1 
ATOM   424 C "C3'" . G   A 1 20 ? -0.300  3.339   -12.529 1.00 103.17 ? 20  G   A "C3'" 1 
ATOM   425 O "O3'" . G   A 1 20 ? 0.752   2.384   -12.570 1.00 91.27  ? 20  G   A "O3'" 1 
ATOM   426 C "C2'" . G   A 1 20 ? -1.533  2.720   -11.878 1.00 105.16 ? 20  G   A "C2'" 1 
ATOM   427 O "O2'" . G   A 1 20 ? -1.895  1.442   -12.347 1.00 128.03 ? 20  G   A "O2'" 1 
ATOM   428 C "C1'" . G   A 1 20 ? -1.103  2.704   -10.421 1.00 100.34 ? 20  G   A "C1'" 1 
ATOM   429 N N9    . G   A 1 20 ? -2.190  2.714   -9.433  1.00 103.55 ? 20  G   A N9    1 
ATOM   430 C C8    . G   A 1 20 ? -1.844  2.876   -8.111  1.00 112.16 ? 20  G   A C8    1 
ATOM   431 N N7    . G   A 1 20 ? -2.838  2.904   -7.277  1.00 106.49 ? 20  G   A N7    1 
ATOM   432 C C5    . G   A 1 20 ? -3.930  2.767   -8.102  1.00 100.16 ? 20  G   A C5    1 
ATOM   433 C C6    . G   A 1 20 ? -5.261  2.742   -7.660  1.00 87.89  ? 20  G   A C6    1 
ATOM   434 O O6    . G   A 1 20 ? -5.599  2.845   -6.474  1.00 88.41  ? 20  G   A O6    1 
ATOM   435 N N1    . G   A 1 20 ? -6.138  2.589   -8.732  1.00 86.05  ? 20  G   A N1    1 
ATOM   436 C C2    . G   A 1 20 ? -5.727  2.479   -10.043 1.00 85.53  ? 20  G   A C2    1 
ATOM   437 N N2    . G   A 1 20 ? -6.732  2.338   -10.916 1.00 83.76  ? 20  G   A N2    1 
ATOM   438 N N3    . G   A 1 20 ? -4.461  2.495   -10.469 1.00 86.67  ? 20  G   A N3    1 
ATOM   439 C C4    . G   A 1 20 ? -3.589  2.654   -9.450  1.00 93.77  ? 20  G   A C4    1 
ATOM   440 P P     . A   A 1 21 ? 1.109   1.648   -13.948 1.00 104.13 ? 21  A   A P     1 
ATOM   441 O OP1   . A   A 1 21 ? 2.490   2.111   -14.247 1.00 97.09  ? 21  A   A OP1   1 
ATOM   442 O OP2   . A   A 1 21 ? -0.046  1.755   -14.919 1.00 87.98  ? 21  A   A OP2   1 
ATOM   443 O "O5'" . A   A 1 21 ? 1.268   0.118   -13.530 1.00 100.09 ? 21  A   A "O5'" 1 
ATOM   444 C "C5'" . A   A 1 21 ? 1.770   -0.250  -12.242 1.00 97.86  ? 21  A   A "C5'" 1 
ATOM   445 C "C4'" . A   A 1 21 ? 1.129   -1.519  -11.726 1.00 87.19  ? 21  A   A "C4'" 1 
ATOM   446 O "O4'" . A   A 1 21 ? 0.147   -1.186  -10.700 1.00 87.05  ? 21  A   A "O4'" 1 
ATOM   447 C "C3'" . A   A 1 21 ? 0.369   -2.340  -12.778 1.00 90.73  ? 21  A   A "C3'" 1 
ATOM   448 O "O3'" . A   A 1 21 ? 0.498   -3.736  -12.471 1.00 90.79  ? 21  A   A "O3'" 1 
ATOM   449 C "C2'" . A   A 1 21 ? -1.072  -1.895  -12.532 1.00 83.51  ? 21  A   A "C2'" 1 
ATOM   450 O "O2'" . A   A 1 21 ? -2.083  -2.736  -13.032 1.00 80.96  ? 21  A   A "O2'" 1 
ATOM   451 C "C1'" . A   A 1 21 ? -1.055  -1.849  -11.024 1.00 84.53  ? 21  A   A "C1'" 1 
ATOM   452 N N9    . A   A 1 21 ? -2.233  -1.334  -10.312 1.00 84.24  ? 21  A   A N9    1 
ATOM   453 C C8    . A   A 1 21 ? -2.309  -1.106  -8.952  1.00 87.77  ? 21  A   A C8    1 
ATOM   454 N N7    . A   A 1 21 ? -3.469  -0.754  -8.486  1.00 84.70  ? 21  A   A N7    1 
ATOM   455 C C5    . A   A 1 21 ? -4.227  -0.782  -9.633  1.00 83.08  ? 21  A   A C5    1 
ATOM   456 C C6    . A   A 1 21 ? -5.573  -0.508  -9.808  1.00 81.86  ? 21  A   A C6    1 
ATOM   457 N N6    . A   A 1 21 ? -6.377  -0.132  -8.815  1.00 82.09  ? 21  A   A N6    1 
ATOM   458 N N1    . A   A 1 21 ? -6.061  -0.632  -11.060 1.00 101.66 ? 21  A   A N1    1 
ATOM   459 C C2    . A   A 1 21 ? -5.242  -1.017  -12.051 1.00 92.34  ? 21  A   A C2    1 
ATOM   460 N N3    . A   A 1 21 ? -3.952  -1.307  -12.011 1.00 81.28  ? 21  A   A N3    1 
ATOM   461 C C4    . A   A 1 21 ? -3.503  -1.156  -10.761 1.00 82.73  ? 21  A   A C4    1 
ATOM   462 P P     . G   A 1 22 ? 1.704   -4.613  -13.089 1.00 88.53  ? 22  G   A P     1 
ATOM   463 O OP1   . G   A 1 22 ? 2.917   -4.503  -12.242 1.00 87.24  ? 22  G   A OP1   1 
ATOM   464 O OP2   . G   A 1 22 ? 1.778   -4.386  -14.542 1.00 101.33 ? 22  G   A OP2   1 
ATOM   465 O "O5'" . G   A 1 22 ? 1.200   -6.106  -13.003 1.00 80.77  ? 22  G   A "O5'" 1 
ATOM   466 C "C5'" . G   A 1 22 ? 1.237   -6.925  -14.152 1.00 79.14  ? 22  G   A "C5'" 1 
ATOM   467 C "C4'" . G   A 1 22 ? 0.101   -7.907  -14.131 1.00 87.99  ? 22  G   A "C4'" 1 
ATOM   468 O "O4'" . G   A 1 22 ? 0.168   -8.673  -12.900 1.00 83.55  ? 22  G   A "O4'" 1 
ATOM   469 C "C3'" . G   A 1 22 ? -1.312  -7.322  -14.112 1.00 89.35  ? 22  G   A "C3'" 1 
ATOM   470 O "O3'" . G   A 1 22 ? -1.789  -6.917  -15.383 1.00 92.47  ? 22  G   A "O3'" 1 
ATOM   471 C "C2'" . G   A 1 22 ? -2.126  -8.450  -13.511 1.00 77.56  ? 22  G   A "C2'" 1 
ATOM   472 O "O2'" . G   A 1 22 ? -2.392  -9.446  -14.489 1.00 71.61  ? 22  G   A "O2'" 1 
ATOM   473 C "C1'" . G   A 1 22 ? -1.135  -9.017  -12.478 1.00 84.20  ? 22  G   A "C1'" 1 
ATOM   474 N N9    . G   A 1 22 ? -1.352  -8.526  -11.092 1.00 80.10  ? 22  G   A N9    1 
ATOM   475 C C8    . G   A 1 22 ? -0.394  -8.414  -10.104 1.00 77.74  ? 22  G   A C8    1 
ATOM   476 N N7    . G   A 1 22 ? -0.870  -7.990  -8.966  1.00 78.35  ? 22  G   A N7    1 
ATOM   477 C C5    . G   A 1 22 ? -2.233  -7.823  -9.204  1.00 76.74  ? 22  G   A C5    1 
ATOM   478 C C6    . G   A 1 22 ? -3.286  -7.375  -8.358  1.00 76.54  ? 22  G   A C6    1 
ATOM   479 O O6    . G   A 1 22 ? -3.252  -7.034  -7.168  1.00 81.71  ? 22  G   A O6    1 
ATOM   480 N N1    . G   A 1 22 ? -4.505  -7.359  -9.022  1.00 74.77  ? 22  G   A N1    1 
ATOM   481 C C2    . G   A 1 22 ? -4.702  -7.720  -10.334 1.00 73.36  ? 22  G   A C2    1 
ATOM   482 N N2    . G   A 1 22 ? -5.946  -7.644  -10.836 1.00 75.41  ? 22  G   A N2    1 
ATOM   483 N N3    . G   A 1 22 ? -3.739  -8.131  -11.114 1.00 73.50  ? 22  G   A N3    1 
ATOM   484 C C4    . G   A 1 22 ? -2.542  -8.158  -10.502 1.00 75.20  ? 22  G   A C4    1 
ATOM   485 P P     . G   A 1 23 ? -1.876  -5.355  -15.745 1.00 102.81 ? 23  G   A P     1 
ATOM   486 O OP1   . G   A 1 23 ? -1.757  -5.254  -17.222 1.00 117.86 ? 23  G   A OP1   1 
ATOM   487 O OP2   . G   A 1 23 ? -0.947  -4.591  -14.865 1.00 78.94  ? 23  G   A OP2   1 
ATOM   488 O "O5'" . G   A 1 23 ? -3.375  -4.954  -15.404 1.00 95.39  ? 23  G   A "O5'" 1 
ATOM   489 C "C5'" . G   A 1 23 ? -4.369  -4.935  -16.425 1.00 88.99  ? 23  G   A "C5'" 1 
ATOM   490 C "C4'" . G   A 1 23 ? -5.726  -5.141  -15.826 1.00 90.89  ? 23  G   A "C4'" 1 
ATOM   491 O "O4'" . G   A 1 23 ? -5.540  -5.575  -14.449 1.00 100.13 ? 23  G   A "O4'" 1 
ATOM   492 C "C3'" . G   A 1 23 ? -6.621  -3.902  -15.751 1.00 92.29  ? 23  G   A "C3'" 1 
ATOM   493 O "O3'" . G   A 1 23 ? -7.969  -4.342  -15.835 1.00 98.78  ? 23  G   A "O3'" 1 
ATOM   494 C "C2'" . G   A 1 23 ? -6.363  -3.401  -14.327 1.00 85.99  ? 23  G   A "C2'" 1 
ATOM   495 O "O2'" . G   A 1 23 ? -7.375  -2.593  -13.771 1.00 75.07  ? 23  G   A "O2'" 1 
ATOM   496 C "C1'" . G   A 1 23 ? -6.262  -4.716  -13.586 1.00 87.85  ? 23  G   A "C1'" 1 
ATOM   497 N N9    . G   A 1 23 ? -5.573  -4.640  -12.314 1.00 87.36  ? 23  G   A N9    1 
ATOM   498 C C8    . G   A 1 23 ? -4.218  -4.768  -12.148 1.00 93.23  ? 23  G   A C8    1 
ATOM   499 N N7    . G   A 1 23 ? -3.863  -4.679  -10.889 1.00 97.13  ? 23  G   A N7    1 
ATOM   500 C C5    . G   A 1 23 ? -5.060  -4.498  -10.210 1.00 86.52  ? 23  G   A C5    1 
ATOM   501 C C6    . G   A 1 23 ? -5.272  -4.342  -8.842  1.00 77.80  ? 23  G   A C6    1 
ATOM   502 O O6    . G   A 1 23 ? -4.403  -4.350  -7.976  1.00 89.78  ? 23  G   A O6    1 
ATOM   503 N N1    . G   A 1 23 ? -6.615  -4.184  -8.537  1.00 76.73  ? 23  G   A N1    1 
ATOM   504 C C2    . G   A 1 23 ? -7.626  -4.174  -9.449  1.00 75.17  ? 23  G   A C2    1 
ATOM   505 N N2    . G   A 1 23 ? -8.841  -4.006  -8.941  1.00 74.45  ? 23  G   A N2    1 
ATOM   506 N N3    . G   A 1 23 ? -7.455  -4.323  -10.753 1.00 82.38  ? 23  G   A N3    1 
ATOM   507 C C4    . G   A 1 23 ? -6.143  -4.484  -11.062 1.00 89.88  ? 23  G   A C4    1 
ATOM   508 P P     . A   A 1 24 ? -9.050  -3.463  -16.600 1.00 92.22  ? 24  A   A P     1 
ATOM   509 O OP1   . A   A 1 24 ? -8.868  -3.903  -18.011 1.00 85.19  ? 24  A   A OP1   1 
ATOM   510 O OP2   . A   A 1 24 ? -8.989  -2.055  -16.110 1.00 85.64  ? 24  A   A OP2   1 
ATOM   511 O "O5'" . A   A 1 24 ? -10.451 -4.023  -16.094 1.00 91.95  ? 24  A   A "O5'" 1 
ATOM   512 C "C5'" . A   A 1 24 ? -11.090 -5.094  -16.780 1.00 88.43  ? 24  A   A "C5'" 1 
ATOM   513 C "C4'" . A   A 1 24 ? -11.798 -6.024  -15.827 1.00 82.34  ? 24  A   A "C4'" 1 
ATOM   514 O "O4'" . A   A 1 24 ? -11.931 -7.317  -16.464 1.00 80.96  ? 24  A   A "O4'" 1 
ATOM   515 C "C3'" . A   A 1 24 ? -11.065 -6.273  -14.512 1.00 87.51  ? 24  A   A "C3'" 1 
ATOM   516 O "O3'" . A   A 1 24 ? -12.024 -6.478  -13.484 1.00 89.35  ? 24  A   A "O3'" 1 
ATOM   517 C "C2'" . A   A 1 24 ? -10.307 -7.557  -14.781 1.00 94.03  ? 24  A   A "C2'" 1 
ATOM   518 O "O2'" . A   A 1 24 ? -9.957  -8.283  -13.620 1.00 86.56  ? 24  A   A "O2'" 1 
ATOM   519 C "C1'" . A   A 1 24 ? -11.298 -8.307  -15.671 1.00 102.04 ? 24  A   A "C1'" 1 
ATOM   520 N N9    . A   A 1 24 ? -10.691 -9.305  -16.559 1.00 111.15 ? 24  A   A N9    1 
ATOM   521 C C8    . A   A 1 24 ? -9.363  -9.604  -16.773 1.00 109.22 ? 24  A   A C8    1 
ATOM   522 N N7    . A   A 1 24 ? -9.183  -10.586 -17.630 1.00 108.52 ? 24  A   A N7    1 
ATOM   523 C C5    . A   A 1 24 ? -10.473 -10.961 -17.986 1.00 102.09 ? 24  A   A C5    1 
ATOM   524 C C6    . A   A 1 24 ? -10.974 -11.939 -18.853 1.00 85.53  ? 24  A   A C6    1 
ATOM   525 N N6    . A   A 1 24 ? -10.212 -12.747 -19.577 1.00 78.47  ? 24  A   A N6    1 
ATOM   526 N N1    . A   A 1 24 ? -12.306 -12.023 -19.010 1.00 86.93  ? 24  A   A N1    1 
ATOM   527 C C2    . A   A 1 24 ? -13.089 -11.197 -18.310 1.00 91.30  ? 24  A   A C2    1 
ATOM   528 N N3    . A   A 1 24 ? -12.743 -10.240 -17.462 1.00 98.63  ? 24  A   A N3    1 
ATOM   529 C C4    . A   A 1 24 ? -11.407 -10.176 -17.344 1.00 102.54 ? 24  A   A C4    1 
ATOM   530 P P     . G   A 1 25 ? -12.569 -5.178  -12.727 1.00 110.43 ? 25  G   A P     1 
ATOM   531 O OP1   . G   A 1 25 ? -13.768 -4.689  -13.455 1.00 120.09 ? 25  G   A OP1   1 
ATOM   532 O OP2   . G   A 1 25 ? -11.378 -4.323  -12.442 1.00 106.40 ? 25  G   A OP2   1 
ATOM   533 O "O5'" . G   A 1 25 ? -13.102 -5.703  -11.339 1.00 95.23  ? 25  G   A "O5'" 1 
ATOM   534 C "C5'" . G   A 1 25 ? -13.509 -7.045  -11.175 1.00 99.55  ? 25  G   A "C5'" 1 
ATOM   535 C "C4'" . G   A 1 25 ? -13.558 -7.315  -9.711  1.00 109.29 ? 25  G   A "C4'" 1 
ATOM   536 O "O4'" . G   A 1 25 ? -12.447 -8.157  -9.345  1.00 113.15 ? 25  G   A "O4'" 1 
ATOM   537 C "C3'" . G   A 1 25 ? -13.355 -6.064  -8.868  1.00 106.69 ? 25  G   A "C3'" 1 
ATOM   538 O "O3'" . G   A 1 25 ? -14.527 -5.298  -8.704  1.00 98.63  ? 25  G   A "O3'" 1 
ATOM   539 C "C2'" . G   A 1 25 ? -12.788 -6.595  -7.563  1.00 121.41 ? 25  G   A "C2'" 1 
ATOM   540 O "O2'" . G   A 1 25 ? -13.827 -7.018  -6.686  1.00 127.59 ? 25  G   A "O2'" 1 
ATOM   541 C "C1'" . G   A 1 25 ? -12.019 -7.827  -8.037  1.00 113.58 ? 25  G   A "C1'" 1 
ATOM   542 N N9    . G   A 1 25 ? -10.561 -7.679  -7.999  1.00 85.53  ? 25  G   A N9    1 
ATOM   543 C C8    . G   A 1 25 ? -9.663  -7.679  -9.027  1.00 84.60  ? 25  G   A C8    1 
ATOM   544 N N7    . G   A 1 25 ? -8.433  -7.587  -8.603  1.00 87.07  ? 25  G   A N7    1 
ATOM   545 C C5    . G   A 1 25 ? -8.553  -7.546  -7.229  1.00 80.32  ? 25  G   A C5    1 
ATOM   546 C C6    . G   A 1 25 ? -7.561  -7.465  -6.240  1.00 76.56  ? 25  G   A C6    1 
ATOM   547 O O6    . G   A 1 25 ? -6.329  -7.407  -6.394  1.00 77.27  ? 25  G   A O6    1 
ATOM   548 N N1    . G   A 1 25 ? -8.160  -7.459  -4.978  1.00 78.96  ? 25  G   A N1    1 
ATOM   549 C C2    . G   A 1 25 ? -9.512  -7.533  -4.710  1.00 76.67  ? 25  G   A C2    1 
ATOM   550 N N2    . G   A 1 25 ? -9.887  -7.511  -3.429  1.00 79.37  ? 25  G   A N2    1 
ATOM   551 N N3    . G   A 1 25 ? -10.437 -7.601  -5.630  1.00 73.00  ? 25  G   A N3    1 
ATOM   552 C C4    . G   A 1 25 ? -9.867  -7.605  -6.842  1.00 78.72  ? 25  G   A C4    1 
ATOM   553 P P     . G   A 1 26 ? -14.345 -3.725  -8.558  1.00 93.02  ? 26  G   A P     1 
ATOM   554 O OP1   . G   A 1 26 ? -15.487 -3.011  -9.183  1.00 104.79 ? 26  G   A OP1   1 
ATOM   555 O OP2   . G   A 1 26 ? -12.961 -3.612  -9.076  1.00 88.96  ? 26  G   A OP2   1 
ATOM   556 O "O5'" . G   A 1 26 ? -14.320 -3.425  -6.986  1.00 83.11  ? 26  G   A "O5'" 1 
ATOM   557 C "C5'" . G   A 1 26 ? -15.251 -4.040  -6.104  1.00 75.35  ? 26  G   A "C5'" 1 
ATOM   558 C "C4'" . G   A 1 26 ? -14.710 -4.128  -4.695  1.00 73.06  ? 26  G   A "C4'" 1 
ATOM   559 O "O4'" . G   A 1 26 ? -13.582 -5.024  -4.628  1.00 72.45  ? 26  G   A "O4'" 1 
ATOM   560 C "C3'" . G   A 1 26 ? -14.199 -2.828  -4.133  1.00 73.68  ? 26  G   A "C3'" 1 
ATOM   561 O "O3'" . G   A 1 26 ? -15.259 -2.107  -3.559  1.00 74.05  ? 26  G   A "O3'" 1 
ATOM   562 C "C2'" . G   A 1 26 ? -13.161 -3.249  -3.101  1.00 74.61  ? 26  G   A "C2'" 1 
ATOM   563 O "O2'" . G   A 1 26 ? -13.782 -3.448  -1.845  1.00 74.50  ? 26  G   A "O2'" 1 
ATOM   564 C "C1'" . G   A 1 26 ? -12.673 -4.592  -3.646  1.00 73.00  ? 26  G   A "C1'" 1 
ATOM   565 N N9    . G   A 1 26 ? -11.335 -4.540  -4.255  1.00 73.97  ? 26  G   A N9    1 
ATOM   566 C C8    . G   A 1 26 ? -11.110 -4.538  -5.602  1.00 73.43  ? 26  G   A C8    1 
ATOM   567 N N7    . G   A 1 26 ? -9.850  -4.545  -5.910  1.00 74.86  ? 26  G   A N7    1 
ATOM   568 C C5    . G   A 1 26 ? -9.200  -4.559  -4.689  1.00 75.79  ? 26  G   A C5    1 
ATOM   569 C C6    . G   A 1 26 ? -7.813  -4.591  -4.413  1.00 77.35  ? 26  G   A C6    1 
ATOM   570 O O6    . G   A 1 26 ? -6.872  -4.575  -5.219  1.00 77.90  ? 26  G   A O6    1 
ATOM   571 N N1    . G   A 1 26 ? -7.582  -4.647  -3.043  1.00 78.35  ? 26  G   A N1    1 
ATOM   572 C C2    . G   A 1 26 ? -8.543  -4.659  -2.071  1.00 77.90  ? 26  G   A C2    1 
ATOM   573 N N2    . G   A 1 26 ? -8.049  -4.710  -0.833  1.00 79.12  ? 26  G   A N2    1 
ATOM   574 N N3    . G   A 1 26 ? -9.847  -4.635  -2.310  1.00 76.43  ? 26  G   A N3    1 
ATOM   575 C C4    . G   A 1 26 ? -10.102 -4.580  -3.642  1.00 75.46  ? 26  G   A C4    1 
ATOM   576 P P     . U   A 1 27 ? -15.549 -0.634  -4.078  1.00 90.38  ? 27  U   A P     1 
ATOM   577 O OP1   . U   A 1 27 ? -16.885 -0.220  -3.586  1.00 97.91  ? 27  U   A OP1   1 
ATOM   578 O OP2   . U   A 1 27 ? -15.301 -0.731  -5.551  1.00 77.52  ? 27  U   A OP2   1 
ATOM   579 O "O5'" . U   A 1 27 ? -14.444 0.232   -3.312  1.00 99.46  ? 27  U   A "O5'" 1 
ATOM   580 C "C5'" . U   A 1 27 ? -14.161 0.002   -1.934  1.00 85.54  ? 27  U   A "C5'" 1 
ATOM   581 C "C4'" . U   A 1 27 ? -12.725 0.304   -1.581  1.00 80.65  ? 27  U   A "C4'" 1 
ATOM   582 O "O4'" . U   A 1 27 ? -11.817 -0.556  -2.307  1.00 80.89  ? 27  U   A "O4'" 1 
ATOM   583 C "C3'" . U   A 1 27 ? -12.233 1.685   -1.928  1.00 90.42  ? 27  U   A "C3'" 1 
ATOM   584 O "O3'" . U   A 1 27 ? -12.703 2.654   -1.017  1.00 103.88 ? 27  U   A "O3'" 1 
ATOM   585 C "C2'" . U   A 1 27 ? -10.714 1.522   -1.975  1.00 84.03  ? 27  U   A "C2'" 1 
ATOM   586 O "O2'" . U   A 1 27 ? -10.147 1.582   -0.675  1.00 85.51  ? 27  U   A "O2'" 1 
ATOM   587 C "C1'" . U   A 1 27 ? -10.571 0.087   -2.484  1.00 81.89  ? 27  U   A "C1'" 1 
ATOM   588 N N1    . U   A 1 27 ? -10.166 -0.046  -3.903  1.00 81.25  ? 27  U   A N1    1 
ATOM   589 C C2    . U   A 1 27 ? -8.845  -0.038  -4.287  1.00 82.37  ? 27  U   A C2    1 
ATOM   590 O O2    . U   A 1 27 ? -7.942  0.154   -3.508  1.00 84.06  ? 27  U   A O2    1 
ATOM   591 N N3    . U   A 1 27 ? -8.611  -0.240  -5.619  1.00 81.53  ? 27  U   A N3    1 
ATOM   592 C C4    . U   A 1 27 ? -9.563  -0.464  -6.597  1.00 79.69  ? 27  U   A C4    1 
ATOM   593 O O4    . U   A 1 27 ? -9.281  -0.633  -7.792  1.00 79.05  ? 27  U   A O4    1 
ATOM   594 C C5    . U   A 1 27 ? -10.890 -0.476  -6.101  1.00 84.70  ? 27  U   A C5    1 
ATOM   595 C C6    . U   A 1 27 ? -11.137 -0.294  -4.811  1.00 79.43  ? 27  U   A C6    1 
ATOM   596 P P     . C   A 1 28 ? -13.230 4.039   -1.617  1.00 103.38 ? 28  C   A P     1 
ATOM   597 O OP1   . C   A 1 28 ? -14.201 4.718   -0.716  1.00 121.38 ? 28  C   A OP1   1 
ATOM   598 O OP2   . C   A 1 28 ? -13.632 3.694   -3.003  1.00 83.64  ? 28  C   A OP2   1 
ATOM   599 O "O5'" . C   A 1 28 ? -11.907 4.903   -1.686  1.00 87.77  ? 28  C   A "O5'" 1 
ATOM   600 C "C5'" . C   A 1 28 ? -10.988 4.874   -0.613  1.00 89.33  ? 28  C   A "C5'" 1 
ATOM   601 C "C4'" . C   A 1 28 ? -9.651  5.380   -1.059  1.00 91.14  ? 28  C   A "C4'" 1 
ATOM   602 O "O4'" . C   A 1 28 ? -9.153  4.490   -2.093  1.00 89.71  ? 28  C   A "O4'" 1 
ATOM   603 C "C3'" . C   A 1 28 ? -9.669  6.784   -1.670  1.00 98.76  ? 28  C   A "C3'" 1 
ATOM   604 O "O3'" . C   A 1 28 ? -8.475  7.493   -1.328  1.00 106.46 ? 28  C   A "O3'" 1 
ATOM   605 C "C2'" . C   A 1 28 ? -9.683  6.499   -3.166  1.00 100.07 ? 28  C   A "C2'" 1 
ATOM   606 O "O2'" . C   A 1 28 ? -9.198  7.551   -3.979  1.00 92.81  ? 28  C   A "O2'" 1 
ATOM   607 C "C1'" . C   A 1 28 ? -8.824  5.241   -3.239  1.00 90.37  ? 28  C   A "C1'" 1 
ATOM   608 N N1    . C   A 1 28 ? -9.084  4.431   -4.432  1.00 88.19  ? 28  C   A N1    1 
ATOM   609 C C2    . C   A 1 28 ? -7.986  4.037   -5.171  1.00 88.31  ? 28  C   A C2    1 
ATOM   610 O O2    . C   A 1 28 ? -6.865  4.364   -4.751  1.00 90.25  ? 28  C   A O2    1 
ATOM   611 N N3    . C   A 1 28 ? -8.189  3.310   -6.293  1.00 86.38  ? 28  C   A N3    1 
ATOM   612 C C4    . C   A 1 28 ? -9.416  2.991   -6.684  1.00 84.46  ? 28  C   A C4    1 
ATOM   613 N N4    . C   A 1 28 ? -9.531  2.280   -7.806  1.00 82.70  ? 28  C   A N4    1 
ATOM   614 C C5    . C   A 1 28 ? -10.563 3.397   -5.946  1.00 84.33  ? 28  C   A C5    1 
ATOM   615 C C6    . C   A 1 28 ? -10.349 4.113   -4.836  1.00 86.21  ? 28  C   A C6    1 
ATOM   616 P P     . A   A 1 29 ? -8.539  9.034   -0.852  1.00 103.99 ? 29  A   A P     1 
ATOM   617 O OP1   . A   A 1 29 ? -9.892  9.537   -1.207  1.00 96.86  ? 29  A   A OP1   1 
ATOM   618 O OP2   . A   A 1 29 ? -7.349  9.807   -1.306  1.00 99.95  ? 29  A   A OP2   1 
ATOM   619 O "O5'" . A   A 1 29 ? -8.388  8.902   0.726   1.00 110.42 ? 29  A   A "O5'" 1 
ATOM   620 C "C5'" . A   A 1 29 ? -9.212  7.998   1.445   1.00 109.50 ? 29  A   A "C5'" 1 
ATOM   621 C "C4'" . A   A 1 29 ? -8.411  7.046   2.294   1.00 113.38 ? 29  A   A "C4'" 1 
ATOM   622 O "O4'" . A   A 1 29 ? -7.952  5.906   1.524   1.00 108.39 ? 29  A   A "O4'" 1 
ATOM   623 C "C3'" . A   A 1 29 ? -7.146  7.598   2.917   1.00 109.30 ? 29  A   A "C3'" 1 
ATOM   624 O "O3'" . A   A 1 29 ? -7.425  8.419   4.036   1.00 114.02 ? 29  A   A "O3'" 1 
ATOM   625 C "C2'" . A   A 1 29 ? -6.387  6.325   3.276   1.00 107.80 ? 29  A   A "C2'" 1 
ATOM   626 O "O2'" . A   A 1 29 ? -6.908  5.786   4.479   1.00 106.60 ? 29  A   A "O2'" 1 
ATOM   627 C "C1'" . A   A 1 29 ? -6.775  5.388   2.114   1.00 106.69 ? 29  A   A "C1'" 1 
ATOM   628 N N9    . A   A 1 29 ? -5.721  5.300   1.089   1.00 106.42 ? 29  A   A N9    1 
ATOM   629 C C8    . A   A 1 29 ? -5.825  5.577   -0.247  1.00 100.17 ? 29  A   A C8    1 
ATOM   630 N N7    . A   A 1 29 ? -4.694  5.420   -0.901  1.00 96.87  ? 29  A   A N7    1 
ATOM   631 C C5    . A   A 1 29 ? -3.784  5.013   0.064   1.00 103.31 ? 29  A   A C5    1 
ATOM   632 C C6    . A   A 1 29 ? -2.420  4.677   0.042   1.00 99.28  ? 29  A   A C6    1 
ATOM   633 N N6    . A   A 1 29 ? -1.642  4.697   -1.009  1.00 99.52  ? 29  A   A N6    1 
ATOM   634 N N1    . A   A 1 29 ? -1.816  4.310   1.171   1.00 100.37 ? 29  A   A N1    1 
ATOM   635 C C2    . A   A 1 29 ? -2.565  4.270   2.261   1.00 110.21 ? 29  A   A C2    1 
ATOM   636 N N3    . A   A 1 29 ? -3.845  4.573   2.435   1.00 109.33 ? 29  A   A N3    1 
ATOM   637 C C4    . A   A 1 29 ? -4.412  4.935   1.286   1.00 106.95 ? 29  A   A C4    1 
ATOM   638 P P     . C   A 1 30 ? -6.335  9.476   4.557   1.00 124.01 ? 30  C   A P     1 
ATOM   639 O OP1   . C   A 1 30 ? -6.960  10.438  5.519   1.00 112.20 ? 30  C   A OP1   1 
ATOM   640 O OP2   . C   A 1 30 ? -5.674  9.926   3.305   1.00 125.03 ? 30  C   A OP2   1 
ATOM   641 O "O5'" . C   A 1 30 ? -5.315  8.589   5.408   1.00 118.16 ? 30  C   A "O5'" 1 
ATOM   642 C "C5'" . C   A 1 30 ? -4.060  9.097   5.837   1.00 108.20 ? 30  C   A "C5'" 1 
ATOM   643 C "C4'" . C   A 1 30 ? -3.074  7.970   6.041   1.00 107.93 ? 30  C   A "C4'" 1 
ATOM   644 O "O4'" . C   A 1 30 ? -3.121  7.068   4.912   1.00 105.61 ? 30  C   A "O4'" 1 
ATOM   645 C "C3'" . C   A 1 30 ? -1.617  8.384   6.141   1.00 110.57 ? 30  C   A "C3'" 1 
ATOM   646 O "O3'" . C   A 1 30 ? -1.256  8.736   7.463   1.00 118.66 ? 30  C   A "O3'" 1 
ATOM   647 C "C2'" . C   A 1 30 ? -0.860  7.164   5.639   1.00 109.35 ? 30  C   A "C2'" 1 
ATOM   648 O "O2'" . C   A 1 30 ? -0.626  6.243   6.678   1.00 109.14 ? 30  C   A "O2'" 1 
ATOM   649 C "C1'" . C   A 1 30 ? -1.840  6.542   4.650   1.00 106.30 ? 30  C   A "C1'" 1 
ATOM   650 N N1    . C   A 1 30 ? -1.483  6.860   3.259   1.00 106.14 ? 30  C   A N1    1 
ATOM   651 C C2    . C   A 1 30 ? -0.214  6.523   2.746   1.00 110.83 ? 30  C   A C2    1 
ATOM   652 O O2    . C   A 1 30 ? 0.632   5.935   3.447   1.00 107.79 ? 30  C   A O2    1 
ATOM   653 N N3    . C   A 1 30 ? 0.076   6.861   1.461   1.00 131.93 ? 30  C   A N3    1 
ATOM   654 C C4    . C   A 1 30 ? -0.835  7.497   0.703   1.00 139.80 ? 30  C   A C4    1 
ATOM   655 N N4    . C   A 1 30 ? -0.530  7.827   -0.569  1.00 134.33 ? 30  C   A N4    1 
ATOM   656 C C5    . C   A 1 30 ? -2.126  7.828   1.226   1.00 136.21 ? 30  C   A C5    1 
ATOM   657 C C6    . C   A 1 30 ? -2.414  7.496   2.492   1.00 111.22 ? 30  C   A C6    1 
ATOM   658 P P     . U   A 1 31 ? -0.935  10.265  7.834   1.00 146.71 ? 31  U   A P     1 
ATOM   659 O OP1   . U   A 1 31 ? -0.532  10.310  9.275   1.00 136.89 ? 31  U   A OP1   1 
ATOM   660 O OP2   . U   A 1 31 ? -2.126  11.045  7.383   1.00 141.42 ? 31  U   A OP2   1 
ATOM   661 O "O5'" . U   A 1 31 ? 0.324   10.639  6.902   1.00 158.46 ? 31  U   A "O5'" 1 
ATOM   662 C "C5'" . U   A 1 31 ? 1.592   10.001  7.075   1.00 149.50 ? 31  U   A "C5'" 1 
ATOM   663 C "C4'" . U   A 1 31 ? 2.499   10.082  5.856   1.00 133.09 ? 31  U   A "C4'" 1 
ATOM   664 O "O4'" . U   A 1 31 ? 1.940   9.356   4.728   1.00 115.80 ? 31  U   A "O4'" 1 
ATOM   665 C "C3'" . U   A 1 31 ? 2.791   11.460  5.280   1.00 129.90 ? 31  U   A "C3'" 1 
ATOM   666 O "O3'" . U   A 1 31 ? 3.731   12.200  6.028   1.00 136.17 ? 31  U   A "O3'" 1 
ATOM   667 C "C2'" . U   A 1 31 ? 3.266   11.130  3.875   1.00 120.93 ? 31  U   A "C2'" 1 
ATOM   668 O "O2'" . U   A 1 31 ? 4.604   10.654  3.884   1.00 127.59 ? 31  U   A "O2'" 1 
ATOM   669 C "C1'" . U   A 1 31 ? 2.343   9.969   3.518   1.00 116.28 ? 31  U   A "C1'" 1 
ATOM   670 N N1    . U   A 1 31 ? 1.147   10.461  2.809   1.00 114.75 ? 31  U   A N1    1 
ATOM   671 C C2    . U   A 1 31 ? 1.213   10.536  1.426   1.00 123.92 ? 31  U   A C2    1 
ATOM   672 O O2    . U   A 1 31 ? 2.197   10.190  0.778   1.00 115.18 ? 31  U   A O2    1 
ATOM   673 N N3    . U   A 1 31 ? 0.065   11.025  0.841   1.00 135.00 ? 31  U   A N3    1 
ATOM   674 C C4    . U   A 1 31 ? -1.094  11.439  1.490   1.00 133.52 ? 31  U   A C4    1 
ATOM   675 O O4    . U   A 1 31 ? -2.060  11.854  0.842   1.00 141.48 ? 31  U   A O4    1 
ATOM   676 C C5    . U   A 1 31 ? -1.061  11.342  2.917   1.00 119.11 ? 31  U   A C5    1 
ATOM   677 C C6    . U   A 1 31 ? 0.035   10.871  3.507   1.00 114.43 ? 31  U   A C6    1 
ATOM   678 P P     . G   A 1 32 ? 3.254   13.540  6.758   1.00 132.31 ? 32  G   A P     1 
ATOM   679 O OP1   . G   A 1 32 ? 1.810   13.739  6.458   1.00 129.36 ? 32  G   A OP1   1 
ATOM   680 O OP2   . G   A 1 32 ? 4.255   14.594  6.433   1.00 138.91 ? 32  G   A OP2   1 
ATOM   681 O "O5'" . G   A 1 32 ? 3.376   13.187  8.303   1.00 145.78 ? 32  G   A "O5'" 1 
ATOM   682 C "C5'" . G   A 1 32 ? 4.574   13.491  9.003   1.00 157.81 ? 32  G   A "C5'" 1 
ATOM   683 C "C4'" . G   A 1 32 ? 4.772   12.636  10.231  1.00 162.69 ? 32  G   A "C4'" 1 
ATOM   684 O "O4'" . G   A 1 32 ? 4.451   11.243  9.926   1.00 153.83 ? 32  G   A "O4'" 1 
ATOM   685 C "C3'" . G   A 1 32 ? 6.206   12.634  10.747  1.00 174.02 ? 32  G   A "C3'" 1 
ATOM   686 O "O3'" . G   A 1 32 ? 6.207   12.555  12.171  1.00 181.15 ? 32  G   A "O3'" 1 
ATOM   687 C "C2'" . G   A 1 32 ? 6.769   11.348  10.145  1.00 169.71 ? 32  G   A "C2'" 1 
ATOM   688 O "O2'" . G   A 1 32 ? 7.873   10.789  10.809  1.00 175.49 ? 32  G   A "O2'" 1 
ATOM   689 C "C1'" . G   A 1 32 ? 5.568   10.432  10.233  1.00 146.67 ? 32  G   A "C1'" 1 
ATOM   690 N N9    . G   A 1 32 ? 5.652   9.288   9.322   1.00 137.35 ? 32  G   A N9    1 
ATOM   691 C C8    . G   A 1 32 ? 5.308   9.125   7.996   1.00 132.97 ? 32  G   A C8    1 
ATOM   692 N N7    . G   A 1 32 ? 5.561   7.922   7.551   1.00 124.41 ? 32  G   A N7    1 
ATOM   693 C C5    . G   A 1 32 ? 6.103   7.260   8.653   1.00 138.86 ? 32  G   A C5    1 
ATOM   694 C C6    . G   A 1 32 ? 6.579   5.924   8.831   1.00 160.80 ? 32  G   A C6    1 
ATOM   695 O O6    . G   A 1 32 ? 6.628   5.004   8.004   1.00 168.10 ? 32  G   A O6    1 
ATOM   696 N N1    . G   A 1 32 ? 7.051   5.686   10.125  1.00 163.26 ? 32  G   A N1    1 
ATOM   697 C C2    . G   A 1 32 ? 7.060   6.616   11.140  1.00 166.63 ? 32  G   A C2    1 
ATOM   698 N N2    . G   A 1 32 ? 7.547   6.211   12.326  1.00 160.11 ? 32  G   A N2    1 
ATOM   699 N N3    . G   A 1 32 ? 6.624   7.861   10.990  1.00 162.13 ? 32  G   A N3    1 
ATOM   700 C C4    . G   A 1 32 ? 6.162   8.099   9.741   1.00 141.71 ? 32  G   A C4    1 
ATOM   701 P P     . C   A 1 33 ? 7.584   12.769  12.972  1.00 184.27 ? 33  C   A P     1 
ATOM   702 O OP1   . C   A 1 33 ? 7.276   13.004  14.410  1.00 179.79 ? 33  C   A OP1   1 
ATOM   703 O OP2   . C   A 1 33 ? 8.406   13.762  12.202  1.00 159.84 ? 33  C   A OP2   1 
ATOM   704 O "O5'" . C   A 1 33 ? 8.306   11.353  12.809  1.00 181.13 ? 33  C   A "O5'" 1 
ATOM   705 C "C5'" . C   A 1 33 ? 8.150   10.273  13.731  1.00 164.71 ? 33  C   A "C5'" 1 
ATOM   706 C "C4'" . C   A 1 33 ? 9.405   9.442   13.724  1.00 150.38 ? 33  C   A "C4'" 1 
ATOM   707 O "O4'" . C   A 1 33 ? 9.262   8.323   12.796  1.00 133.06 ? 33  C   A "O4'" 1 
ATOM   708 C "C3'" . C   A 1 33 ? 10.618  10.237  13.240  1.00 158.24 ? 33  C   A "C3'" 1 
ATOM   709 O "O3'" . C   A 1 33 ? 11.793  9.890   13.963  1.00 160.64 ? 33  C   A "O3'" 1 
ATOM   710 C "C2'" . C   A 1 33 ? 10.757  9.791   11.791  1.00 158.24 ? 33  C   A "C2'" 1 
ATOM   711 O "O2'" . C   A 1 33 ? 12.042  9.958   11.230  1.00 182.36 ? 33  C   A "O2'" 1 
ATOM   712 C "C1'" . C   A 1 33 ? 10.341  8.335   11.886  1.00 134.01 ? 33  C   A "C1'" 1 
ATOM   713 N N1    . C   A 1 33 ? 9.942   7.778   10.584  1.00 143.56 ? 33  C   A N1    1 
ATOM   714 C C2    . C   A 1 33 ? 10.248  6.455   10.234  1.00 149.12 ? 33  C   A C2    1 
ATOM   715 O O2    . C   A 1 33 ? 10.809  5.733   11.068  1.00 156.45 ? 33  C   A O2    1 
ATOM   716 N N3    . C   A 1 33 ? 9.898   5.993   9.002   1.00 136.57 ? 33  C   A N3    1 
ATOM   717 C C4    . C   A 1 33 ? 9.311   6.810   8.118   1.00 126.38 ? 33  C   A C4    1 
ATOM   718 N N4    . C   A 1 33 ? 8.977   6.333   6.915   1.00 123.97 ? 33  C   A N4    1 
ATOM   719 C C5    . C   A 1 33 ? 9.017   8.161   8.434   1.00 130.37 ? 33  C   A C5    1 
ATOM   720 C C6    . C   A 1 33 ? 9.357   8.591   9.654   1.00 140.83 ? 33  C   A C6    1 
ATOM   721 P P     . G   A 1 34 ? 13.066  10.879  13.911  1.00 159.20 ? 34  G   A P     1 
ATOM   722 O OP1   . G   A 1 34 ? 13.107  11.608  15.208  1.00 157.57 ? 34  G   A OP1   1 
ATOM   723 O OP2   . G   A 1 34 ? 13.074  11.640  12.628  1.00 159.08 ? 34  G   A OP2   1 
ATOM   724 O "O5'" . G   A 1 34 ? 14.294  9.878   13.884  1.00 160.41 ? 34  G   A "O5'" 1 
ATOM   725 C "C5'" . G   A 1 34 ? 14.420  8.922   14.921  1.00 167.30 ? 34  G   A "C5'" 1 
ATOM   726 C "C4'" . G   A 1 34 ? 14.952  7.618   14.407  1.00 166.50 ? 34  G   A "C4'" 1 
ATOM   727 O "O4'" . G   A 1 34 ? 13.927  6.867   13.711  1.00 165.40 ? 34  G   A "O4'" 1 
ATOM   728 C "C3'" . G   A 1 34 ? 16.065  7.708   13.389  1.00 158.46 ? 34  G   A "C3'" 1 
ATOM   729 O "O3'" . G   A 1 34 ? 17.295  8.035   13.992  1.00 158.76 ? 34  G   A "O3'" 1 
ATOM   730 C "C2'" . G   A 1 34 ? 16.035  6.323   12.764  1.00 157.47 ? 34  G   A "C2'" 1 
ATOM   731 O "O2'" . G   A 1 34 ? 16.660  5.371   13.610  1.00 159.26 ? 34  G   A "O2'" 1 
ATOM   732 C "C1'" . G   A 1 34 ? 14.534  6.035   12.746  1.00 155.13 ? 34  G   A "C1'" 1 
ATOM   733 N N9    . G   A 1 34 ? 13.977  6.345   11.432  1.00 142.18 ? 34  G   A N9    1 
ATOM   734 C C8    . G   A 1 34 ? 13.383  7.503   11.052  1.00 142.24 ? 34  G   A C8    1 
ATOM   735 N N7    . G   A 1 34 ? 13.019  7.481   9.803   1.00 151.99 ? 34  G   A N7    1 
ATOM   736 C C5    . G   A 1 34 ? 13.422  6.237   9.342   1.00 142.98 ? 34  G   A C5    1 
ATOM   737 C C6    . G   A 1 34 ? 13.303  5.646   8.060   1.00 150.38 ? 34  G   A C6    1 
ATOM   738 O O6    . G   A 1 34 ? 12.794  6.127   7.035   1.00 154.05 ? 34  G   A O6    1 
ATOM   739 N N1    . G   A 1 34 ? 13.858  4.368   8.053   1.00 142.52 ? 34  G   A N1    1 
ATOM   740 C C2    . G   A 1 34 ? 14.442  3.746   9.129   1.00 135.16 ? 34  G   A C2    1 
ATOM   741 N N2    . G   A 1 34 ? 14.912  2.508   8.921   1.00 139.06 ? 34  G   A N2    1 
ATOM   742 N N3    . G   A 1 34 ? 14.558  4.294   10.321  1.00 133.86 ? 34  G   A N3    1 
ATOM   743 C C4    . G   A 1 34 ? 14.028  5.526   10.345  1.00 137.88 ? 34  G   A C4    1 
ATOM   744 P P     . C   A 1 35 ? 18.476  8.616   13.091  1.00 153.72 ? 35  C   A P     1 
ATOM   745 O OP1   . C   A 1 35 ? 19.627  8.951   13.971  1.00 154.14 ? 35  C   A OP1   1 
ATOM   746 O OP2   . C   A 1 35 ? 17.877  9.651   12.210  1.00 171.25 ? 35  C   A OP2   1 
ATOM   747 O "O5'" . C   A 1 35 ? 18.890  7.379   12.188  1.00 148.41 ? 35  C   A "O5'" 1 
ATOM   748 C "C5'" . C   A 1 35 ? 19.511  6.243   12.760  1.00 148.53 ? 35  C   A "C5'" 1 
ATOM   749 C "C4'" . C   A 1 35 ? 19.838  5.231   11.705  1.00 146.56 ? 35  C   A "C4'" 1 
ATOM   750 O "O4'" . C   A 1 35 ? 18.614  4.764   11.080  1.00 142.86 ? 35  C   A "O4'" 1 
ATOM   751 C "C3'" . C   A 1 35 ? 20.657  5.752   10.533  1.00 147.67 ? 35  C   A "C3'" 1 
ATOM   752 O "O3'" . C   A 1 35 ? 22.041  5.873   10.814  1.00 152.54 ? 35  C   A "O3'" 1 
ATOM   753 C "C2'" . C   A 1 35 ? 20.333  4.747   9.449   1.00 145.88 ? 35  C   A "C2'" 1 
ATOM   754 O "O2'" . C   A 1 35 ? 21.022  3.528   9.702   1.00 144.76 ? 35  C   A "O2'" 1 
ATOM   755 C "C1'" . C   A 1 35 ? 18.834  4.531   9.706   1.00 148.84 ? 35  C   A "C1'" 1 
ATOM   756 N N1    . C   A 1 35 ? 17.985  5.474   8.924   1.00 165.48 ? 35  C   A N1    1 
ATOM   757 C C2    . C   A 1 35 ? 17.715  5.213   7.567   1.00 158.26 ? 35  C   A C2    1 
ATOM   758 O O2    . C   A 1 35 ? 18.189  4.192   7.038   1.00 155.83 ? 35  C   A O2    1 
ATOM   759 N N3    . C   A 1 35 ? 16.942  6.077   6.851   1.00 143.44 ? 35  C   A N3    1 
ATOM   760 C C4    . C   A 1 35 ? 16.431  7.170   7.421   1.00 144.51 ? 35  C   A C4    1 
ATOM   761 N N4    . C   A 1 35 ? 15.668  7.978   6.687   1.00 137.65 ? 35  C   A N4    1 
ATOM   762 C C5    . C   A 1 35 ? 16.684  7.467   8.793   1.00 163.56 ? 35  C   A C5    1 
ATOM   763 C C6    . C   A 1 35 ? 17.446  6.605   9.495   1.00 171.10 ? 35  C   A C6    1 
ATOM   764 P P     . C   A 1 36 ? 22.871  7.124   10.232  1.00 153.80 ? 36  C   A P     1 
ATOM   765 O OP1   . C   A 1 36 ? 24.166  7.196   10.964  1.00 157.48 ? 36  C   A OP1   1 
ATOM   766 O OP2   . C   A 1 36 ? 21.966  8.305   10.215  1.00 154.28 ? 36  C   A OP2   1 
ATOM   767 O "O5'" . C   A 1 36 ? 23.145  6.731   8.709   1.00 152.30 ? 36  C   A "O5'" 1 
ATOM   768 C "C5'" . C   A 1 36 ? 23.684  5.461   8.369   1.00 151.49 ? 36  C   A "C5'" 1 
ATOM   769 C "C4'" . C   A 1 36 ? 23.537  5.174   6.898   1.00 150.77 ? 36  C   A "C4'" 1 
ATOM   770 O "O4'" . C   A 1 36 ? 22.137  5.046   6.547   1.00 149.11 ? 36  C   A "O4'" 1 
ATOM   771 C "C3'" . C   A 1 36 ? 24.061  6.248   5.956   1.00 153.47 ? 36  C   A "C3'" 1 
ATOM   772 O "O3'" . C   A 1 36 ? 25.465  6.171   5.772   1.00 154.88 ? 36  C   A "O3'" 1 
ATOM   773 C "C2'" . C   A 1 36 ? 23.269  6.011   4.671   1.00 148.69 ? 36  C   A "C2'" 1 
ATOM   774 O "O2'" . C   A 1 36 ? 23.894  5.033   3.850   1.00 146.89 ? 36  C   A "O2'" 1 
ATOM   775 C "C1'" . C   A 1 36 ? 21.936  5.460   5.208   1.00 151.40 ? 36  C   A "C1'" 1 
ATOM   776 N N1    . C   A 1 36 ? 20.846  6.464   5.159   1.00 150.35 ? 36  C   A N1    1 
ATOM   777 C C2    . C   A 1 36 ? 20.194  6.709   3.932   1.00 144.92 ? 36  C   A C2    1 
ATOM   778 O O2    . C   A 1 36 ? 20.521  6.086   2.896   1.00 140.23 ? 36  C   A O2    1 
ATOM   779 N N3    . C   A 1 36 ? 19.194  7.628   3.912   1.00 146.57 ? 36  C   A N3    1 
ATOM   780 C C4    . C   A 1 36 ? 18.851  8.293   5.025   1.00 148.26 ? 36  C   A C4    1 
ATOM   781 N N4    . C   A 1 36 ? 17.873  9.201   4.942   1.00 144.94 ? 36  C   A N4    1 
ATOM   782 C C5    . C   A 1 36 ? 19.500  8.060   6.275   1.00 151.94 ? 36  C   A C5    1 
ATOM   783 C C6    . C   A 1 36 ? 20.480  7.144   6.295   1.00 152.03 ? 36  C   A C6    1 
HETATM 784 K K     . K   B 2 .  ? -4.457  -5.888  -4.696  1.00 92.24  ? 101 K   A K     1 
HETATM 785 N N1    A TFX C 3 .  ? -5.277  -11.403 -10.277 0.25 68.35  ? 102 TFX A N1    1 
HETATM 786 N N1    B TFX C 3 .  ? -3.938  -12.022 -1.137  0.25 74.55  ? 102 TFX A N1    1 
HETATM 787 S S1    A TFX C 3 .  ? -4.907  -11.357 -7.913  0.25 70.11  ? 102 TFX A S1    1 
HETATM 788 S S1    B TFX C 3 .  ? -4.377  -11.928 -3.489  0.25 72.60  ? 102 TFX A S1    1 
HETATM 789 C C2    A TFX C 3 .  ? -9.506  -10.962 -6.859  0.25 66.29  ? 102 TFX A C2    1 
HETATM 790 C C2    B TFX C 3 .  ? 0.266   -12.396 -4.540  0.25 78.37  ? 102 TFX A C2    1 
HETATM 791 N N2    A TFX C 3 .  ? -10.733 -10.863 -6.095  0.25 65.63  ? 102 TFX A N2    1 
HETATM 792 N N2    B TFX C 3 .  ? 1.535   -12.512 -5.241  0.25 79.79  ? 102 TFX A N2    1 
HETATM 793 C C3    A TFX C 3 .  ? -8.294  -10.828 -6.216  0.25 68.01  ? 102 TFX A C3    1 
HETATM 794 C C3    B TFX C 3 .  ? -0.931  -12.309 -5.237  0.25 76.15  ? 102 TFX A C3    1 
HETATM 795 C C4    A TFX C 3 .  ? -7.113  -10.927 -6.924  0.25 68.74  ? 102 TFX A C4    1 
HETATM 796 C C4    B TFX C 3 .  ? -2.131  -12.201 -4.544  0.25 74.88  ? 102 TFX A C4    1 
HETATM 797 C C5    A TFX C 3 .  ? -7.129  -11.163 -8.291  0.25 67.70  ? 102 TFX A C5    1 
HETATM 798 C C5    B TFX C 3 .  ? -2.140  -12.178 -3.152  0.25 75.78  ? 102 TFX A C5    1 
HETATM 799 C C6    A TFX C 3 .  ? -8.352  -11.309 -8.924  0.25 65.94  ? 102 TFX A C6    1 
HETATM 800 C C6    B TFX C 3 .  ? -0.937  -12.260 -2.471  0.25 78.00  ? 102 TFX A C6    1 
HETATM 801 C C7    A TFX C 3 .  ? -9.537  -11.207 -8.217  0.25 65.27  ? 102 TFX A C7    1 
HETATM 802 C C7    B TFX C 3 .  ? 0.260   -12.370 -3.156  0.25 79.30  ? 102 TFX A C7    1 
HETATM 803 C C8    A TFX C 3 .  ? -5.950  -11.282 -9.040  0.25 68.42  ? 102 TFX A C8    1 
HETATM 804 C C8    B TFX C 3 .  ? -3.306  -12.068 -2.395  0.25 74.62  ? 102 TFX A C8    1 
HETATM 805 C C9    A TFX C 3 .  ? -3.734  -11.546 -9.987  0.25 70.08  ? 102 TFX A C9    1 
HETATM 806 C C9    B TFX C 3 .  ? -5.490  -11.849 -1.364  0.25 72.65  ? 102 TFX A C9    1 
HETATM 807 C C10   A TFX C 3 .  ? -3.539  -11.522 -8.579  0.25 71.12  ? 102 TFX A C10   1 
HETATM 808 C C10   B TFX C 3 .  ? -5.729  -11.796 -2.766  0.25 71.59  ? 102 TFX A C10   1 
HETATM 809 C C11   A TFX C 3 .  ? -2.264  -11.635 -8.048  0.25 72.99  ? 102 TFX A C11   1 
HETATM 810 C C11   B TFX C 3 .  ? -7.031  -11.648 -3.225  0.25 70.03  ? 102 TFX A C11   1 
HETATM 811 C C12   A TFX C 3 .  ? -1.172  -11.771 -8.904  0.25 73.98  ? 102 TFX A C12   1 
HETATM 812 C C12   B TFX C 3 .  ? -8.090  -11.543 -2.319  0.25 69.52  ? 102 TFX A C12   1 
HETATM 813 C C13   A TFX C 3 .  ? -1.361  -11.793 -10.298 0.25 72.86  ? 102 TFX A C13   1 
HETATM 814 C C13   B TFX C 3 .  ? -7.850  -11.598 -0.939  0.25 70.51  ? 102 TFX A C13   1 
HETATM 815 C C14   A TFX C 3 .  ? -2.647  -11.676 -10.832 0.25 70.77  ? 102 TFX A C14   1 
HETATM 816 C C14   B TFX C 3 .  ? -6.545  -11.748 -0.472  0.25 72.07  ? 102 TFX A C14   1 
HETATM 817 C C15   A TFX C 3 .  ? -12.023 -10.989 -6.740  0.25 63.98  ? 102 TFX A C15   1 
HETATM 818 C C15   B TFX C 3 .  ? 1.586   -13.099 -6.565  0.25 78.52  ? 102 TFX A C15   1 
HETATM 819 C C16   A TFX C 3 .  ? -10.680 -10.669 -4.658  0.25 66.66  ? 102 TFX A C16   1 
HETATM 820 C C16   B TFX C 3 .  ? 2.762   -12.049 -4.614  0.25 82.55  ? 102 TFX A C16   1 
HETATM 821 C C17   A TFX C 3 .  ? -5.873  -11.378 -11.598 0.25 67.04  ? 102 TFX A C17   1 
HETATM 822 C C17   B TFX C 3 .  ? -3.285  -12.120 0.156   0.25 76.31  ? 102 TFX A C17   1 
HETATM 823 C C18   A TFX C 3 .  ? 0.230   -11.895 -8.311  0.25 76.34  ? 102 TFX A C18   1 
HETATM 824 C C18   B TFX C 3 .  ? -9.517  -11.377 -2.831  0.25 67.93  ? 102 TFX A C18   1 
# 
loop_
_atom_site_anisotrop.id 
_atom_site_anisotrop.type_symbol 
_atom_site_anisotrop.pdbx_label_atom_id 
_atom_site_anisotrop.pdbx_label_alt_id 
_atom_site_anisotrop.pdbx_label_comp_id 
_atom_site_anisotrop.pdbx_label_asym_id 
_atom_site_anisotrop.pdbx_label_seq_id 
_atom_site_anisotrop.pdbx_PDB_ins_code 
_atom_site_anisotrop.U[1][1] 
_atom_site_anisotrop.U[2][2] 
_atom_site_anisotrop.U[3][3] 
_atom_site_anisotrop.U[1][2] 
_atom_site_anisotrop.U[1][3] 
_atom_site_anisotrop.U[2][3] 
_atom_site_anisotrop.pdbx_auth_seq_id 
_atom_site_anisotrop.pdbx_auth_comp_id 
_atom_site_anisotrop.pdbx_auth_asym_id 
_atom_site_anisotrop.pdbx_auth_atom_id 
1   P P     . G   A 1  ? 2.2637 1.6351 0.9768 -0.9839 -0.3995 0.1836  1   G   A P     
2   O OP1   . G   A 1  ? 2.2485 1.6066 0.9802 -0.9499 -0.3915 0.1687  1   G   A OP1   
3   O OP2   . G   A 1  ? 2.2250 1.5712 0.9169 -0.9896 -0.4023 0.1866  1   G   A OP2   
4   O "O5'" . G   A 1  ? 2.1547 1.6074 0.9212 -0.9848 -0.4066 0.1888  1   G   A "O5'" 
5   C "C5'" . G   A 1  ? 2.1136 1.6057 0.9162 -0.9724 -0.4048 0.1849  1   G   A "C5'" 
6   C "C4'" . G   A 1  ? 2.0974 1.6587 0.9320 -0.9887 -0.4126 0.1965  1   G   A "C4'" 
7   O "O4'" . G   A 1  ? 2.2628 1.8163 1.0591 -1.0286 -0.4176 0.2118  1   G   A "O4'" 
8   C "C3'" . G   A 1  ? 2.0601 1.6676 0.9339 -0.9773 -0.4181 0.1976  1   G   A "C3'" 
9   O "O3'" . G   A 1  ? 2.0760 1.7181 1.0003 -0.9430 -0.4153 0.1864  1   G   A "O3'" 
10  C "C2'" . G   A 1  ? 2.0780 1.7340 0.9565 -1.0089 -0.4263 0.2149  1   G   A "C2'" 
11  O "O2'" . G   A 1  ? 2.0436 1.7516 0.9584 -1.0050 -0.4267 0.2171  1   G   A "O2'" 
12  C "C1'" . G   A 1  ? 2.1544 1.7623 0.9743 -1.0421 -0.4260 0.2230  1   G   A "C1'" 
13  N N9    . G   A 1  ? 2.1940 1.7714 0.9775 -1.0622 -0.4299 0.2297  1   G   A N9    
14  C C8    . G   A 1  ? 2.2673 1.7737 1.0001 -1.0680 -0.4256 0.2262  1   G   A C8    
15  N N7    . G   A 1  ? 2.2780 1.7678 0.9843 -1.0869 -0.4302 0.2336  1   G   A N7    
16  C C5    . G   A 1  ? 2.2550 1.8104 0.9970 -1.0944 -0.4382 0.2425  1   G   A C5    
17  C C6    . G   A 1  ? 2.2774 1.8487 1.0128 -1.1140 -0.4459 0.2527  1   G   A C6    
18  O O6    . G   A 1  ? 2.3232 1.8517 1.0183 -1.1291 -0.4471 0.2555  1   G   A O6    
19  N N1    . G   A 1  ? 2.2419 1.8869 1.0230 -1.1149 -0.4524 0.2604  1   G   A N1    
20  C C2    . G   A 1  ? 2.1917 1.8879 1.0185 -1.0991 -0.4515 0.2587  1   G   A C2    
21  N N2    . G   A 1  ? 2.1650 1.9295 1.0307 -1.1027 -0.4582 0.2683  1   G   A N2    
22  N N3    . G   A 1  ? 2.1943 1.8753 1.0274 -1.0809 -0.4443 0.2486  1   G   A N3    
23  C C4    . G   A 1  ? 2.2209 1.8311 1.0105 -1.0795 -0.4380 0.2408  1   G   A C4    
24  P P     . G   A 2  ? 2.1115 1.7778 1.0718 -0.9178 -0.4172 0.1803  2   G   A P     
25  O OP1   . G   A 2  ? 1.8948 1.6007 0.9066 -0.8860 -0.4139 0.1699  2   G   A OP1   
26  O OP2   . G   A 2  ? 2.1905 1.7974 1.1177 -0.9113 -0.4142 0.1736  2   G   A OP2   
27  O "O5'" . G   A 2  ? 1.9619 1.6771 0.9325 -0.9425 -0.4266 0.1966  2   G   A "O5'" 
28  C "C5'" . G   A 2  ? 1.9344 1.7170 0.9431 -0.9479 -0.4309 0.2056  2   G   A "C5'" 
29  C "C4'" . G   A 2  ? 1.9495 1.7722 0.9673 -0.9663 -0.4396 0.2201  2   G   A "C4'" 
30  O "O4'" . G   A 2  ? 2.0605 1.8569 1.0325 -1.0012 -0.4436 0.2312  2   G   A "O4'" 
31  C "C3'" . G   A 2  ? 2.0625 1.8822 1.0940 -0.9463 -0.4406 0.2136  2   G   A "C3'" 
32  O "O3'" . G   A 2  ? 1.8786 1.7393 0.9598 -0.9172 -0.4394 0.2073  2   G   A "O3'" 
33  C "C2'" . G   A 2  ? 2.1983 2.0365 1.2153 -0.9766 -0.4493 0.2300  2   G   A "C2'" 
34  O "O2'" . G   A 2  ? 2.3073 2.2174 1.3619 -0.9839 -0.4554 0.2434  2   G   A "O2'" 
35  C "C1'" . G   A 2  ? 2.1529 1.9601 1.1237 -1.0093 -0.4497 0.2380  2   G   A "C1'" 
36  N N9    . G   A 2  ? 2.0955 1.8372 1.0168 -1.0195 -0.4485 0.2349  2   G   A N9    
37  C C8    . G   A 2  ? 2.0926 1.7667 0.9784 -1.0119 -0.4415 0.2242  2   G   A C8    
38  N N7    . G   A 2  ? 2.1418 1.7698 0.9858 -1.0267 -0.4427 0.2267  2   G   A N7    
39  C C5    . G   A 2  ? 2.1626 1.8306 1.0155 -1.0454 -0.4513 0.2391  2   G   A C5    
40  C C6    . G   A 2  ? 2.1848 1.8329 1.0064 -1.0670 -0.4565 0.2467  2   G   A C6    
41  O O6    . G   A 2  ? 2.2271 1.8149 1.0044 -1.0746 -0.4545 0.2444  2   G   A O6    
42  N N1    . G   A 2  ? 2.1761 1.8843 1.0233 -1.0803 -0.4651 0.2588  2   G   A N1    
43  C C2    . G   A 2  ? 2.1322 1.9099 1.0280 -1.0735 -0.4678 0.2639  2   G   A C2    
44  N N2    . G   A 2  ? 2.1354 1.9636 1.0469 -1.0904 -0.4764 0.2779  2   G   A N2    
45  N N3    . G   A 2  ? 2.0925 1.8883 1.0166 -1.0540 -0.4629 0.2573  2   G   A N3    
46  C C4    . G   A 2  ? 2.1317 1.8705 1.0328 -1.0407 -0.4549 0.2445  2   G   A C4    
47  P P     . C   A 3  ? 1.8728 1.7191 0.9685 -0.8876 -0.4375 0.1948  3   C   A P     
48  O OP1   . C   A 3  ? 1.8172 1.7060 0.9639 -0.8580 -0.4353 0.1879  3   C   A OP1   
49  O OP2   . C   A 3  ? 1.9129 1.6875 0.9705 -0.8795 -0.4313 0.1821  3   C   A OP2   
50  O "O5'" . C   A 3  ? 1.9496 1.8179 1.0407 -0.9078 -0.4461 0.2086  3   C   A "O5'" 
51  C "C5'" . C   A 3  ? 1.8973 1.8345 1.0226 -0.9169 -0.4528 0.2230  3   C   A "C5'" 
52  C "C4'" . C   A 3  ? 1.9458 1.8918 1.0597 -0.9346 -0.4602 0.2339  3   C   A "C4'" 
53  O "O4'" . C   A 3  ? 1.9232 1.8342 0.9889 -0.9672 -0.4627 0.2416  3   C   A "O4'" 
54  C "C3'" . C   A 3  ? 1.9659 1.8815 1.0768 -0.9140 -0.4590 0.2229  3   C   A "C3'" 
55  O "O3'" . C   A 3  ? 1.9342 1.8909 1.0905 -0.8882 -0.4591 0.2197  3   C   A "O3'" 
56  C "C2'" . C   A 3  ? 1.9361 1.8419 1.0151 -0.9436 -0.4659 0.2350  3   C   A "C2'" 
57  O "O2'" . C   A 3  ? 2.0660 2.0361 1.1724 -0.9557 -0.4737 0.2508  3   C   A "O2'" 
58  C "C1'" . C   A 3  ? 1.9489 1.8324 0.9915 -0.9729 -0.4659 0.2418  3   C   A "C1'" 
59  N N1    . C   A 3  ? 1.9995 1.8079 0.9975 -0.9716 -0.4601 0.2305  3   C   A N1    
60  C C2    . C   A 3  ? 2.0679 1.8426 1.0276 -0.9913 -0.4637 0.2351  3   C   A C2    
61  O O2    . C   A 3  ? 2.0401 1.8497 1.0057 -1.0087 -0.4716 0.2477  3   C   A O2    
62  N N3    . C   A 3  ? 2.2704 1.9743 1.1834 -0.9957 -0.4590 0.2287  3   C   A N3    
63  C C4    . C   A 3  ? 2.3619 2.0311 1.2685 -0.9787 -0.4508 0.2171  3   C   A C4    
64  N N4    . C   A 3  ? 2.4675 2.0670 1.3271 -0.9831 -0.4459 0.2121  3   C   A N4    
65  C C5    . C   A 3  ? 2.2273 1.9318 1.1755 -0.9562 -0.4470 0.2106  3   C   A C5    
66  C C6    . C   A 3  ? 2.0749 1.8486 1.0686 -0.9524 -0.4516 0.2168  3   C   A C6    
67  P P     . G   A 4  ? 1.8798 1.8031 1.0440 -0.8530 -0.4536 0.2011  4   G   A P     
68  O OP1   . G   A 4  ? 2.0486 2.0280 1.2594 -0.8362 -0.4564 0.2042  4   G   A OP1   
69  O OP2   . G   A 4  ? 1.7564 1.6373 0.9129 -0.8328 -0.4446 0.1844  4   G   A OP2   
70  O "O5'" . G   A 4  ? 1.8422 1.7231 0.9678 -0.8659 -0.4568 0.2023  4   G   A "O5'" 
71  C "C5'" . G   A 4  ? 1.8378 1.7401 0.9782 -0.8607 -0.4616 0.2058  4   G   A "C5'" 
72  C "C4'" . G   A 4  ? 1.9663 1.8313 1.0656 -0.8810 -0.4656 0.2103  4   G   A "C4'" 
73  O "O4'" . G   A 4  ? 1.9487 1.7886 1.0088 -0.9116 -0.4667 0.2177  4   G   A "O4'" 
74  C "C3'" . G   A 4  ? 2.0148 1.8172 1.0903 -0.8621 -0.4602 0.1949  4   G   A "C3'" 
75  O "O3'" . G   A 4  ? 1.8222 1.6382 0.9223 -0.8393 -0.4608 0.1895  4   G   A "O3'" 
76  C "C2'" . G   A 4  ? 2.0886 1.8522 1.1151 -0.8921 -0.4637 0.2025  4   G   A "C2'" 
77  O "O2'" . G   A 4  ? 2.1740 1.9628 1.2030 -0.9045 -0.4718 0.2129  4   G   A "O2'" 
78  C "C1'" . G   A 4  ? 2.0199 1.8004 1.0356 -0.9203 -0.4661 0.2141  4   G   A "C1'" 
79  N N9    . G   A 4  ? 2.0736 1.7985 1.0544 -0.9237 -0.4592 0.2070  4   G   A N9    
80  C C8    . G   A 4  ? 2.0585 1.7806 1.0474 -0.9139 -0.4532 0.2008  4   G   A C8    
81  N N7    . G   A 4  ? 2.1145 1.7782 1.0598 -0.9243 -0.4487 0.1981  4   G   A N7    
82  C C5    . G   A 4  ? 2.1773 1.8030 1.0828 -0.9428 -0.4518 0.2031  4   G   A C5    
83  C C6    . G   A 4  ? 2.2445 1.8019 1.0933 -0.9601 -0.4491 0.2037  4   G   A C6    
84  O O6    . G   A 4  ? 2.3324 1.8477 1.1534 -0.9628 -0.4432 0.2001  4   G   A O6    
85  N N1    . G   A 4  ? 2.1840 1.7229 1.0077 -0.9749 -0.4539 0.2094  4   G   A N1    
86  C C2    . G   A 4  ? 2.2125 1.7940 1.0629 -0.9731 -0.4606 0.2137  4   G   A C2    
87  N N2    . G   A 4  ? 2.5106 2.0659 1.3301 -0.9890 -0.4647 0.2187  4   G   A N2    
88  N N3    . G   A 4  ? 2.0828 1.7277 0.9854 -0.9568 -0.4631 0.2135  4   G   A N3    
89  C C4    . G   A 4  ? 2.1049 1.7679 1.0321 -0.9425 -0.4584 0.2082  4   G   A C4    
90  P P     . C   A 5  ? 1.9505 1.7114 1.0413 -0.8085 -0.4523 0.1700  5   C   A P     
91  O OP1   . C   A 5  ? 2.1358 1.9175 1.2528 -0.7885 -0.4543 0.1668  5   C   A OP1   
92  O OP2   . C   A 5  ? 1.9779 1.7235 1.0760 -0.7913 -0.4441 0.1585  5   C   A OP2   
93  O "O5'" . C   A 5  ? 1.8649 1.5634 0.9013 -0.8273 -0.4519 0.1707  5   C   A "O5'" 
94  C "C5'" . C   A 5  ? 1.8721 1.5121 0.8853 -0.8102 -0.4456 0.1583  5   C   A "C5'" 
95  C "C4'" . C   A 5  ? 1.9373 1.5307 0.8978 -0.8391 -0.4487 0.1666  5   C   A "C4'" 
96  O "O4'" . C   A 5  ? 1.9988 1.6054 0.9429 -0.8715 -0.4529 0.1795  5   C   A "O4'" 
97  C "C3'" . C   A 5  ? 1.9692 1.4864 0.8865 -0.8345 -0.4411 0.1584  5   C   A "C3'" 
98  O "O3'" . C   A 5  ? 1.9601 1.4497 0.8744 -0.8141 -0.4384 0.1499  5   C   A "O3'" 
99  C "C2'" . C   A 5  ? 2.0373 1.5247 0.9053 -0.8731 -0.4453 0.1713  5   C   A "C2'" 
100 O "O2'" . C   A 5  ? 2.0644 1.5492 0.9168 -0.8878 -0.4518 0.1785  5   C   A "O2'" 
101 C "C1'" . C   A 5  ? 2.1300 1.6737 1.0199 -0.8915 -0.4504 0.1816  5   C   A "C1'" 
102 N N1    . C   A 5  ? 2.0280 1.5589 0.9135 -0.8896 -0.4445 0.1779  5   C   A N1    
103 C C2    . C   A 5  ? 2.0779 1.5508 0.9148 -0.9056 -0.4403 0.1791  5   C   A C2    
104 O O2    . C   A 5  ? 2.1289 1.5566 0.9219 -0.9236 -0.4414 0.1838  5   C   A O2    
105 N N3    . C   A 5  ? 2.0702 1.5367 0.9083 -0.9010 -0.4348 0.1751  5   C   A N3    
106 C C4    . C   A 5  ? 2.0163 1.5300 0.9008 -0.8817 -0.4334 0.1699  5   C   A C4    
107 N N4    . C   A 5  ? 2.0117 1.5170 0.8949 -0.8782 -0.4281 0.1661  5   C   A N4    
108 C C5    . C   A 5  ? 1.9656 1.5378 0.8995 -0.8654 -0.4374 0.1688  5   C   A C5    
109 C C6    . C   A 5  ? 2.1211 1.6994 1.0532 -0.8700 -0.4427 0.1729  5   C   A C6    
110 P P     . G   A 6  ? 2.1015 1.5534 1.0210 -0.7784 -0.4277 0.1330  6   G   A P     
111 O OP1   . G   A 6  ? 2.3754 1.8459 1.3254 -0.7522 -0.4276 0.1251  6   G   A OP1   
112 O OP2   . G   A 6  ? 2.1212 1.5845 1.0585 -0.7681 -0.4226 0.1274  6   G   A OP2   
113 O "O5'" . G   A 6  ? 1.9882 1.3623 0.8494 -0.7890 -0.4237 0.1336  6   G   A "O5'" 
114 C "C5'" . G   A 6  ? 2.0348 1.3886 0.8631 -0.8122 -0.4294 0.1430  6   G   A "C5'" 
115 C "C4'" . G   A 6  ? 2.1003 1.4001 0.8730 -0.8397 -0.4283 0.1506  6   G   A "C4'" 
116 O "O4'" . G   A 6  ? 2.1264 1.4577 0.9017 -0.8636 -0.4323 0.1596  6   G   A "O4'" 
117 C "C3'" . G   A 6  ? 2.1247 1.3666 0.8727 -0.8238 -0.4179 0.1421  6   G   A "C3'" 
118 O "O3'" . G   A 6  ? 2.1218 1.3133 0.8475 -0.8085 -0.4129 0.1365  6   G   A "O3'" 
119 C "C2'" . G   A 6  ? 2.3722 1.5883 1.0793 -0.8554 -0.4185 0.1521  6   G   A "C2'" 
120 O "O2'" . G   A 6  ? 2.6379 1.8153 1.2980 -0.8814 -0.4220 0.1614  6   G   A "O2'" 
121 C "C1'" . G   A 6  ? 2.2412 1.5255 0.9812 -0.8713 -0.4262 0.1594  6   G   A "C1'" 
122 N N9    . G   A 6  ? 2.1593 1.4728 0.9330 -0.8544 -0.4221 0.1527  6   G   A N9    
123 C C8    . G   A 6  ? 2.0994 1.4762 0.9279 -0.8373 -0.4241 0.1487  6   G   A C8    
124 N N7    . G   A 6  ? 2.0505 1.4404 0.8987 -0.8247 -0.4194 0.1428  6   G   A N7    
125 C C5    . G   A 6  ? 2.1355 1.4664 0.9389 -0.8335 -0.4139 0.1429  6   G   A C5    
126 C C6    . G   A 6  ? 2.0525 1.3676 0.8521 -0.8261 -0.4072 0.1378  6   G   A C6    
127 O O6    . G   A 6  ? 2.0089 1.3597 0.8449 -0.8107 -0.4052 0.1318  6   G   A O6    
128 N N1    . G   A 6  ? 2.1071 1.3570 0.8532 -0.8387 -0.4028 0.1404  6   G   A N1    
129 C C2    . G   A 6  ? 2.3421 1.5473 1.0439 -0.8564 -0.4044 0.1471  6   G   A C2    
130 N N2    . G   A 6  ? 2.5216 1.6654 1.1736 -0.8665 -0.3991 0.1493  6   G   A N2    
131 N N3    . G   A 6  ? 2.3655 1.5848 1.0702 -0.8639 -0.4107 0.1516  6   G   A N3    
132 C C4    . G   A 6  ? 2.2746 1.5577 1.0314 -0.8517 -0.4152 0.1492  6   G   A C4    
133 P P     . A   A 7  ? 2.3166 1.5083 1.0755 -0.7655 -0.4051 0.1209  7   A   A P     
134 O OP1   . A   A 7  ? 2.5247 1.6975 1.2778 -0.7548 -0.4053 0.1185  7   A   A OP1   
135 O OP2   . A   A 7  ? 2.2888 1.5437 1.1014 -0.7517 -0.4061 0.1157  7   A   A OP2   
136 O "O5'" . A   A 7  ? 2.1776 1.3110 0.9064 -0.7544 -0.3950 0.1157  7   A   A "O5'" 
137 C "C5'" . A   A 7  ? 2.2464 1.3176 0.9173 -0.7740 -0.3930 0.1231  7   A   A "C5'" 
138 C "C4'" . A   A 7  ? 2.3558 1.4100 1.0079 -0.7838 -0.3892 0.1252  7   A   A "C4'" 
139 O "O4'" . A   A 7  ? 2.3051 1.4135 0.9806 -0.8030 -0.3958 0.1308  7   A   A "O4'" 
140 C "C3'" . A   A 7  ? 2.1309 1.1784 0.8023 -0.7526 -0.3800 0.1134  7   A   A "C3'" 
141 O "O3'" . A   A 7  ? 2.2382 1.2239 0.8766 -0.7373 -0.3718 0.1100  7   A   A "O3'" 
142 C "C2'" . A   A 7  ? 2.1411 1.2017 0.8092 -0.7693 -0.3806 0.1175  7   A   A "C2'" 
143 O "O2'" . A   A 7  ? 2.2046 1.2083 0.8164 -0.7905 -0.3781 0.1255  7   A   A "O2'" 
144 C "C1'" . A   A 7  ? 2.1393 1.2540 0.8262 -0.7946 -0.3910 0.1262  7   A   A "C1'" 
145 N N9    . A   A 7  ? 2.0758 1.2584 0.8216 -0.7789 -0.3934 0.1202  7   A   A N9    
146 C C8    . A   A 7  ? 2.0437 1.2800 0.8264 -0.7780 -0.4004 0.1214  7   A   A C8    
147 N N7    . A   A 7  ? 2.1242 1.4151 0.9554 -0.7630 -0.4009 0.1160  7   A   A N7    
148 C C5    . A   A 7  ? 2.0100 1.2819 0.8367 -0.7537 -0.3940 0.1103  7   A   A C5    
149 C C6    . A   A 7  ? 1.9403 1.2467 0.8040 -0.7368 -0.3909 0.1029  7   A   A C6    
150 N N6    . A   A 7  ? 1.8879 1.2574 0.8027 -0.7256 -0.3942 0.0998  7   A   A N6    
151 N N1    . A   A 7  ? 1.9511 1.2243 0.7970 -0.7315 -0.3840 0.0987  7   A   A N1    
152 C C2    . A   A 7  ? 2.0041 1.2141 0.7984 -0.7421 -0.3803 0.1024  7   A   A C2    
153 N N3    . A   A 7  ? 2.0504 1.2226 0.8059 -0.7582 -0.3824 0.1097  7   A   A N3    
154 C C4    . A   A 7  ? 2.0385 1.2446 0.8128 -0.7635 -0.3894 0.1132  7   A   A C4    
155 P P     . G   A 8  ? 2.4135 1.3883 1.0691 -0.7033 -0.3669 0.1000  8   G   A P     
156 O OP1   . G   A 8  ? 2.4123 1.3174 1.0145 -0.7063 -0.3623 0.1046  8   G   A OP1   
157 O OP2   . G   A 8  ? 2.3396 1.3681 1.0381 -0.6976 -0.3732 0.0971  8   G   A OP2   
158 O "O5'" . G   A 8  ? 2.1683 1.1515 0.8536 -0.6714 -0.3588 0.0878  8   G   A "O5'" 
159 C "C5'" . G   A 8  ? 2.1665 1.1221 0.8282 -0.6755 -0.3538 0.0891  8   G   A "C5'" 
160 C "C4'" . G   A 8  ? 2.1718 1.1775 0.8736 -0.6713 -0.3546 0.0840  8   G   A "C4'" 
161 O "O4'" . G   A 8  ? 2.1645 1.2178 0.8823 -0.6965 -0.3640 0.0910  8   G   A "O4'" 
162 C "C3'" . G   A 8  ? 1.9842 1.0297 0.7403 -0.6372 -0.3514 0.0703  8   G   A "C3'" 
163 O "O3'" . G   A 8  ? 1.9705 0.9856 0.7248 -0.6087 -0.3420 0.0614  8   G   A "O3'" 
164 C "C2'" . G   A 8  ? 1.9573 1.0567 0.7459 -0.6463 -0.3555 0.0702  8   G   A "C2'" 
165 O "O2'" . G   A 8  ? 2.0091 1.0897 0.7831 -0.6476 -0.3507 0.0695  8   G   A "O2'" 
166 C "C1'" . G   A 8  ? 2.0409 1.1518 0.8106 -0.6826 -0.3648 0.0836  8   G   A "C1'" 
167 N N9    . G   A 8  ? 2.0767 1.2413 0.8850 -0.6816 -0.3718 0.0833  8   G   A N9    
168 C C8    . G   A 8  ? 2.1960 1.3564 0.9927 -0.6923 -0.3770 0.0891  8   G   A C8    
169 N N7    . G   A 8  ? 2.2365 1.4515 1.0734 -0.6885 -0.3828 0.0880  8   G   A N7    
170 C C5    . G   A 8  ? 2.1275 1.3863 1.0061 -0.6742 -0.3813 0.0812  8   G   A C5    
171 C C6    . G   A 8  ? 2.0040 1.3301 0.9359 -0.6640 -0.3854 0.0777  8   G   A C6    
172 O O6    . G   A 8  ? 1.9093 1.2717 0.8634 -0.6651 -0.3914 0.0802  8   G   A O6    
173 N N1    . G   A 8  ? 1.9274 1.2794 0.8881 -0.6507 -0.3818 0.0708  8   G   A N1    
174 C C2    . G   A 8  ? 1.8174 1.1362 0.7587 -0.6478 -0.3754 0.0675  8   G   A C2    
175 N N2    . G   A 8  ? 1.7770 1.1292 0.7524 -0.6341 -0.3729 0.0605  8   G   A N2    
176 N N3    . G   A 8  ? 1.8680 1.1249 0.7596 -0.6572 -0.3716 0.0711  8   G   A N3    
177 C C4    . G   A 8  ? 2.0119 1.2406 0.8737 -0.6700 -0.3746 0.0779  8   G   A C4    
178 P P     . G   A 9  ? 1.9828 0.9512 0.7154 -0.5901 -0.3365 0.0594  9   G   A P     
179 O OP1   . G   A 9  ? 2.0359 0.9412 0.7156 -0.5962 -0.3313 0.0654  9   G   A OP1   
180 O OP2   . G   A 9  ? 1.9897 0.9678 0.7224 -0.6007 -0.3429 0.0639  9   G   A OP2   
181 O "O5'" . G   A 9  ? 1.9233 0.9092 0.6973 -0.5507 -0.3293 0.0447  9   G   A "O5'" 
182 C "C5'" . G   A 9  ? 1.9319 0.8727 0.6860 -0.5290 -0.3205 0.0413  9   G   A "C5'" 
183 C "C4'" . G   A 9  ? 1.9064 0.8538 0.6772 -0.5113 -0.3144 0.0334  9   G   A "C4'" 
184 O "O4'" . G   A 9  ? 1.9203 0.8825 0.6869 -0.5338 -0.3180 0.0378  9   G   A "O4'" 
185 C "C3'" . G   A 9  ? 1.9380 0.9341 0.7673 -0.4825 -0.3118 0.0193  9   G   A "C3'" 
186 O "O3'" . G   A 9  ? 1.9981 0.9803 0.8366 -0.4535 -0.3056 0.0122  9   G   A "O3'" 
187 C "C2'" . G   A 9  ? 1.8514 0.8578 0.6901 -0.4795 -0.3088 0.0153  9   G   A "C2'" 
188 O "O2'" . G   A 9  ? 2.0197 0.9823 0.8342 -0.4633 -0.3008 0.0138  9   G   A "O2'" 
189 C "C1'" . G   A 9  ? 1.8726 0.8703 0.6791 -0.5156 -0.3149 0.0274  9   G   A "C1'" 
190 N N9    . G   A 9  ? 1.8464 0.9010 0.6869 -0.5297 -0.3221 0.0273  9   G   A N9    
191 C C8    . G   A 9  ? 1.8418 0.9252 0.6948 -0.5432 -0.3296 0.0315  9   G   A C8    
192 N N7    . G   A 9  ? 1.8368 0.9705 0.7189 -0.5544 -0.3351 0.0321  9   G   A N7    
193 C C5    . G   A 9  ? 1.8536 0.9907 0.7420 -0.5488 -0.3312 0.0278  9   G   A C5    
194 C C6    . G   A 9  ? 1.8781 1.0600 0.7940 -0.5560 -0.3342 0.0268  9   G   A C6    
195 O O6    . G   A 9  ? 1.7689 0.9986 0.7099 -0.5686 -0.3412 0.0301  9   G   A O6    
196 N N1    . G   A 9  ? 1.9950 1.1627 0.9076 -0.5459 -0.3281 0.0217  9   G   A N1    
197 C C2    . G   A 9  ? 2.1204 1.2382 1.0066 -0.5309 -0.3203 0.0186  9   G   A C2    
198 N N2    . G   A 9  ? 2.1342 1.2472 1.0218 -0.5230 -0.3156 0.0141  9   G   A N2    
199 N N3    . G   A 9  ? 2.1765 1.2529 1.0366 -0.5239 -0.3175 0.0203  9   G   A N3    
200 C C4    . G   A 9  ? 1.9211 1.0093 0.7839 -0.5336 -0.3231 0.0247  9   G   A C4    
201 P P     . A   A 10 ? 1.9703 0.9992 0.8609 -0.4328 -0.3062 0.0017  10  A   A P     
202 O OP1   . A   A 10 ? 2.1092 1.1068 0.9913 -0.4087 -0.2996 -0.0015 10  A   A OP1   
203 O OP2   . A   A 10 ? 1.7552 0.8166 0.6567 -0.4541 -0.3152 0.0066  10  A   A OP2   
204 O "O5'" . A   A 10 ? 1.9133 0.9857 0.8505 -0.4152 -0.3030 -0.0102 10  A   A "O5'" 
205 C "C5'" . A   A 10 ? 1.8893 0.9444 0.8281 -0.3925 -0.2948 -0.0169 10  A   A "C5'" 
206 C "C4'" . A   A 10 ? 1.7837 0.8883 0.7744 -0.3747 -0.2924 -0.0297 10  A   A "C4'" 
207 O "O4'" . A   A 10 ? 1.6373 0.7658 0.6318 -0.3954 -0.2974 -0.0266 10  A   A "O4'" 
208 C "C3'" . A   A 10 ? 1.8324 0.9846 0.8719 -0.3607 -0.2936 -0.0388 10  A   A "C3'" 
209 O "O3'" . A   A 10 ? 1.9047 1.0489 0.9587 -0.3320 -0.2866 -0.0469 10  A   A "O3'" 
210 C "C2'" . A   A 10 ? 1.7212 0.9236 0.8005 -0.3596 -0.2949 -0.0462 10  A   A "C2'" 
211 O "O2'" . A   A 10 ? 1.6602 0.8665 0.7609 -0.3341 -0.2869 -0.0572 10  A   A "O2'" 
212 C "C1'" . A   A 10 ? 1.5990 0.7860 0.6446 -0.3880 -0.2995 -0.0353 10  A   A "C1'" 
213 N N9    . A   A 10 ? 1.5980 0.8085 0.6417 -0.4148 -0.3089 -0.0266 10  A   A N9    
214 C C8    . A   A 10 ? 1.6336 0.8551 0.6808 -0.4217 -0.3139 -0.0229 10  A   A C8    
215 N N7    . A   A 10 ? 1.7307 0.9741 0.7739 -0.4482 -0.3224 -0.0138 10  A   A N7    
216 C C5    . A   A 10 ? 1.6261 0.8715 0.6620 -0.4595 -0.3226 -0.0114 10  A   A C5    
217 C C6    . A   A 10 ? 1.6451 0.9104 0.6745 -0.4867 -0.3294 -0.0023 10  A   A C6    
218 N N6    . A   A 10 ? 1.6559 0.9449 0.6859 -0.5081 -0.3378 0.0067  10  A   A N6    
219 N N1    . A   A 10 ? 1.7059 0.9668 0.7283 -0.4915 -0.3273 -0.0022 10  A   A N1    
220 C C2    . A   A 10 ? 1.7017 0.9400 0.7241 -0.4695 -0.3190 -0.0110 10  A   A C2    
221 N N3    . A   A 10 ? 1.6285 0.8483 0.6575 -0.4427 -0.3122 -0.0197 10  A   A N3    
222 C C4    . A   A 10 ? 1.6171 0.8410 0.6521 -0.4394 -0.3143 -0.0192 10  A   A C4    
223 P P     . A   A 11 ? 2.1237 1.2952 1.2092 -0.3200 -0.2874 -0.0525 11  A   A P     
224 O OP1   . A   A 11 ? 2.2729 1.4020 1.3310 -0.3105 -0.2838 -0.0488 11  A   A OP1   
225 O OP2   . A   A 11 ? 2.2171 1.4237 1.3143 -0.3417 -0.2964 -0.0483 11  A   A OP2   
226 O "O5'" . A   A 11 ? 1.5457 0.7559 0.6839 -0.2909 -0.2807 -0.0681 11  A   A "O5'" 
227 C "C5'" . A   A 11 ? 1.6067 0.8407 0.7781 -0.2731 -0.2784 -0.0761 11  A   A "C5'" 
228 C "C4'" . A   A 11 ? 1.7313 1.0245 0.9534 -0.2687 -0.2800 -0.0857 11  A   A "C4'" 
229 O "O4'" . A   A 11 ? 1.8241 1.1318 1.0722 -0.2502 -0.2730 -0.0963 11  A   A "O4'" 
230 C "C3'" . A   A 11 ? 1.6203 0.9391 0.8408 -0.2953 -0.2893 -0.0790 11  A   A "C3'" 
231 O "O3'" . A   A 11 ? 1.5405 0.9131 0.8051 -0.2914 -0.2921 -0.0855 11  A   A "O3'" 
232 C "C2'" . A   A 11 ? 1.6225 0.9423 0.8429 -0.2958 -0.2868 -0.0812 11  A   A "C2'" 
233 O "O2'" . A   A 11 ? 1.8313 1.1925 1.0714 -0.3099 -0.2927 -0.0807 11  A   A "O2'" 
234 C "C1'" . A   A 11 ? 1.5554 0.8843 0.8081 -0.2647 -0.2770 -0.0952 11  A   A "C1'" 
235 N N9    . A   A 11 ? 1.3660 0.6673 0.6014 -0.2579 -0.2716 -0.0959 11  A   A N9    
236 C C8    . A   A 11 ? 1.4829 0.7317 0.6710 -0.2640 -0.2706 -0.0867 11  A   A C8    
237 N N7    . A   A 11 ? 1.5656 0.8020 0.7498 -0.2541 -0.2654 -0.0899 11  A   A N7    
238 C C5    . A   A 11 ? 1.4606 0.7438 0.6930 -0.2409 -0.2628 -0.1022 11  A   A C5    
239 C C6    . A   A 11 ? 1.6083 0.9057 0.8618 -0.2267 -0.2573 -0.1111 11  A   A C6    
240 N N6    . A   A 11 ? 1.7246 0.9893 0.9527 -0.2227 -0.2537 -0.1085 11  A   A N6    
241 N N1    . A   A 11 ? 1.6522 0.9993 0.9541 -0.2167 -0.2556 -0.1226 11  A   A N1    
242 C C2    . A   A 11 ? 1.5563 0.9367 0.8830 -0.2205 -0.2594 -0.1247 11  A   A C2    
243 N N3    . A   A 11 ? 1.5195 0.8923 0.8308 -0.2332 -0.2650 -0.1170 11  A   A N3    
244 C C4    . A   A 11 ? 1.4134 0.7364 0.6770 -0.2431 -0.2664 -0.1059 11  A   A C4    
245 P P     . G   A 12 ? 1.5970 0.9846 0.8609 -0.3048 -0.3000 -0.0788 12  G   A P     
246 O OP1   . G   A 12 ? 1.6759 1.0923 0.9810 -0.2814 -0.2954 -0.0905 12  G   A OP1   
247 O OP2   . G   A 12 ? 1.3950 0.7324 0.6076 -0.3216 -0.3031 -0.0662 12  G   A OP2   
248 O "O5'" . G   A 12 ? 1.5118 0.9457 0.7915 -0.3254 -0.3091 -0.0736 12  G   A "O5'" 
249 C "C5'" . G   A 12 ? 1.4383 0.8974 0.7197 -0.3429 -0.3186 -0.0651 12  G   A "C5'" 
250 C "C4'" . G   A 12 ? 1.5179 0.9712 0.7683 -0.3747 -0.3270 -0.0503 12  G   A "C4'" 
251 O "O4'" . G   A 12 ? 1.5963 1.0760 0.8625 -0.3787 -0.3275 -0.0517 12  G   A "O4'" 
252 C "C3'" . G   A 12 ? 1.5202 0.9118 0.7162 -0.3888 -0.3259 -0.0414 12  G   A "C3'" 
253 O "O3'" . G   A 12 ? 1.4804 0.8746 0.6521 -0.4202 -0.3352 -0.0272 12  G   A "O3'" 
254 C "C2'" . G   A 12 ? 1.4814 0.8615 0.6738 -0.3844 -0.3207 -0.0454 12  G   A "C2'" 
255 O "O2'" . G   A 12 ? 1.4968 0.8284 0.6406 -0.4017 -0.3207 -0.0360 12  G   A "O2'" 
256 C "C1'" . G   A 12 ? 1.4524 0.8894 0.6782 -0.3925 -0.3262 -0.0453 12  G   A "C1'" 
257 N N9    . G   A 12 ? 1.3927 0.8404 0.6352 -0.3821 -0.3214 -0.0531 12  G   A N9    
258 C C8    . G   A 12 ? 1.3849 0.8052 0.6253 -0.3617 -0.3121 -0.0624 12  G   A C8    
259 N N7    . G   A 12 ? 1.4126 0.8517 0.6701 -0.3573 -0.3100 -0.0676 12  G   A N7    
260 C C5    . G   A 12 ? 1.3626 0.8425 0.6332 -0.3761 -0.3183 -0.0608 12  G   A C5    
261 C C6    . G   A 12 ? 1.4802 0.9943 0.7705 -0.3811 -0.3202 -0.0615 12  G   A C6    
262 O O6    . G   A 12 ? 1.4736 0.9880 0.7738 -0.3696 -0.3149 -0.0693 12  G   A O6    
263 N N1    . G   A 12 ? 1.4061 0.9577 0.7049 -0.4016 -0.3295 -0.0513 12  G   A N1    
264 C C2    . G   A 12 ? 1.3661 0.9222 0.6552 -0.4160 -0.3362 -0.0416 12  G   A C2    
265 N N2    . G   A 12 ? 1.3665 0.9637 0.6670 -0.4351 -0.3448 -0.0313 12  G   A N2    
266 N N3    . G   A 12 ? 1.4234 0.9472 0.6937 -0.4117 -0.3346 -0.0416 12  G   A N3    
267 C C4    . G   A 12 ? 1.3793 0.8656 0.6408 -0.3917 -0.3254 -0.0513 12  G   A C4    
268 P P     . G   A 13 ? 1.5461 0.8828 0.6602 -0.4416 -0.3371 -0.0149 13  G   A P     
269 O OP1   . G   A 13 ? 1.5577 0.8598 0.6548 -0.4312 -0.3341 -0.0158 13  G   A OP1   
270 O OP2   . G   A 13 ? 1.5663 0.8705 0.6582 -0.4415 -0.3316 -0.0155 13  G   A OP2   
271 O "O5'" . G   A 13 ? 1.5695 0.9339 0.6768 -0.4733 -0.3484 -0.0013 13  G   A "O5'" 
272 C "C5'" . G   A 13 ? 1.5369 0.9626 0.6821 -0.4784 -0.3541 -0.0005 13  G   A "C5'" 
273 C "C4'" . G   A 13 ? 1.5553 0.9839 0.6898 -0.4956 -0.3555 0.0050  13  G   A "C4'" 
274 O "O4'" . G   A 13 ? 1.8146 1.1934 0.9237 -0.4859 -0.3471 -0.0002 13  G   A "O4'" 
275 C "C3'" . G   A 13 ? 1.7265 1.1451 0.8248 -0.5322 -0.3635 0.0215  13  G   A "C3'" 
276 O "O3'" . G   A 13 ? 1.6813 1.1548 0.8026 -0.5487 -0.3721 0.0299  13  G   A "O3'" 
277 C "C2'" . G   A 13 ? 1.7784 1.1626 0.8480 -0.5406 -0.3593 0.0230  13  G   A "C2'" 
278 O "O2'" . G   A 13 ? 1.7096 1.1332 0.8077 -0.5393 -0.3597 0.0205  13  G   A "O2'" 
279 C "C1'" . G   A 13 ? 1.8347 1.1796 0.8996 -0.5125 -0.3493 0.0112  13  G   A "C1'" 
280 N N9    . G   A 13 ? 1.9546 1.2425 0.9741 -0.5193 -0.3480 0.0167  13  G   A N9    
281 C C8    . G   A 13 ? 1.9651 1.2273 0.9775 -0.5045 -0.3449 0.0132  13  G   A C8    
282 N N7    . G   A 13 ? 2.0022 1.2132 0.9671 -0.5186 -0.3450 0.0216  13  G   A N7    
283 C C5    . G   A 13 ? 1.9654 1.1679 0.9040 -0.5454 -0.3484 0.0312  13  G   A C5    
284 C C6    . G   A 13 ? 1.9861 1.1414 0.8713 -0.5710 -0.3500 0.0429  13  G   A C6    
285 O O6    . G   A 13 ? 2.0871 1.1950 0.9343 -0.5758 -0.3487 0.0478  13  G   A O6    
286 N N1    . G   A 13 ? 1.9659 1.1346 0.8447 -0.5927 -0.3533 0.0492  13  G   A N1    
287 C C2    . G   A 13 ? 1.9594 1.1767 0.8742 -0.5911 -0.3549 0.0457  13  G   A C2    
288 N N2    . G   A 13 ? 1.8342 1.0563 0.7349 -0.6141 -0.3577 0.0532  13  G   A N2    
289 N N3    . G   A 13 ? 2.0352 1.2952 0.9983 -0.5673 -0.3536 0.0352  13  G   A N3    
290 C C4    . G   A 13 ? 1.9445 1.1943 0.9165 -0.5461 -0.3504 0.0284  13  G   A C4    
291 P P     . U   A 14 ? 1.5956 1.0997 0.7281 -0.5573 -0.3802 0.0372  14  U   A P     
292 O OP1   . U   A 14 ? 1.6081 1.0704 0.7206 -0.5465 -0.3769 0.0330  14  U   A OP1   
293 O OP2   . U   A 14 ? 1.6323 1.1528 0.7479 -0.5916 -0.3893 0.0534  14  U   A OP2   
294 O "O5'" . U   A 14 ? 1.5300 1.0983 0.7214 -0.5356 -0.3806 0.0294  14  U   A "O5'" 
295 C "C5'" . U   A 14 ? 1.7375 1.3070 0.9554 -0.5053 -0.3720 0.0137  14  U   A "C5'" 
296 C "C4'" . U   A 14 ? 1.7571 1.3558 0.9953 -0.5061 -0.3714 0.0125  14  U   A "C4'" 
297 O "O4'" . U   A 14 ? 1.7054 1.2723 0.9388 -0.4887 -0.3620 0.0007  14  U   A "O4'" 
298 C "C3'" . U   A 14 ? 1.9515 1.5550 1.1664 -0.5396 -0.3780 0.0279  14  U   A "C3'" 
299 O "O3'" . U   A 14 ? 2.1146 1.7795 1.3669 -0.5427 -0.3830 0.0323  14  U   A "O3'" 
300 C "C2'" . U   A 14 ? 1.9215 1.4798 1.1071 -0.5416 -0.3716 0.0245  14  U   A "C2'" 
301 O "O2'" . U   A 14 ? 1.9593 1.5296 1.1357 -0.5640 -0.3750 0.0336  14  U   A "O2'" 
302 C "C1'" . U   A 14 ? 1.6694 1.2316 0.8863 -0.5066 -0.3630 0.0070  14  U   A "C1'" 
303 N N1    . U   A 14 ? 1.4980 1.0112 0.6920 -0.4960 -0.3542 -0.0010 14  U   A N1    
304 C C2    . U   A 14 ? 1.5052 1.0148 0.6933 -0.5015 -0.3520 -0.0011 14  U   A C2    
305 O O2    . U   A 14 ? 1.5043 1.0465 0.7025 -0.5166 -0.3567 0.0054  14  U   A O2    
306 N N3    . U   A 14 ? 1.5157 0.9804 0.6839 -0.4888 -0.3438 -0.0085 14  U   A N3    
307 C C4    . U   A 14 ? 1.5200 0.9427 0.6736 -0.4709 -0.3372 -0.0155 14  U   A C4    
308 O O4    . U   A 14 ? 1.5300 0.9168 0.6667 -0.4606 -0.3303 -0.0206 14  U   A O4    
309 C C5    . U   A 14 ? 1.5121 0.9394 0.6724 -0.4659 -0.3394 -0.0154 14  U   A C5    
310 C C6    . U   A 14 ? 1.5010 0.9715 0.6808 -0.4777 -0.3474 -0.0090 14  U   A C6    
311 P P     . G   A 15 ? 1.9450 1.6532 1.2061 -0.5642 -0.3943 0.0490  15  G   A P     
312 O OP1   . G   A 15 ? 1.6922 1.4471 0.9985 -0.5449 -0.3957 0.0453  15  G   A OP1   
313 O OP2   . G   A 15 ? 1.5257 1.2001 0.7531 -0.5766 -0.3970 0.0544  15  G   A OP2   
314 O "O5'" . G   A 15 ? 1.8294 1.5637 1.0874 -0.5904 -0.3991 0.0619  15  G   A "O5'" 
315 C "C5'" . G   A 15 ? 1.5115 1.2246 0.7591 -0.5890 -0.3932 0.0561  15  G   A "C5'" 
316 C "C4'" . G   A 15 ? 1.4711 1.2270 0.7568 -0.5778 -0.3920 0.0526  15  G   A "C4'" 
317 O "O4'" . G   A 15 ? 1.5682 1.3284 0.8845 -0.5440 -0.3858 0.0363  15  G   A "O4'" 
318 C "C3'" . G   A 15 ? 1.4809 1.2212 0.7550 -0.5819 -0.3875 0.0497  15  G   A "C3'" 
319 O "O3'" . G   A 15 ? 1.7278 1.4789 0.9833 -0.6138 -0.3934 0.0655  15  G   A "O3'" 
320 C "C2'" . G   A 15 ? 1.4295 1.2059 0.7466 -0.5593 -0.3843 0.0403  15  G   A "C2'" 
321 O "O2'" . G   A 15 ? 1.4172 1.2521 0.7611 -0.5726 -0.3915 0.0536  15  G   A "O2'" 
322 C "C1'" . G   A 15 ? 1.5369 1.3100 0.8733 -0.5319 -0.3811 0.0283  15  G   A "C1'" 
323 N N9    . G   A 15 ? 1.3872 1.1155 0.7146 -0.5078 -0.3707 0.0105  15  G   A N9    
324 C C8    . G   A 15 ? 1.4057 1.0862 0.7067 -0.5010 -0.3666 0.0051  15  G   A C8    
325 N N7    . G   A 15 ? 1.4014 1.0461 0.6940 -0.4835 -0.3583 -0.0070 15  G   A N7    
326 C C5    . G   A 15 ? 1.3754 1.0466 0.6919 -0.4767 -0.3563 -0.0117 15  G   A C5    
327 C C6    . G   A 15 ? 1.3615 1.0126 0.6804 -0.4586 -0.3481 -0.0242 15  G   A C6    
328 O O6    . G   A 15 ? 1.3704 0.9769 0.6706 -0.4453 -0.3410 -0.0326 15  G   A O6    
329 N N1    . G   A 15 ? 1.3355 1.0246 0.6819 -0.4565 -0.3485 -0.0260 15  G   A N1    
330 C C2    . G   A 15 ? 1.3927 1.1327 0.7612 -0.4702 -0.3558 -0.0158 15  G   A C2    
331 N N2    . G   A 15 ? 1.4045 1.1719 0.7957 -0.4657 -0.3547 -0.0188 15  G   A N2    
332 N N3    . G   A 15 ? 1.3429 1.1012 0.7066 -0.4900 -0.3641 -0.0014 15  G   A N3    
333 C C4    . G   A 15 ? 1.3637 1.0874 0.7035 -0.4901 -0.3634 -0.0018 15  G   A C4    
334 P P     . G   A 16 ? 1.8287 1.5264 1.0354 -0.6328 -0.3907 0.0681  16  G   A P     
335 O OP1   . G   A 16 ? 1.8918 1.5960 1.0739 -0.6680 -0.3988 0.0860  16  G   A OP1   
336 O OP2   . G   A 16 ? 2.0425 1.6818 1.2244 -0.6167 -0.3837 0.0566  16  G   A OP2   
337 O "O5'" . G   A 16 ? 1.5494 1.2610 0.7716 -0.6265 -0.3867 0.0632  16  G   A "O5'" 
338 C "C5'" . G   A 16 ? 1.5081 1.2797 0.7747 -0.6201 -0.3892 0.0649  16  G   A "C5'" 
339 C "C4'" . G   A 16 ? 1.5911 1.3654 0.8770 -0.5997 -0.3825 0.0523  16  G   A "C4'" 
340 O "O4'" . G   A 16 ? 1.6658 1.4275 0.9711 -0.5655 -0.3757 0.0344  16  G   A "O4'" 
341 C "C3'" . G   A 16 ? 1.5096 1.2404 0.7606 -0.6087 -0.3780 0.0505  16  G   A "C3'" 
342 O "O3'" . G   A 16 ? 1.6396 1.3857 0.8777 -0.6375 -0.3827 0.0645  16  G   A "O3'" 
343 C "C2'" . G   A 16 ? 1.4660 1.2008 0.7445 -0.5785 -0.3707 0.0340  16  G   A "C2'" 
344 O "O2'" . G   A 16 ? 1.4322 1.2228 0.7492 -0.5765 -0.3732 0.0366  16  G   A "O2'" 
345 C "C1'" . G   A 16 ? 1.4330 1.1684 0.7326 -0.5523 -0.3683 0.0230  16  G   A "C1'" 
346 N N9    . G   A 16 ? 1.4554 1.1302 0.7222 -0.5433 -0.3625 0.0150  16  G   A N9    
347 C C8    . G   A 16 ? 1.4876 1.1283 0.7247 -0.5518 -0.3640 0.0196  16  G   A C8    
348 N N7    . G   A 16 ? 1.5009 1.0902 0.7139 -0.5392 -0.3574 0.0111  16  G   A N7    
349 C C5    . G   A 16 ? 1.4764 1.0658 0.7041 -0.5214 -0.3510 0.0001  16  G   A C5    
350 C C6    . G   A 16 ? 1.4768 1.0238 0.6914 -0.5021 -0.3423 -0.0114 16  G   A C6    
351 O O6    . G   A 16 ? 1.5659 1.0649 0.7522 -0.4962 -0.3380 -0.0138 16  G   A O6    
352 N N1    . G   A 16 ? 1.4466 1.0132 0.6853 -0.4884 -0.3385 -0.0202 16  G   A N1    
353 C C2    . G   A 16 ? 1.4204 1.0384 0.6906 -0.4925 -0.3423 -0.0180 16  G   A C2    
354 N N2    . G   A 16 ? 1.6808 1.3088 0.9698 -0.4772 -0.3375 -0.0278 16  G   A N2    
355 N N3    . G   A 16 ? 1.4194 1.0773 0.7024 -0.5099 -0.3501 -0.0067 16  G   A N3    
356 C C4    . G   A 16 ? 1.4480 1.0893 0.7087 -0.5236 -0.3542 0.0018  16  G   A C4    
357 P P     . U   A 17 ? 1.7857 1.4775 0.9678 -0.6637 -0.3818 0.0715  17  U   A P     
358 O OP1   . U   A 17 ? 2.0614 1.7835 1.2454 -0.6863 -0.3855 0.0829  17  U   A OP1   
359 O OP2   . U   A 17 ? 1.7711 1.4214 0.9139 -0.6785 -0.3839 0.0773  17  U   A OP2   
360 O "O5'" . U   A 17 ? 1.5931 1.2430 0.7659 -0.6411 -0.3726 0.0561  17  U   A "O5'" 
361 C "C5'" . U   A 17 ? 1.6393 1.2246 0.7636 -0.6483 -0.3688 0.0556  17  U   A "C5'" 
362 C "C4'" . U   A 17 ? 1.7740 1.3279 0.8997 -0.6199 -0.3598 0.0399  17  U   A "C4'" 
363 O "O4'" . U   A 17 ? 1.8133 1.3799 0.9706 -0.5908 -0.3574 0.0282  17  U   A "O4'" 
364 C "C3'" . U   A 17 ? 1.9365 1.4210 1.0113 -0.6246 -0.3550 0.0397  17  U   A "C3'" 
365 O "O3'" . U   A 17 ? 2.1120 1.5726 1.1541 -0.6450 -0.3542 0.0464  17  U   A "O3'" 
366 C "C2'" . U   A 17 ? 1.7027 1.1716 0.7948 -0.5889 -0.3470 0.0230  17  U   A "C2'" 
367 O "O2'" . U   A 17 ? 1.6049 1.0903 0.7183 -0.5754 -0.3431 0.0148  17  U   A "O2'" 
368 C "C1'" . U   A 17 ? 1.7623 1.2763 0.8973 -0.5737 -0.3502 0.0187  17  U   A "C1'" 
369 N N1    . U   A 17 ? 1.6716 1.1624 0.7878 -0.5778 -0.3522 0.0227  17  U   A N1    
370 C C2    . U   A 17 ? 1.6612 1.1050 0.7591 -0.5600 -0.3457 0.0148  17  U   A C2    
371 O O2    . U   A 17 ? 1.6741 1.0958 0.7716 -0.5406 -0.3384 0.0047  17  U   A O2    
372 N N3    . U   A 17 ? 1.6339 1.0591 0.7149 -0.5654 -0.3482 0.0194  17  U   A N3    
373 C C4    . U   A 17 ? 1.6481 1.0952 0.7274 -0.5866 -0.3564 0.0307  17  U   A C4    
374 O O4    . U   A 17 ? 1.6669 1.0911 0.7285 -0.5892 -0.3577 0.0335  17  U   A O4    
375 C C5    . U   A 17 ? 1.6397 1.1362 0.7390 -0.6040 -0.3627 0.0387  17  U   A C5    
376 C C6    . U   A 17 ? 1.6203 1.1358 0.7364 -0.5989 -0.3604 0.0347  17  U   A C6    
377 P P     . C   A 18 ? 2.0605 1.4840 1.0493 -0.6811 -0.3581 0.0620  18  C   A P     
378 O OP1   . C   A 18 ? 1.8668 1.3128 0.8513 -0.7061 -0.3618 0.0718  18  C   A OP1   
379 O OP2   . C   A 18 ? 1.7884 1.2106 0.7707 -0.6888 -0.3628 0.0677  18  C   A OP2   
380 O "O5'" . C   A 18 ? 1.8106 1.1653 0.7570 -0.6742 -0.3503 0.0573  18  C   A "O5'" 
381 C "C5'" . C   A 18 ? 1.8534 1.1586 0.7590 -0.6825 -0.3497 0.0622  18  C   A "C5'" 
382 C "C4'" . C   A 18 ? 1.8539 1.1116 0.7445 -0.6578 -0.3409 0.0520  18  C   A "C4'" 
383 O "O4'" . C   A 18 ? 1.9604 1.2290 0.8794 -0.6312 -0.3395 0.0427  18  C   A "O4'" 
384 C "C3'" . C   A 18 ? 1.9188 1.1100 0.7507 -0.6723 -0.3383 0.0593  18  C   A "C3'" 
385 O "O3'" . C   A 18 ? 1.9151 1.0679 0.7355 -0.6496 -0.3296 0.0506  18  C   A "O3'" 
386 C "C2'" . C   A 18 ? 1.9164 1.1011 0.7479 -0.6678 -0.3405 0.0600  18  C   A "C2'" 
387 O "O2'" . C   A 18 ? 2.1055 1.2283 0.8900 -0.6705 -0.3368 0.0636  18  C   A "O2'" 
388 C "C1'" . C   A 18 ? 1.9429 1.1602 0.8251 -0.6319 -0.3372 0.0453  18  C   A "C1'" 
389 N N1    . C   A 18 ? 1.8252 1.0639 0.7305 -0.6225 -0.3405 0.0433  18  C   A N1    
390 C C2    . C   A 18 ? 2.0051 1.2099 0.9027 -0.6006 -0.3352 0.0367  18  C   A C2    
391 O O2    . C   A 18 ? 2.0487 1.2091 0.9211 -0.5903 -0.3283 0.0336  18  C   A O2    
392 N N3    . C   A 18 ? 1.9998 1.2208 0.9165 -0.5915 -0.3377 0.0346  18  C   A N3    
393 C C4    . C   A 18 ? 1.9515 1.2217 0.8948 -0.6031 -0.3454 0.0388  18  C   A C4    
394 N N4    . C   A 18 ? 1.7606 1.0466 0.7228 -0.5933 -0.3477 0.0365  18  C   A N4    
395 C C5    . C   A 18 ? 2.0219 1.3284 0.9738 -0.6252 -0.3509 0.0462  18  C   A C5    
396 C C6    . C   A 18 ? 1.8060 1.0959 0.7392 -0.6341 -0.3482 0.0480  18  C   A C6    
397 P P     . U   A 19 ? 1.9506 1.0687 0.7371 -0.6593 -0.3250 0.0533  19  U   A P     
398 O OP1   . U   A 19 ? 1.9762 1.1138 0.7523 -0.6923 -0.3309 0.0643  19  U   A OP1   
399 O OP2   . U   A 19 ? 1.9951 1.0466 0.7338 -0.6569 -0.3196 0.0558  19  U   A OP2   
400 O "O5'" . U   A 19 ? 1.9914 1.1362 0.8197 -0.6283 -0.3200 0.0389  19  U   A "O5'" 
401 C "C5'" . U   A 19 ? 1.8946 1.0022 0.7117 -0.6046 -0.3116 0.0309  19  U   A "C5'" 
402 C "C4'" . U   A 19 ? 1.8311 0.9759 0.6989 -0.5725 -0.3082 0.0160  19  U   A "C4'" 
403 O "O4'" . U   A 19 ? 1.8106 0.9426 0.6883 -0.5465 -0.3043 0.0085  19  U   A "O4'" 
404 C "C3'" . U   A 19 ? 2.0690 1.2022 0.9353 -0.5600 -0.3020 0.0096  19  U   A "C3'" 
405 O "O3'" . U   A 19 ? 2.0640 1.2515 0.9798 -0.5470 -0.3029 0.0003  19  U   A "O3'" 
406 C "C2'" . U   A 19 ? 2.0098 1.1070 0.8690 -0.5316 -0.2945 0.0019  19  U   A "C2'" 
407 O "O2'" . U   A 19 ? 1.7872 0.8942 0.6705 -0.5062 -0.2889 -0.0099 19  U   A "O2'" 
408 C "C1'" . U   A 19 ? 1.7898 0.9087 0.6763 -0.5189 -0.2967 -0.0021 19  U   A "C1'" 
409 N N1    . U   A 19 ? 1.8044 0.8805 0.6696 -0.5036 -0.2920 -0.0030 19  U   A N1    
410 C C2    . U   A 19 ? 1.7948 0.8724 0.6841 -0.4703 -0.2857 -0.0151 19  U   A C2    
411 O O2    . U   A 19 ? 1.8476 0.9597 0.7754 -0.4526 -0.2836 -0.0257 19  U   A O2    
412 N N3    . U   A 19 ? 1.7852 0.8223 0.6515 -0.4583 -0.2817 -0.0139 19  U   A N3    
413 C C4    . U   A 19 ? 1.8351 0.8307 0.6576 -0.4755 -0.2835 -0.0025 19  U   A C4    
414 O O4    . U   A 19 ? 1.8463 0.8084 0.6517 -0.4612 -0.2794 -0.0024 19  U   A O4    
415 C C5    . U   A 19 ? 1.9395 0.9367 0.7399 -0.5101 -0.2900 0.0088  19  U   A C5    
416 C C6    . U   A 19 ? 1.8547 0.8915 0.6767 -0.5229 -0.2941 0.0084  19  U   A C6    
417 P P     . G   A 20 ? 2.0939 1.3194 1.0194 -0.5713 -0.3086 0.0067  20  G   A P     
418 O OP1   . G   A 20 ? 1.8281 1.0110 0.7060 -0.5920 -0.3068 0.0152  20  G   A OP1   
419 O OP2   . G   A 20 ? 1.7130 0.9924 0.6923 -0.5511 -0.3084 -0.0048 20  G   A OP2   
420 O "O5'" . G   A 20 ? 1.9895 1.2325 0.9108 -0.5964 -0.3168 0.0181  20  G   A "O5'" 
421 C "C5'" . G   A 20 ? 1.7997 1.0760 0.7246 -0.6240 -0.3237 0.0281  20  G   A "C5'" 
422 C "C4'" . G   A 20 ? 1.7512 1.0900 0.7257 -0.6184 -0.3293 0.0259  20  G   A "C4'" 
423 O "O4'" . G   A 20 ? 1.7480 1.0809 0.7239 -0.6125 -0.3309 0.0260  20  G   A "O4'" 
424 C "C3'" . G   A 20 ? 1.8396 1.2164 0.8637 -0.5879 -0.3259 0.0113  20  G   A "C3'" 
425 O "O3'" . G   A 20 ? 1.6554 1.0935 0.7192 -0.5929 -0.3323 0.0138  20  G   A "O3'" 
426 C "C2'" . G   A 20 ? 1.8668 1.2279 0.9008 -0.5609 -0.3218 0.0015  20  G   A "C2'" 
427 O "O2'" . G   A 20 ? 2.1262 1.5278 1.2106 -0.5326 -0.3199 -0.0117 20  G   A "O2'" 
428 C "C1'" . G   A 20 ? 1.8119 1.1698 0.8308 -0.5796 -0.3278 0.0121  20  G   A "C1'" 
429 N N9    . G   A 20 ? 1.8708 1.1906 0.8729 -0.5670 -0.3245 0.0091  20  G   A N9    
430 C C8    . G   A 20 ? 1.9904 1.2996 0.9717 -0.5857 -0.3296 0.0192  20  G   A C8    
431 N N7    . G   A 20 ? 1.9354 1.2096 0.9010 -0.5737 -0.3264 0.0166  20  G   A N7    
432 C C5    . G   A 20 ? 1.8561 1.1167 0.8327 -0.5452 -0.3185 0.0043  20  G   A C5    
433 C C6    . G   A 20 ? 1.7159 0.9406 0.6827 -0.5233 -0.3125 -0.0020 20  G   A C6    
434 O O6    . G   A 20 ? 1.7376 0.9374 0.6841 -0.5270 -0.3135 0.0027  20  G   A O6    
435 N N1    . G   A 20 ? 1.6882 0.9099 0.6712 -0.4972 -0.3054 -0.0137 20  G   A N1    
436 C C2    . G   A 20 ? 1.6650 0.9147 0.6701 -0.4937 -0.3045 -0.0188 20  G   A C2    
437 N N2    . G   A 20 ? 1.6410 0.8827 0.6588 -0.4671 -0.2972 -0.0302 20  G   A N2    
438 N N3    . G   A 20 ? 1.6652 0.9484 0.6794 -0.5143 -0.3101 -0.0130 20  G   A N3    
439 C C4    . G   A 20 ? 1.7588 1.0464 0.7577 -0.5401 -0.3171 -0.0010 20  G   A C4    
440 P P     . A   A 21 ? 1.7875 1.2737 0.8952 -0.5781 -0.3313 0.0054  21  A   A P     
441 O OP1   . A   A 21 ? 1.6930 1.2023 0.7935 -0.6079 -0.3371 0.0186  21  A   A OP1   
442 O OP2   . A   A 21 ? 1.5901 1.0521 0.7003 -0.5514 -0.3229 -0.0086 21  A   A OP2   
443 O "O5'" . A   A 21 ? 1.7017 1.2411 0.8600 -0.5615 -0.3345 0.0001  21  A   A "O5'" 
444 C "C5'" . A   A 21 ? 1.6686 1.2221 0.8276 -0.5746 -0.3407 0.0091  21  A   A "C5'" 
445 C "C4'" . A   A 21 ? 1.5142 1.0894 0.7093 -0.5482 -0.3396 -0.0012 21  A   A "C4'" 
446 O "O4'" . A   A 21 ? 1.5374 1.0657 0.7045 -0.5432 -0.3369 -0.0028 21  A   A "O4'" 
447 C "C3'" . A   A 21 ? 1.5407 1.1333 0.7731 -0.5151 -0.3334 -0.0183 21  A   A "C3'" 
448 O "O3'" . A   A 21 ? 1.5107 1.1506 0.7885 -0.4992 -0.3356 -0.0235 21  A   A "O3'" 
449 C "C2'" . A   A 21 ? 1.4755 1.0139 0.6837 -0.4983 -0.3261 -0.0270 21  A   A "C2'" 
450 O "O2'" . A   A 21 ? 1.4301 0.9766 0.6695 -0.4654 -0.3198 -0.0434 21  A   A "O2'" 
451 C "C1'" . A   A 21 ? 1.4999 1.0226 0.6890 -0.5101 -0.3300 -0.0187 21  A   A "C1'" 
452 N N9    . A   A 21 ? 1.5247 0.9932 0.6828 -0.5019 -0.3250 -0.0215 21  A   A N9    
453 C C8    . A   A 21 ? 1.5855 1.0305 0.7188 -0.5135 -0.3280 -0.0136 21  A   A C8    
454 N N7    . A   A 21 ? 1.5695 0.9685 0.6801 -0.5012 -0.3226 -0.0178 21  A   A N7    
455 C C5    . A   A 21 ? 1.5468 0.9405 0.6697 -0.4791 -0.3156 -0.0293 21  A   A C5    
456 C C6    . A   A 21 ? 1.5484 0.9027 0.6591 -0.4577 -0.3077 -0.0374 21  A   A C6    
457 N N6    . A   A 21 ? 1.5749 0.8869 0.6571 -0.4553 -0.3055 -0.0347 21  A   A N6    
458 N N1    . A   A 21 ? 1.7909 1.1521 0.9198 -0.4386 -0.3019 -0.0480 21  A   A N1    
459 C C2    . A   A 21 ? 1.6493 1.0530 0.8064 -0.4410 -0.3042 -0.0506 21  A   A C2    
460 N N3    . A   A 21 ? 1.4914 0.9344 0.6624 -0.4599 -0.3115 -0.0433 21  A   A N3    
461 C C4    . A   A 21 ? 1.5185 0.9540 0.6708 -0.4788 -0.3169 -0.0324 21  A   A C4    
462 P P     . G   A 22 ? 1.4458 1.1520 0.7661 -0.5024 -0.3407 -0.0198 22  G   A P     
463 O OP1   . G   A 22 ? 1.4246 1.1527 0.7373 -0.5307 -0.3491 -0.0024 22  G   A OP1   
464 O OP2   . G   A 22 ? 1.6027 1.3159 0.9314 -0.4966 -0.3373 -0.0255 22  G   A OP2   
465 O "O5'" . G   A 22 ? 1.3200 1.0609 0.6879 -0.4726 -0.3388 -0.0325 22  G   A "O5'" 
466 C "C5'" . G   A 22 ? 1.2735 1.0516 0.6817 -0.4532 -0.3363 -0.0427 22  G   A "C5'" 
467 C "C4'" . G   A 22 ? 1.3756 1.1559 0.8118 -0.4209 -0.3303 -0.0599 22  G   A "C4'" 
468 O "O4'" . G   A 22 ? 1.3100 1.1058 0.7587 -0.4195 -0.3339 -0.0568 22  G   A "O4'" 
469 C "C3'" . G   A 22 ? 1.4192 1.1454 0.8301 -0.4067 -0.3225 -0.0707 22  G   A "C3'" 
470 O "O3'" . G   A 22 ? 1.4635 1.1768 0.8731 -0.3959 -0.3167 -0.0797 22  G   A "O3'" 
471 C "C2'" . G   A 22 ? 1.2571 0.9940 0.6960 -0.3823 -0.3193 -0.0821 22  G   A "C2'" 
472 O "O2'" . G   A 22 ? 1.1559 0.9271 0.6379 -0.3581 -0.3152 -0.0963 22  G   A "O2'" 
473 C "C1'" . G   A 22 ? 1.3263 1.0964 0.7764 -0.3969 -0.3276 -0.0700 22  G   A "C1'" 
474 N N9    . G   A 22 ? 1.2966 1.0329 0.7138 -0.4096 -0.3300 -0.0618 22  G   A N9    
475 C C8    . G   A 22 ? 1.2663 1.0148 0.6726 -0.4331 -0.3380 -0.0463 22  G   A C8    
476 N N7    . G   A 22 ? 1.2960 1.0080 0.6728 -0.4392 -0.3382 -0.0427 22  G   A N7    
477 C C5    . G   A 22 ? 1.2912 0.9649 0.6597 -0.4180 -0.3297 -0.0560 22  G   A C5    
478 C C6    . G   A 22 ? 1.3148 0.9393 0.6541 -0.4129 -0.3257 -0.0583 22  G   A C6    
479 O O6    . G   A 22 ? 1.3962 0.9984 0.7098 -0.4261 -0.3290 -0.0495 22  G   A O6    
480 N N1    . G   A 22 ? 1.2993 0.8999 0.6417 -0.3889 -0.3166 -0.0720 22  G   A N1    
481 C C2    . G   A 22 ? 1.2657 0.8865 0.6352 -0.3723 -0.3119 -0.0831 22  G   A C2    
482 N N2    . G   A 22 ? 1.3007 0.8951 0.6697 -0.3503 -0.3030 -0.0953 22  G   A N2    
483 N N3    . G   A 22 ? 1.2441 0.9090 0.6397 -0.3771 -0.3157 -0.0819 22  G   A N3    
484 C C4    . G   A 22 ? 1.2582 0.9474 0.6518 -0.3997 -0.3245 -0.0679 22  G   A C4    
485 P P     . G   A 23 ? 1.6273 1.2913 0.9877 -0.4135 -0.3150 -0.0728 23  G   A P     
486 O OP1   . G   A 23 ? 1.8091 1.4865 1.1825 -0.4065 -0.3122 -0.0792 23  G   A OP1   
487 O OP2   . G   A 23 ? 1.3393 0.9927 0.6674 -0.4456 -0.3221 -0.0548 23  G   A OP2   
488 O "O5'" . G   A 23 ? 1.5578 1.1704 0.8961 -0.3967 -0.3074 -0.0814 23  G   A "O5'" 
489 C "C5'" . G   A 23 ? 1.4786 1.0781 0.8247 -0.3737 -0.2993 -0.0951 23  G   A "C5'" 
490 C "C4'" . G   A 23 ? 1.5134 1.0837 0.8563 -0.3531 -0.2928 -0.1037 23  G   A "C4'" 
491 O "O4'" . G   A 23 ? 1.6293 1.2035 0.9717 -0.3598 -0.2972 -0.0977 23  G   A "O4'" 
492 C "C3'" . G   A 23 ? 1.5665 1.0762 0.8641 -0.3546 -0.2881 -0.1006 23  G   A "C3'" 
493 O "O3'" . G   A 23 ? 1.6483 1.1455 0.9592 -0.3266 -0.2801 -0.1132 23  G   A "O3'" 
494 C "C2'" . G   A 23 ? 1.5065 0.9898 0.7709 -0.3749 -0.2930 -0.0874 23  G   A "C2'" 
495 O "O2'" . G   A 23 ? 1.3987 0.8274 0.6260 -0.3718 -0.2887 -0.0850 23  G   A "O2'" 
496 C "C1'" . G   A 23 ? 1.5052 1.0262 0.8065 -0.3647 -0.2952 -0.0920 23  G   A "C1'" 
497 N N9    . G   A 23 ? 1.5044 1.0249 0.7900 -0.3856 -0.3022 -0.0796 23  G   A N9    
498 C C8    . G   A 23 ? 1.5654 1.1196 0.8575 -0.4075 -0.3105 -0.0692 23  G   A C8    
499 N N7    . G   A 23 ? 1.6228 1.1696 0.8981 -0.4233 -0.3156 -0.0591 23  G   A N7    
500 C C5    . G   A 23 ? 1.5083 1.0137 0.7654 -0.4102 -0.3104 -0.0635 23  G   A C5    
501 C C6    . G   A 23 ? 1.4135 0.8943 0.6481 -0.4179 -0.3127 -0.0567 23  G   A C6    
502 O O6    . G   A 23 ? 1.5637 1.0565 0.7909 -0.4385 -0.3199 -0.0457 23  G   A O6    
503 N N1    . G   A 23 ? 1.4178 0.8586 0.6389 -0.3993 -0.3055 -0.0634 23  G   A N1    
504 C C2    . G   A 23 ? 1.3997 0.8277 0.6288 -0.3763 -0.2974 -0.0747 23  G   A C2    
505 N N2    . G   A 23 ? 1.4083 0.7985 0.6220 -0.3612 -0.2916 -0.0781 23  G   A N2    
506 N N3    . G   A 23 ? 1.4760 0.9272 0.7269 -0.3688 -0.2952 -0.0818 23  G   A N3    
507 C C4    . G   A 23 ? 1.5541 1.0431 0.8178 -0.3865 -0.3021 -0.0758 23  G   A C4    
508 P P     . A   A 24 ? 1.5869 1.0425 0.8745 -0.3145 -0.2725 -0.1172 24  A   A P     
509 O OP1   . A   A 24 ? 1.4761 0.9654 0.7952 -0.3031 -0.2701 -0.1275 24  A   A OP1   
510 O OP2   . A   A 24 ? 1.5390 0.9432 0.7717 -0.3356 -0.2744 -0.1034 24  A   A OP2   
511 O "O5'" . A   A 24 ? 1.5844 1.0258 0.8832 -0.2885 -0.2655 -0.1262 24  A   A "O5'" 
512 C "C5'" . A   A 24 ? 1.5148 0.9874 0.8576 -0.2620 -0.2594 -0.1417 24  A   A "C5'" 
513 C "C4'" . A   A 24 ? 1.4291 0.9077 0.7916 -0.2466 -0.2564 -0.1471 24  A   A "C4'" 
514 O "O4'" . A   A 24 ? 1.3791 0.9042 0.7927 -0.2272 -0.2522 -0.1615 24  A   A "O4'" 
515 C "C3'" . A   A 24 ? 1.4947 0.9793 0.8510 -0.2631 -0.2636 -0.1382 24  A   A "C3'" 
516 O "O3'" . A   A 24 ? 1.5281 0.9892 0.8776 -0.2520 -0.2602 -0.1386 24  A   A "O3'" 
517 C "C2'" . A   A 24 ? 1.5419 1.0851 0.9456 -0.2590 -0.2660 -0.1457 24  A   A "C2'" 
518 O "O2'" . A   A 24 ? 1.4381 0.9979 0.8530 -0.2631 -0.2702 -0.1428 24  A   A "O2'" 
519 C "C1'" . A   A 24 ? 1.6269 1.1855 1.0648 -0.2309 -0.2564 -0.1618 24  A   A "C1'" 
520 N N9    . A   A 24 ? 1.7099 1.3216 1.1918 -0.2243 -0.2563 -0.1715 24  A   A N9    
521 C C8    . A   A 24 ? 1.6682 1.3173 1.1642 -0.2389 -0.2641 -0.1674 24  A   A C8    
522 N N7    . A   A 24 ? 1.6308 1.3238 1.1685 -0.2260 -0.2614 -0.1787 24  A   A N7    
523 C C5    . A   A 24 ? 1.5477 1.2315 1.0995 -0.2030 -0.2504 -0.1914 24  A   A C5    
524 C C6    . A   A 24 ? 1.3147 1.0289 0.9062 -0.1831 -0.2414 -0.2064 24  A   A C6    
525 N N6    . A   A 24 ? 1.1981 0.9599 0.8235 -0.1819 -0.2425 -0.2126 24  A   A N6    
526 N N1    . A   A 24 ? 1.3387 1.0319 0.9324 -0.1650 -0.2307 -0.2138 24  A   A N1    
527 C C2    . A   A 24 ? 1.4211 1.0670 0.9807 -0.1648 -0.2301 -0.2069 24  A   A C2    
528 N N3    . A   A 24 ? 1.5380 1.1513 1.0582 -0.1818 -0.2380 -0.1936 24  A   A N3    
529 C C4    . A   A 24 ? 1.5811 1.2156 1.0994 -0.2013 -0.2474 -0.1865 24  A   A C4    
530 P P     . G   A 25 ? 1.8335 1.2338 1.1284 -0.2621 -0.2605 -0.1265 25  G   A P     
531 O OP1   . G   A 25 ? 1.9683 1.3407 1.2540 -0.2439 -0.2528 -0.1313 25  G   A OP1   
532 O OP2   . G   A 25 ? 1.7962 1.1870 1.0597 -0.2928 -0.2687 -0.1128 25  G   A OP2   
533 O "O5'" . G   A 25 ? 1.6442 1.0349 0.9392 -0.2560 -0.2602 -0.1252 25  G   A "O5'" 
534 C "C5'" . G   A 25 ? 1.6733 1.0976 1.0117 -0.2361 -0.2565 -0.1366 25  G   A "C5'" 
535 C "C4'" . G   A 25 ? 1.8032 1.2171 1.1322 -0.2407 -0.2594 -0.1310 25  G   A "C4'" 
536 O "O4'" . G   A 25 ? 1.8294 1.2861 1.1836 -0.2511 -0.2657 -0.1309 25  G   A "O4'" 
537 C "C3'" . G   A 25 ? 1.8037 1.1710 1.0790 -0.2624 -0.2643 -0.1157 25  G   A "C3'" 
538 O "O3'" . G   A 25 ? 1.7277 1.0473 0.9726 -0.2527 -0.2590 -0.1131 25  G   A "O3'" 
539 C "C2'" . G   A 25 ? 1.9856 1.3643 1.2630 -0.2733 -0.2701 -0.1104 25  G   A "C2'" 
540 O "O2'" . G   A 25 ? 2.0692 1.4308 1.3478 -0.2568 -0.2657 -0.1133 25  G   A "O2'" 
541 C "C1'" . G   A 25 ? 1.8500 1.2887 1.1770 -0.2690 -0.2721 -0.1192 25  G   A "C1'" 
542 N N9    . G   A 25 ? 1.4874 0.9506 0.8117 -0.2942 -0.2814 -0.1104 25  G   A N9    
543 C C8    . G   A 25 ? 1.4605 0.9543 0.7996 -0.3023 -0.2844 -0.1110 25  G   A C8    
544 N N7    . G   A 25 ? 1.4875 1.0001 0.8209 -0.3256 -0.2932 -0.1003 25  G   A N7    
545 C C5    . G   A 25 ? 1.4147 0.9078 0.7293 -0.3327 -0.2960 -0.0933 25  G   A C5    
546 C C6    . G   A 25 ? 1.3682 0.8702 0.6704 -0.3560 -0.3048 -0.0809 25  G   A C6    
547 O O6    . G   A 25 ? 1.3664 0.8971 0.6722 -0.3757 -0.3121 -0.0726 25  G   A O6    
548 N N1    . G   A 25 ? 1.4142 0.8879 0.6981 -0.3542 -0.3043 -0.0781 25  G   A N1    
549 C C2    . G   A 25 ? 1.3972 0.8395 0.6764 -0.3328 -0.2965 -0.0857 25  G   A C2    
550 N N2    . G   A 25 ? 1.4457 0.8639 0.7063 -0.3347 -0.2974 -0.0809 25  G   A N2    
551 N N3    . G   A 25 ? 1.3491 0.7843 0.6405 -0.3113 -0.2883 -0.0964 25  G   A N3    
552 C C4    . G   A 25 ? 1.4069 0.8687 0.7153 -0.3131 -0.2887 -0.0997 25  G   A C4    
553 P P     . G   A 26 ? 1.6923 0.9619 0.8801 -0.2740 -0.2620 -0.0991 26  G   A P     
554 O OP1   . G   A 26 ? 1.8591 1.0943 1.0281 -0.2590 -0.2553 -0.1004 26  G   A OP1   
555 O OP2   . G   A 26 ? 1.6300 0.9271 0.8230 -0.2955 -0.2683 -0.0958 26  G   A OP2   
556 O "O5'" . G   A 26 ? 1.5871 0.8273 0.7432 -0.2872 -0.2659 -0.0882 26  G   A "O5'" 
557 C "C5'" . G   A 26 ? 1.4886 0.7215 0.6529 -0.2698 -0.2625 -0.0915 26  G   A "C5'" 
558 C "C4'" . G   A 26 ? 1.4668 0.6936 0.6156 -0.2863 -0.2686 -0.0830 26  G   A "C4'" 
559 O "O4'" . G   A 26 ? 1.4316 0.7075 0.6135 -0.2955 -0.2742 -0.0857 26  G   A "O4'" 
560 C "C3'" . G   A 26 ? 1.5061 0.6918 0.6018 -0.3136 -0.2734 -0.0680 26  G   A "C3'" 
561 O "O3'" . G   A 26 ? 1.5397 0.6750 0.5989 -0.3070 -0.2695 -0.0627 26  G   A "O3'" 
562 C "C2'" . G   A 26 ? 1.5101 0.7160 0.6089 -0.3330 -0.2814 -0.0621 26  G   A "C2'" 
563 O "O2'" . G   A 26 ? 1.5199 0.7042 0.6067 -0.3275 -0.2807 -0.0595 26  G   A "O2'" 
564 C "C1'" . G   A 26 ? 1.4505 0.7174 0.6058 -0.3220 -0.2820 -0.0735 26  G   A "C1'" 
565 N N9    . G   A 26 ? 1.4486 0.7482 0.6136 -0.3419 -0.2884 -0.0703 26  G   A N9    
566 C C8    . G   A 26 ? 1.4286 0.7493 0.6121 -0.3374 -0.2864 -0.0764 26  G   A C8    
567 N N7    . G   A 26 ? 1.4341 0.7853 0.6251 -0.3568 -0.2930 -0.0716 26  G   A N7    
568 C C5    . G   A 26 ? 1.4504 0.8017 0.6276 -0.3755 -0.2999 -0.0618 26  G   A C5    
569 C C6    . G   A 26 ? 1.4598 0.8403 0.6387 -0.4007 -0.3089 -0.0524 26  G   A C6    
570 O O6    . G   A 26 ? 1.4523 0.8634 0.6442 -0.4118 -0.3124 -0.0504 26  G   A O6    
571 N N1    . G   A 26 ? 1.4803 0.8526 0.6441 -0.4129 -0.3137 -0.0443 26  G   A N1    
572 C C2    . G   A 26 ? 1.4910 0.8297 0.6390 -0.4024 -0.3104 -0.0453 26  G   A C2    
573 N N2    . G   A 26 ? 1.5112 0.8489 0.6462 -0.4184 -0.3166 -0.0364 26  G   A N2    
574 N N3    . G   A 26 ? 1.4821 0.7933 0.6284 -0.3786 -0.3020 -0.0535 26  G   A N3    
575 C C4    . G   A 26 ? 1.4620 0.7817 0.6235 -0.3665 -0.2971 -0.0613 26  G   A C4    
576 P P     . U   A 27 ? 1.7782 0.8657 0.7902 -0.3159 -0.2674 -0.0546 27  U   A P     
577 O OP1   . U   A 27 ? 1.8961 0.9412 0.8827 -0.3000 -0.2620 -0.0521 27  U   A OP1   
578 O OP2   . U   A 27 ? 1.5981 0.7126 0.6349 -0.3101 -0.2655 -0.0622 27  U   A OP2   
579 O "O5'" . U   A 27 ? 1.9134 0.9805 0.8851 -0.3510 -0.2748 -0.0404 27  U   A "O5'" 
580 C "C5'" . U   A 27 ? 1.7424 0.8042 0.7037 -0.3621 -0.2793 -0.0343 27  U   A "C5'" 
581 C "C4'" . U   A 27 ? 1.6803 0.7544 0.6296 -0.3944 -0.2877 -0.0252 27  U   A "C4'" 
582 O "O4'" . U   A 27 ? 1.6493 0.7807 0.6434 -0.3955 -0.2911 -0.0320 27  U   A "O4'" 
583 C "C3'" . U   A 27 ? 1.8301 0.8705 0.7346 -0.4189 -0.2892 -0.0146 27  U   A "C3'" 
584 O "O3'" . U   A 27 ? 2.0361 1.0213 0.8896 -0.4286 -0.2884 -0.0044 27  U   A "O3'" 
585 C "C2'" . U   A 27 ? 1.7328 0.8107 0.6492 -0.4449 -0.2973 -0.0101 27  U   A "C2'" 
586 O "O2'" . U   A 27 ? 1.7598 0.8314 0.6578 -0.4652 -0.3035 -0.0008 27  U   A "O2'" 
587 C "C1'" . U   A 27 ? 1.6658 0.8030 0.6426 -0.4254 -0.2975 -0.0227 27  U   A "C1'" 
588 N N1    . U   A 27 ? 1.6388 0.8068 0.6415 -0.4215 -0.2963 -0.0291 27  U   A N1    
589 C C2    . U   A 27 ? 1.6389 0.8399 0.6508 -0.4432 -0.3027 -0.0246 27  U   A C2    
590 O O2    . U   A 27 ? 1.6637 0.8691 0.6613 -0.4676 -0.3096 -0.0146 27  U   A O2    
591 N N3    . U   A 27 ? 1.6103 0.8393 0.6480 -0.4357 -0.3009 -0.0317 27  U   A N3    
592 C C4    . U   A 27 ? 1.5814 0.8093 0.6372 -0.4091 -0.2934 -0.0432 27  U   A C4    
593 O O4    . U   A 27 ? 1.5572 0.8109 0.6354 -0.4038 -0.2921 -0.0493 27  U   A O4    
594 C C5    . U   A 27 ? 1.6592 0.8540 0.7050 -0.3884 -0.2873 -0.0469 27  U   A C5    
595 C C6    . U   A 27 ? 1.6098 0.7772 0.6308 -0.3947 -0.2890 -0.0400 27  U   A C6    
596 P P     . C   A 28 ? 2.0622 0.9959 0.8698 -0.4322 -0.2835 0.0016  28  C   A P     
597 O OP1   . C   A 28 ? 2.3226 1.2018 1.0874 -0.4283 -0.2801 0.0084  28  C   A OP1   
598 O OP2   . C   A 28 ? 1.7938 0.7506 0.6333 -0.4109 -0.2787 -0.0093 28  C   A OP2   
599 O "O5'" . C   A 28 ? 1.8751 0.8047 0.6552 -0.4685 -0.2895 0.0122  28  C   A "O5'" 
600 C "C5'" . C   A 28 ? 1.8964 0.8321 0.6657 -0.4934 -0.2968 0.0205  28  C   A "C5'" 
601 C "C4'" . C   A 28 ? 1.9165 0.8683 0.6782 -0.5231 -0.3024 0.0273  28  C   A "C4'" 
602 O "O4'" . C   A 28 ? 1.8629 0.8706 0.6751 -0.5133 -0.3035 0.0179  28  C   A "O4'" 
603 C "C3'" . C   A 28 ? 2.0429 0.9507 0.7588 -0.5375 -0.2993 0.0345  28  C   A "C3'" 
604 O "O3'" . C   A 28 ? 2.1509 1.0547 0.8392 -0.5735 -0.3055 0.0462  28  C   A "O3'" 
605 C "C2'" . C   A 28 ? 2.0392 0.9759 0.7871 -0.5226 -0.2962 0.0252  28  C   A "C2'" 
606 O "O2'" . C   A 28 ? 1.9625 0.8811 0.6828 -0.5404 -0.2955 0.0308  28  C   A "O2'" 
607 C "C1'" . C   A 28 ? 1.8770 0.8790 0.6778 -0.5217 -0.3018 0.0192  28  C   A "C1'" 
608 N N1    . C   A 28 ? 1.8212 0.8613 0.6683 -0.4973 -0.2984 0.0062  28  C   A N1    
609 C C2    . C   A 28 ? 1.7974 0.8848 0.6733 -0.5076 -0.3028 0.0048  28  C   A C2    
610 O O2    . C   A 28 ? 1.8236 0.9197 0.6857 -0.5365 -0.3095 0.0148  28  C   A O2    
611 N N3    . C   A 28 ? 1.7475 0.8695 0.6650 -0.4860 -0.2997 -0.0071 28  C   A N3    
612 C C4    . C   A 28 ? 1.7223 0.8339 0.6528 -0.4560 -0.2926 -0.0172 28  C   A C4    
613 N N4    . C   A 28 ? 1.6743 0.8221 0.6458 -0.4368 -0.2898 -0.0288 28  C   A N4    
614 C C5    . C   A 28 ? 1.7460 0.8106 0.6478 -0.4449 -0.2881 -0.0154 28  C   A C5    
615 C C6    . C   A 28 ? 1.7953 0.8250 0.6555 -0.4660 -0.2912 -0.0035 28  C   A C6    
616 P P     . A   A 29 ? 2.1639 1.0030 0.7842 -0.5973 -0.3041 0.0593  29  A   A P     
617 O OP1   . A   A 29 ? 2.0954 0.8903 0.6949 -0.5742 -0.2955 0.0561  29  A   A OP1   
618 O OP2   . A   A 29 ? 2.1176 0.9608 0.7191 -0.6290 -0.3081 0.0675  29  A   A OP2   
619 O "O5'" . A   A 29 ? 2.2547 1.0824 0.8584 -0.6103 -0.3089 0.0663  29  A   A "O5'" 
620 C "C5'" . A   A 29 ? 2.2340 1.0674 0.8594 -0.5862 -0.3074 0.0599  29  A   A "C5'" 
621 C "C4'" . A   A 29 ? 2.2590 1.1354 0.9135 -0.5953 -0.3151 0.0602  29  A   A "C4'" 
622 O "O4'" . A   A 29 ? 2.1558 1.0947 0.8678 -0.5826 -0.3173 0.0506  29  A   A "O4'" 
623 C "C3'" . A   A 29 ? 2.2149 1.0933 0.8447 -0.6334 -0.3230 0.0724  29  A   A "C3'" 
624 O "O3'" . A   A 29 ? 2.3085 1.1354 0.8884 -0.6480 -0.3229 0.0819  29  A   A "O3'" 
625 C "C2'" . A   A 29 ? 2.1591 1.0991 0.8376 -0.6329 -0.3299 0.0688  29  A   A "C2'" 
626 O "O2'" . A   A 29 ? 2.1462 1.0784 0.8260 -0.6235 -0.3307 0.0680  29  A   A "O2'" 
627 C "C1'" . A   A 29 ? 2.1152 1.0942 0.8445 -0.6029 -0.3259 0.0552  29  A   A "C1'" 
628 N N9    . A   A 29 ? 2.0902 1.1111 0.8423 -0.6149 -0.3293 0.0552  29  A   A N9    
629 C C8    . A   A 29 ? 2.0076 1.0316 0.7670 -0.6070 -0.3250 0.0503  29  A   A C8    
630 N N7    . A   A 29 ? 1.9450 1.0108 0.7247 -0.6220 -0.3298 0.0523  29  A   A N7    
631 C C5    . A   A 29 ? 2.0152 1.1084 0.8017 -0.6411 -0.3379 0.0593  29  A   A C5    
632 C C6    . A   A 29 ? 1.9412 1.0834 0.7477 -0.6626 -0.3459 0.0655  29  A   A C6    
633 N N6    . A   A 29 ? 1.9279 1.1019 0.7514 -0.6700 -0.3474 0.0658  29  A   A N6    
634 N N1    . A   A 29 ? 1.9485 1.1084 0.7569 -0.6773 -0.3529 0.0722  29  A   A N1    
635 C C2    . A   A 29 ? 2.0892 1.2177 0.8805 -0.6703 -0.3516 0.0720  29  A   A C2    
636 N N3    . A   A 29 ? 2.1010 1.1816 0.8717 -0.6511 -0.3444 0.0669  29  A   A N3    
637 C C4    . A   A 29 ? 2.0761 1.1417 0.8458 -0.6368 -0.3376 0.0608  29  A   A C4    
638 P P     . C   A 30 ? 2.4561 1.2638 0.9918 -0.6899 -0.3287 0.0962  30  C   A P     
639 O OP1   . C   A 30 ? 2.3469 1.0901 0.8263 -0.6985 -0.3258 0.1043  30  C   A OP1   
640 O OP2   . C   A 30 ? 2.4628 1.2857 1.0021 -0.7006 -0.3283 0.0966  30  C   A OP2   
641 O "O5'" . C   A 30 ? 2.3560 1.2130 0.9205 -0.7042 -0.3381 0.0985  30  C   A "O5'" 
642 C "C5'" . C   A 30 ? 2.2333 1.0993 0.7786 -0.7412 -0.3456 0.1098  30  C   A "C5'" 
643 C "C4'" . C   A 30 ? 2.1916 1.1251 0.7844 -0.7458 -0.3539 0.1086  30  C   A "C4'" 
644 O "O4'" . C   A 30 ? 2.1298 1.1092 0.7738 -0.7222 -0.3519 0.0979  30  C   A "O4'" 
645 C "C3'" . C   A 30 ? 2.2199 1.1779 0.8034 -0.7828 -0.3620 0.1198  30  C   A "C3'" 
646 O "O3'" . C   A 30 ? 2.3385 1.2783 0.8916 -0.8063 -0.3673 0.1295  30  C   A "O3'" 
647 C "C2'" . C   A 30 ? 2.1598 1.1917 0.8031 -0.7751 -0.3670 0.1149  30  C   A "C2'" 
648 O "O2'" . C   A 30 ? 2.1396 1.2015 0.8059 -0.7732 -0.3729 0.1152  30  C   A "O2'" 
649 C "C1'" . C   A 30 ? 2.1085 1.1465 0.7839 -0.7378 -0.3595 0.1009  30  C   A "C1'" 
650 N N1    . C   A 30 ? 2.0990 1.1508 0.7831 -0.7391 -0.3571 0.0991  30  C   A N1    
651 C C2    . C   A 30 ? 2.1311 1.2375 0.8424 -0.7552 -0.3634 0.1031  30  C   A C2    
652 O O2    . C   A 30 ? 2.0735 1.2191 0.8029 -0.7682 -0.3711 0.1084  30  C   A O2    
653 N N3    . C   A 30 ? 2.3932 1.5092 1.1103 -0.7563 -0.3609 0.1014  30  C   A N3    
654 C C4    . C   A 30 ? 2.5133 1.5877 1.2107 -0.7421 -0.3527 0.0960  30  C   A C4    
655 N N4    . C   A 30 ? 2.4389 1.5232 1.1420 -0.7433 -0.3503 0.0943  30  C   A N4    
656 C C5    . C   A 30 ? 2.4948 1.5152 1.1653 -0.7253 -0.3463 0.0924  30  C   A C5    
657 C C6    . C   A 30 ? 2.1836 1.1942 0.8482 -0.7243 -0.3486 0.0941  30  C   A C6    
658 P P     . U   A 31 ? 2.7332 1.6196 1.2215 -0.8403 -0.3674 0.1420  31  U   A P     
659 O OP1   . U   A 31 ? 2.6175 1.4976 1.0861 -0.8611 -0.3740 0.1503  31  U   A OP1   
660 O OP2   . U   A 31 ? 2.6970 1.5237 1.1527 -0.8240 -0.3575 0.1385  31  U   A OP2   
661 O "O5'" . U   A 31 ? 2.8690 1.7889 1.3630 -0.8650 -0.3713 0.1479  31  U   A "O5'" 
662 C "C5'" . U   A 31 ? 2.7245 1.7058 1.2499 -0.8824 -0.3806 0.1528  31  U   A "C5'" 
663 C "C4'" . U   A 31 ? 2.4976 1.5170 1.0422 -0.8925 -0.3820 0.1545  31  U   A "C4'" 
664 O "O4'" . U   A 31 ? 2.2574 1.2994 0.8430 -0.8599 -0.3768 0.1421  31  U   A "O4'" 
665 C "C3'" . U   A 31 ? 2.4854 1.4664 0.9837 -0.9165 -0.3792 0.1617  31  U   A "C3'" 
666 O "O3'" . U   A 31 ? 2.5788 1.5525 1.0424 -0.9547 -0.3853 0.1749  31  U   A "O3'" 
667 C "C2'" . U   A 31 ? 2.3459 1.3692 0.8796 -0.9092 -0.3783 0.1575  31  U   A "C2'" 
668 O "O2'" . U   A 31 ? 2.4010 1.4846 0.9621 -0.9290 -0.3870 0.1644  31  U   A "O2'" 
669 C "C1'" . U   A 31 ? 2.2648 1.3084 0.8447 -0.8683 -0.3743 0.1433  31  U   A "C1'" 
670 N N1    . U   A 31 ? 2.2670 1.2634 0.8296 -0.8458 -0.3644 0.1353  31  U   A N1    
671 C C2    . U   A 31 ? 2.3732 1.3834 0.9519 -0.8371 -0.3607 0.1303  31  U   A C2    
672 O O2    . U   A 31 ? 2.2368 1.2961 0.8436 -0.8465 -0.3650 0.1321  31  U   A O2    
673 N N3    . U   A 31 ? 2.5347 1.4992 1.0953 -0.8165 -0.3517 0.1235  31  U   A N3    
674 C C4    . U   A 31 ? 2.5453 1.4541 1.0737 -0.8042 -0.3462 0.1220  31  U   A C4    
675 O O4    . U   A 31 ? 2.6623 1.5358 1.1777 -0.7853 -0.3383 0.1164  31  U   A O4    
676 C C5    . U   A 31 ? 2.3718 1.2691 0.8847 -0.8149 -0.3505 0.1277  31  U   A C5    
677 C C6    . U   A 31 ? 2.2924 1.2327 0.8226 -0.8350 -0.3594 0.1337  31  U   A C6    
678 P P     . G   A 32 ? 2.5782 1.4762 0.9730 -0.9732 -0.3817 0.1819  32  G   A P     
679 O OP1   . G   A 32 ? 2.5616 1.4102 0.9432 -0.9432 -0.3719 0.1730  32  G   A OP1   
680 O OP2   . G   A 32 ? 2.6751 1.5663 1.0366 -1.0093 -0.3840 0.1929  32  G   A OP2   
681 O "O5'" . G   A 32 ? 2.7503 1.6494 1.1391 -0.9829 -0.3881 0.1867  32  G   A "O5'" 
682 C "C5'" . G   A 32 ? 2.9010 1.8195 1.2754 -1.0195 -0.3967 0.1986  32  G   A "C5'" 
683 C "C4'" . G   A 32 ? 2.9470 1.8929 1.3413 -1.0195 -0.4039 0.2000  32  G   A "C4'" 
684 O "O4'" . G   A 32 ? 2.7991 1.7928 1.2531 -0.9863 -0.4040 0.1894  32  G   A "O4'" 
685 C "C3'" . G   A 32 ? 3.0753 2.0643 1.4725 -1.0542 -0.4142 0.2117  32  G   A "C3'" 
686 O "O3'" . G   A 32 ? 3.1749 2.1524 1.5556 -1.0650 -0.4192 0.2163  32  G   A "O3'" 
687 C "C2'" . G   A 32 ? 2.9735 2.0387 1.4360 -1.0383 -0.4184 0.2074  32  G   A "C2'" 
688 O "O2'" . G   A 32 ? 3.0216 2.1406 1.5057 -1.0570 -0.4285 0.2156  32  G   A "O2'" 
689 C "C1'" . G   A 32 ? 2.6741 1.7337 1.1648 -0.9981 -0.4134 0.1943  32  G   A "C1'" 
690 N N9    . G   A 32 ? 2.5175 1.6338 1.0675 -0.9724 -0.4131 0.1860  32  G   A N9    
691 C C8    . G   A 32 ? 2.4519 1.5763 1.0241 -0.9516 -0.4070 0.1777  32  G   A C8    
692 N N7    . G   A 32 ? 2.3052 1.4888 0.9329 -0.9324 -0.4093 0.1721  32  G   A N7    
693 C C5    . G   A 32 ? 2.4723 1.6885 1.1151 -0.9410 -0.4172 0.1773  32  G   A C5    
694 C C6    . G   A 32 ? 2.7106 1.9923 1.4067 -0.9286 -0.4228 0.1757  32  G   A C6    
695 O O6    . G   A 32 ? 2.7728 2.0988 1.5157 -0.9068 -0.4215 0.1688  32  G   A O6    
696 N N1    . G   A 32 ? 2.7389 2.0339 1.4304 -0.9443 -0.4303 0.1833  32  G   A N1    
697 C C2    . G   A 32 ? 2.8131 2.0633 1.4548 -0.9691 -0.4324 0.1912  32  G   A C2    
698 N N2    . G   A 32 ? 2.7221 1.9938 1.3674 -0.9813 -0.4402 0.1976  32  G   A N2    
699 N N3    . G   A 32 ? 2.7935 1.9820 1.3849 -0.9812 -0.4272 0.1928  32  G   A N3    
700 C C4    . G   A 32 ? 2.5379 1.7134 1.1333 -0.9656 -0.4198 0.1858  32  G   A C4    
701 P P     . C   A 33 ? 3.2075 2.2162 1.5779 -1.1049 -0.4298 0.2300  33  C   A P     
702 O OP1   . C   A 33 ? 3.1730 2.1469 1.5113 -1.1150 -0.4325 0.2336  33  C   A OP1   
703 O OP2   . C   A 33 ? 2.9077 1.9131 1.2525 -1.1334 -0.4299 0.2382  33  C   A OP2   
704 O "O5'" . C   A 33 ? 3.1176 2.2101 1.5544 -1.0932 -0.4369 0.2283  33  C   A "O5'" 
705 C "C5'" . C   A 33 ? 2.8900 2.0109 1.3576 -1.0783 -0.4415 0.2253  33  C   A "C5'" 
706 C "C4'" . C   A 33 ? 2.6679 1.8671 1.1787 -1.0889 -0.4507 0.2319  33  C   A "C4'" 
707 O "O4'" . C   A 33 ? 2.4139 1.6603 0.9813 -1.0577 -0.4486 0.2229  33  C   A "O4'" 
708 C "C3'" . C   A 33 ? 2.7674 1.9839 1.2611 -1.1243 -0.4547 0.2439  33  C   A "C3'" 
709 O "O3'" . C   A 33 ? 2.7764 2.0438 1.2833 -1.1480 -0.4651 0.2549  33  C   A "O3'" 
710 C "C2'" . C   A 33 ? 2.7426 1.9948 1.2749 -1.1065 -0.4510 0.2385  33  C   A "C2'" 
711 O "O2'" . C   A 33 ? 3.0296 2.3273 1.5719 -1.1309 -0.4562 0.2486  33  C   A "O2'" 
712 C "C1'" . C   A 33 ? 2.4038 1.6973 0.9908 -1.0721 -0.4517 0.2293  33  C   A "C1'" 
713 N N1    . C   A 33 ? 2.5063 1.8185 1.1298 -1.0429 -0.4455 0.2191  33  C   A N1    
714 C C2    . C   A 33 ? 2.5353 1.9126 1.2180 -1.0220 -0.4481 0.2153  33  C   A C2    
715 O O2    . C   A 33 ? 2.6073 2.0255 1.3115 -1.0266 -0.4555 0.2207  33  C   A O2    
716 N N3    . C   A 33 ? 2.3606 1.7536 1.0748 -0.9965 -0.4424 0.2060  33  C   A N3    
717 C C4    . C   A 33 ? 2.2544 1.6033 0.9440 -0.9925 -0.4347 0.2008  33  C   A C4    
718 N N4    . C   A 33 ? 2.2076 1.5737 0.9292 -0.9674 -0.4293 0.1913  33  C   A N4    
719 C C5    . C   A 33 ? 2.3466 1.6303 0.9766 -1.0134 -0.4319 0.2050  33  C   A C5    
720 C C6    . C   A 33 ? 2.4946 1.7627 1.0938 -1.0381 -0.4374 0.2141  33  C   A C6    
721 P P     . G   A 34 ? 2.7653 2.0418 1.2417 -1.1923 -0.4706 0.2699  34  G   A P     
722 O OP1   . G   A 34 ? 2.7735 2.0110 1.2024 -1.2184 -0.4744 0.2769  34  G   A OP1   
723 O OP2   . G   A 34 ? 2.7750 2.0323 1.2369 -1.1956 -0.4642 0.2687  34  G   A OP2   
724 O "O5'" . G   A 34 ? 2.7347 2.0981 1.2619 -1.1979 -0.4797 0.2775  34  G   A "O5'" 
725 C "C5'" . G   A 34 ? 2.8018 2.1996 1.3555 -1.1910 -0.4863 0.2787  34  G   A "C5'" 
726 C "C4'" . G   A 34 ? 2.7450 2.2190 1.3622 -1.1719 -0.4894 0.2781  34  G   A "C4'" 
727 O "O4'" . G   A 34 ? 2.7222 2.1915 1.3707 -1.1313 -0.4819 0.2635  34  G   A "O4'" 
728 C "C3'" . G   A 34 ? 2.6213 2.1429 1.2566 -1.1871 -0.4916 0.2866  34  G   A "C3'" 
729 O "O3'" . G   A 34 ? 2.6186 2.1713 1.2424 -1.2230 -0.5005 0.3020  34  G   A "O3'" 
730 C "C2'" . G   A 34 ? 2.5685 2.1476 1.2670 -1.1541 -0.4908 0.2804  34  G   A "C2'" 
731 O "O2'" . G   A 34 ? 2.5622 2.1964 1.2924 -1.1547 -0.4989 0.2870  34  G   A "O2'" 
732 C "C1'" . G   A 34 ? 2.5544 2.0868 1.2530 -1.1191 -0.4828 0.2639  34  G   A "C1'" 
733 N N9    . G   A 34 ? 2.3980 1.9073 1.0971 -1.1031 -0.4741 0.2550  34  G   A N9    
734 C C8    . G   A 34 ? 2.4352 1.8803 1.0887 -1.1102 -0.4675 0.2517  34  G   A C8    
735 N N7    . G   A 34 ? 2.5549 1.9974 1.2227 -1.0921 -0.4607 0.2439  34  G   A N7    
736 C C5    . G   A 34 ? 2.3993 1.9083 1.1250 -1.0727 -0.4631 0.2421  34  G   A C5    
737 C C6    . G   A 34 ? 2.4707 2.0080 1.2351 -1.0488 -0.4585 0.2345  34  G   A C6    
738 O O6    . G   A 34 ? 2.5300 2.0384 1.2848 -1.0393 -0.4513 0.2274  34  G   A O6    
739 N N1    . G   A 34 ? 2.3303 1.9364 1.1483 -1.0354 -0.4630 0.2361  34  G   A N1    
740 C C2    . G   A 34 ? 2.2197 1.8631 1.0526 -1.0435 -0.4709 0.2441  34  G   A C2    
741 N N2    . G   A 34 ? 2.2294 1.9383 1.1156 -1.0271 -0.4739 0.2451  34  G   A N2    
742 N N3    . G   A 34 ? 2.2234 1.8415 1.0211 -1.0660 -0.4756 0.2511  34  G   A N3    
743 C C4    . G   A 34 ? 2.3141 1.8652 1.0596 -1.0795 -0.4713 0.2493  34  G   A C4    
744 P P     . C   A 35 ? 2.5456 2.1288 1.1664 -1.2500 -0.5025 0.3132  35  C   A P     
745 O OP1   . C   A 35 ? 2.5473 2.1575 1.1521 -1.2872 -0.5121 0.3289  35  C   A OP1   
746 O OP2   . C   A 35 ? 2.7989 2.3238 1.3841 -1.2509 -0.4939 0.3071  35  C   A OP2   
747 O "O5'" . C   A 35 ? 2.4329 2.0875 1.1184 -1.2256 -0.5029 0.3118  35  C   A "O5'" 
748 C "C5'" . C   A 35 ? 2.3985 2.1181 1.1270 -1.2198 -0.5100 0.3178  35  C   A "C5'" 
749 C "C4'" . C   A 35 ? 2.3352 2.1139 1.1194 -1.1968 -0.5083 0.3162  35  C   A "C4'" 
750 O "O4'" . C   A 35 ? 2.2918 2.0435 1.0927 -1.1588 -0.4998 0.2993  35  C   A "O4'" 
751 C "C3'" . C   A 35 ? 2.3425 2.1414 1.1269 -1.2128 -0.5072 0.3231  35  C   A "C3'" 
752 O "O3'" . C   A 35 ? 2.3876 2.2355 1.1728 -1.2457 -0.5156 0.3412  35  C   A "O3'" 
753 C "C2'" . C   A 35 ? 2.2931 2.1234 1.1263 -1.1787 -0.5021 0.3147  35  C   A "C2'" 
754 O "O2'" . C   A 35 ? 2.2399 2.1412 1.1191 -1.1735 -0.5082 0.3237  35  C   A "O2'" 
755 C "C1'" . C   A 35 ? 2.3496 2.1278 1.1780 -1.1468 -0.4955 0.2969  35  C   A "C1'" 
756 N N1    . C   A 35 ? 2.5927 2.3071 1.3876 -1.1426 -0.4870 0.2869  35  C   A N1    
757 C C2    . C   A 35 ? 2.4901 2.2132 1.3097 -1.1209 -0.4805 0.2788  35  C   A C2    
758 O O2    . C   A 35 ? 2.4227 2.2061 1.2919 -1.1056 -0.4818 0.2799  35  C   A O2    
759 N N3    . C   A 35 ? 2.3319 1.9976 1.1207 -1.1168 -0.4728 0.2700  35  C   A N3    
760 C C4    . C   A 35 ? 2.3850 1.9856 1.1200 -1.1328 -0.4709 0.2695  35  C   A C4    
761 N N4    . C   A 35 ? 2.3258 1.8720 1.0323 -1.1270 -0.4628 0.2614  35  C   A N4    
762 C C5    . C   A 35 ? 2.6393 2.2280 1.3472 -1.1551 -0.4771 0.2776  35  C   A C5    
763 C C6    . C   A 35 ? 2.7052 2.3514 1.4442 -1.1592 -0.4851 0.2857  35  C   A C6    
764 P P     . C   A 36 ? 2.4190 2.2562 1.1685 -1.2812 -0.5160 0.3508  36  C   A P     
765 O OP1   . C   A 36 ? 2.4516 2.3346 1.1972 -1.3160 -0.5260 0.3695  36  C   A OP1   
766 O OP2   . C   A 36 ? 2.4704 2.2253 1.1662 -1.2868 -0.5099 0.3421  36  C   A OP2   
767 O "O5'" . C   A 36 ? 2.3771 2.2489 1.1606 -1.2672 -0.5116 0.3499  36  C   A "O5'" 
768 C "C5'" . C   A 36 ? 2.3248 2.2681 1.1632 -1.2525 -0.5145 0.3555  36  C   A "C5'" 
769 C "C4'" . C   A 36 ? 2.3025 2.2586 1.1676 -1.2323 -0.5080 0.3492  36  C   A "C4'" 
770 O "O4'" . C   A 36 ? 2.2975 2.2047 1.1633 -1.1982 -0.4994 0.3296  36  C   A "O4'" 
771 C "C3'" . C   A 36 ? 2.3504 2.2924 1.1883 -1.2551 -0.5056 0.3538  36  C   A "C3'" 
772 O "O3'" . C   A 36 ? 2.3437 2.3464 1.1945 -1.2812 -0.5120 0.3721  36  C   A "O3'" 
773 C "C2'" . C   A 36 ? 2.2888 2.2151 1.1457 -1.2240 -0.4967 0.3393  36  C   A "C2'" 
774 O "O2'" . C   A 36 ? 2.2276 2.2196 1.1338 -1.2125 -0.4974 0.3449  36  C   A "O2'" 
775 C "C1'" . C   A 36 ? 2.3322 2.2236 1.1966 -1.1907 -0.4927 0.3231  36  C   A "C1'" 
776 N N1    . C   A 36 ? 2.3596 2.1719 1.1813 -1.1852 -0.4856 0.3095  36  C   A N1    
777 C C2    . C   A 36 ? 2.2994 2.0849 1.1220 -1.1662 -0.4772 0.2978  36  C   A C2    
778 O O2    . C   A 36 ? 2.2138 2.0412 1.0732 -1.1536 -0.4757 0.2979  36  C   A O2    
779 N N3    . C   A 36 ? 2.3591 2.0714 1.1384 -1.1648 -0.4710 0.2886  36  C   A N3    
780 C C4    . C   A 36 ? 2.4100 2.0763 1.1468 -1.1807 -0.4728 0.2903  36  C   A C4    
781 N N4    . C   A 36 ? 2.4060 2.0006 1.1005 -1.1784 -0.4661 0.2820  36  C   A N4    
782 C C5    . C   A 36 ? 2.4485 2.1404 1.1841 -1.1996 -0.4813 0.3012  36  C   A C5    
783 C C6    . C   A 36 ? 2.4108 2.1758 1.1898 -1.2007 -0.4875 0.3102  36  C   A C6    
784 K K     . K   B .  ? 1.5856 1.0941 0.8249 -0.4384 -0.3282 -0.0393 101 K   A K     
785 N N1    A TFX C .  ? 1.1277 0.8522 0.6170 -0.3160 -0.3068 -0.1125 102 TFX A N1    
786 N N1    B TFX C .  ? 1.2485 0.9344 0.6495 -0.3850 -0.3408 -0.0543 102 TFX A N1    
787 S S1    A TFX C .  ? 1.1649 0.8731 0.6258 -0.3366 -0.3156 -0.0958 102 TFX A S1    
788 S S1    B TFX C .  ? 1.2118 0.9077 0.6391 -0.3642 -0.3309 -0.0707 102 TFX A S1    
789 C C2    A TFX C .  ? 1.1733 0.7502 0.5952 -0.2788 -0.2875 -0.1227 102 TFX A C2    
790 C C2    B TFX C .  ? 1.2273 1.0619 0.6885 -0.4337 -0.3607 -0.0236 102 TFX A C2    
791 N N2    A TFX C .  ? 1.1832 0.7211 0.5893 -0.2657 -0.2813 -0.1253 102 TFX A N2    
792 N N2    B TFX C .  ? 1.2254 1.1040 0.7023 -0.4503 -0.3666 -0.0111 102 TFX A N2    
793 C C3    A TFX C .  ? 1.1929 0.7859 0.6052 -0.3025 -0.2977 -0.1100 102 TFX A C3    
794 C C3    B TFX C .  ? 1.2072 1.0143 0.6719 -0.4087 -0.3507 -0.0422 102 TFX A C3    
795 C C4    A TFX C .  ? 1.1843 0.8155 0.6119 -0.3149 -0.3037 -0.1059 102 TFX A C4    
796 C C4    B TFX C .  ? 1.2086 0.9764 0.6600 -0.3930 -0.3442 -0.0528 102 TFX A C4    
797 C C5    A TFX C .  ? 1.1557 0.8088 0.6079 -0.3036 -0.2997 -0.1152 102 TFX A C5    
798 C C5    B TFX C .  ? 1.2308 0.9845 0.6639 -0.4022 -0.3482 -0.0452 102 TFX A C5    
799 C C6    A TFX C .  ? 1.1357 0.7725 0.5974 -0.2800 -0.2894 -0.1289 102 TFX A C6    
800 C C6    B TFX C .  ? 1.2516 1.0317 0.6803 -0.4273 -0.3587 -0.0273 102 TFX A C6    
801 C C7    A TFX C .  ? 1.1445 0.7438 0.5914 -0.2677 -0.2832 -0.1323 102 TFX A C7    
802 C C7    B TFX C .  ? 1.2493 1.0708 0.6928 -0.4430 -0.3648 -0.0163 102 TFX A C7    
803 C C8    A TFX C .  ? 1.1463 0.8386 0.6149 -0.3151 -0.3056 -0.1106 102 TFX A C8    
804 C C8    B TFX C .  ? 1.2337 0.9486 0.6529 -0.3875 -0.3418 -0.0543 102 TFX A C8    
805 C C9    A TFX C .  ? 1.1346 0.8977 0.6303 -0.3387 -0.3176 -0.0975 102 TFX A C9    
806 C C9    B TFX C .  ? 1.2413 0.8842 0.6346 -0.3612 -0.3294 -0.0689 102 TFX A C9    
807 C C10   A TFX C .  ? 1.1565 0.9101 0.6355 -0.3507 -0.3226 -0.0877 102 TFX A C10   
808 C C10   B TFX C .  ? 1.2207 0.8701 0.6295 -0.3498 -0.3239 -0.0780 102 TFX A C10   
809 C C11   A TFX C .  ? 1.1707 0.9529 0.6495 -0.3736 -0.3328 -0.0716 102 TFX A C11   
810 C C11   B TFX C .  ? 1.2130 0.8297 0.6180 -0.3292 -0.3137 -0.0902 102 TFX A C11   
811 C C12   A TFX C .  ? 1.1661 0.9852 0.6594 -0.3861 -0.3382 -0.0635 102 TFX A C12   
812 C C12   B TFX C .  ? 1.2258 0.8031 0.6124 -0.3196 -0.3091 -0.0926 102 TFX A C12   
813 C C13   A TFX C .  ? 1.1435 0.9712 0.6535 -0.3734 -0.3331 -0.0736 102 TFX A C13   
814 C C13   B TFX C .  ? 1.2461 0.8159 0.6170 -0.3308 -0.3146 -0.0839 102 TFX A C13   
815 C C14   A TFX C .  ? 1.1251 0.9261 0.6379 -0.3483 -0.3225 -0.0918 102 TFX A C14   
816 C C14   B TFX C .  ? 1.2537 0.8565 0.6282 -0.3517 -0.3248 -0.0724 102 TFX A C14   
817 C C15   A TFX C .  ? 1.1641 0.6865 0.5804 -0.2412 -0.2706 -0.1367 102 TFX A C15   
818 C C15   B TFX C .  ? 1.1884 1.0967 0.6984 -0.4359 -0.3635 -0.0186 102 TFX A C15   
819 C C16   A TFX C .  ? 1.2118 0.7280 0.5930 -0.2769 -0.2858 -0.1158 102 TFX A C16   
820 C C16   B TFX C .  ? 1.2605 1.1551 0.7208 -0.4818 -0.3752 0.0095  102 TFX A C16   
821 C C17   A TFX C .  ? 1.1072 0.8305 0.6095 -0.2994 -0.2993 -0.1250 102 TFX A C17   
822 C C17   B TFX C .  ? 1.2739 0.9649 0.6607 -0.4041 -0.3498 -0.0404 102 TFX A C17   
823 C C18   A TFX C .  ? 1.1857 1.0374 0.6776 -0.4138 -0.3491 -0.0429 102 TFX A C18   
824 C C18   B TFX C .  ? 1.2179 0.7617 0.6015 -0.2968 -0.2979 -0.1040 102 TFX A C18   
# 
loop_
_pdbx_poly_seq_scheme.asym_id 
_pdbx_poly_seq_scheme.entity_id 
_pdbx_poly_seq_scheme.seq_id 
_pdbx_poly_seq_scheme.mon_id 
_pdbx_poly_seq_scheme.ndb_seq_num 
_pdbx_poly_seq_scheme.pdb_seq_num 
_pdbx_poly_seq_scheme.auth_seq_num 
_pdbx_poly_seq_scheme.pdb_mon_id 
_pdbx_poly_seq_scheme.auth_mon_id 
_pdbx_poly_seq_scheme.pdb_strand_id 
_pdbx_poly_seq_scheme.pdb_ins_code 
_pdbx_poly_seq_scheme.hetero 
A 1 1  G 1  1  1  G G A . n 
A 1 2  G 2  2  2  G G A . n 
A 1 3  C 3  3  3  C C A . n 
A 1 4  G 4  4  4  G G A . n 
A 1 5  C 5  5  5  C C A . n 
A 1 6  G 6  6  6  G G A . n 
A 1 7  A 7  7  7  A A A . n 
A 1 8  G 8  8  8  G G A . n 
A 1 9  G 9  9  9  G G A . n 
A 1 10 A 10 10 10 A A A . n 
A 1 11 A 11 11 11 A A A . n 
A 1 12 G 12 12 12 G G A . n 
A 1 13 G 13 13 13 G G A . n 
A 1 14 U 14 14 14 U U A . n 
A 1 15 G 15 15 15 G G A . n 
A 1 16 G 16 16 16 G G A . n 
A 1 17 U 17 17 17 U U A . n 
A 1 18 C 18 18 18 C C A . n 
A 1 19 U 19 19 19 U U A . n 
A 1 20 G 20 20 20 G G A . n 
A 1 21 A 21 21 21 A A A . n 
A 1 22 G 22 22 22 G G A . n 
A 1 23 G 23 23 23 G G A . n 
A 1 24 A 24 24 24 A A A . n 
A 1 25 G 25 25 25 G G A . n 
A 1 26 G 26 26 26 G G A . n 
A 1 27 U 27 27 27 U U A . n 
A 1 28 C 28 28 28 C C A . n 
A 1 29 A 29 29 29 A A A . n 
A 1 30 C 30 30 30 C C A . n 
A 1 31 U 31 31 31 U U A . n 
A 1 32 G 32 32 32 G G A . n 
A 1 33 C 33 33 33 C C A . n 
A 1 34 G 34 34 34 G G A . n 
A 1 35 C 35 35 35 C C A . n 
A 1 36 C 36 36 36 C C A . n 
# 
loop_
_pdbx_nonpoly_scheme.asym_id 
_pdbx_nonpoly_scheme.entity_id 
_pdbx_nonpoly_scheme.mon_id 
_pdbx_nonpoly_scheme.ndb_seq_num 
_pdbx_nonpoly_scheme.pdb_seq_num 
_pdbx_nonpoly_scheme.auth_seq_num 
_pdbx_nonpoly_scheme.pdb_mon_id 
_pdbx_nonpoly_scheme.auth_mon_id 
_pdbx_nonpoly_scheme.pdb_strand_id 
_pdbx_nonpoly_scheme.pdb_ins_code 
B 2 K   1 101 2 K   K   A . 
C 3 TFX 1 102 1 TFX TFX A . 
# 
_pdbx_struct_assembly.id                   1 
_pdbx_struct_assembly.details              author_defined_assembly 
_pdbx_struct_assembly.method_details       ? 
_pdbx_struct_assembly.oligomeric_details   dimeric 
_pdbx_struct_assembly.oligomeric_count     2 
# 
_pdbx_struct_assembly_gen.assembly_id       1 
_pdbx_struct_assembly_gen.oper_expression   1,2 
_pdbx_struct_assembly_gen.asym_id_list      A,B,C 
# 
loop_
_pdbx_struct_oper_list.id 
_pdbx_struct_oper_list.type 
_pdbx_struct_oper_list.name 
_pdbx_struct_oper_list.symmetry_operation 
_pdbx_struct_oper_list.matrix[1][1] 
_pdbx_struct_oper_list.matrix[1][2] 
_pdbx_struct_oper_list.matrix[1][3] 
_pdbx_struct_oper_list.vector[1] 
_pdbx_struct_oper_list.matrix[2][1] 
_pdbx_struct_oper_list.matrix[2][2] 
_pdbx_struct_oper_list.matrix[2][3] 
_pdbx_struct_oper_list.vector[2] 
_pdbx_struct_oper_list.matrix[3][1] 
_pdbx_struct_oper_list.matrix[3][2] 
_pdbx_struct_oper_list.matrix[3][3] 
_pdbx_struct_oper_list.vector[3] 
1 'identity operation'         1_555  x,y,z                  1.0000000000 0.0000000000  0.0000000000 0.0000000000  0.0000000000  1.0000000000  0.0000000000  0.0000000000   0.0000000000 0.0000000000  1.0000000000  0.0000000000  
2 'crystal symmetry operation' 12_556 -x+2/3,-x+y+1/3,-z+4/3 0.6079666427 -0.2102517478 0.7656178968 -0.1162700318 -0.2102517478 -0.9725082621 -0.1001093534 -24.5964550673 0.7656178968 -0.1001093534 -0.6354583806 -6.5104138164 
# 
_pdbx_struct_special_symmetry.id              1 
_pdbx_struct_special_symmetry.PDB_model_num   1 
_pdbx_struct_special_symmetry.auth_asym_id    A 
_pdbx_struct_special_symmetry.auth_comp_id    TFX 
_pdbx_struct_special_symmetry.auth_seq_id     102 
_pdbx_struct_special_symmetry.PDB_ins_code    ? 
_pdbx_struct_special_symmetry.label_asym_id   C 
_pdbx_struct_special_symmetry.label_comp_id   TFX 
_pdbx_struct_special_symmetry.label_seq_id    . 
# 
loop_
_pdbx_struct_conn_angle.id 
_pdbx_struct_conn_angle.ptnr1_label_atom_id 
_pdbx_struct_conn_angle.ptnr1_label_alt_id 
_pdbx_struct_conn_angle.ptnr1_label_asym_id 
_pdbx_struct_conn_angle.ptnr1_label_comp_id 
_pdbx_struct_conn_angle.ptnr1_label_seq_id 
_pdbx_struct_conn_angle.ptnr1_auth_atom_id 
_pdbx_struct_conn_angle.ptnr1_auth_asym_id 
_pdbx_struct_conn_angle.ptnr1_auth_comp_id 
_pdbx_struct_conn_angle.ptnr1_auth_seq_id 
_pdbx_struct_conn_angle.ptnr1_PDB_ins_code 
_pdbx_struct_conn_angle.ptnr1_symmetry 
_pdbx_struct_conn_angle.ptnr2_label_atom_id 
_pdbx_struct_conn_angle.ptnr2_label_alt_id 
_pdbx_struct_conn_angle.ptnr2_label_asym_id 
_pdbx_struct_conn_angle.ptnr2_label_comp_id 
_pdbx_struct_conn_angle.ptnr2_label_seq_id 
_pdbx_struct_conn_angle.ptnr2_auth_atom_id 
_pdbx_struct_conn_angle.ptnr2_auth_asym_id 
_pdbx_struct_conn_angle.ptnr2_auth_comp_id 
_pdbx_struct_conn_angle.ptnr2_auth_seq_id 
_pdbx_struct_conn_angle.ptnr2_PDB_ins_code 
_pdbx_struct_conn_angle.ptnr2_symmetry 
_pdbx_struct_conn_angle.ptnr3_label_atom_id 
_pdbx_struct_conn_angle.ptnr3_label_alt_id 
_pdbx_struct_conn_angle.ptnr3_label_asym_id 
_pdbx_struct_conn_angle.ptnr3_label_comp_id 
_pdbx_struct_conn_angle.ptnr3_label_seq_id 
_pdbx_struct_conn_angle.ptnr3_auth_atom_id 
_pdbx_struct_conn_angle.ptnr3_auth_asym_id 
_pdbx_struct_conn_angle.ptnr3_auth_comp_id 
_pdbx_struct_conn_angle.ptnr3_auth_seq_id 
_pdbx_struct_conn_angle.ptnr3_PDB_ins_code 
_pdbx_struct_conn_angle.ptnr3_symmetry 
_pdbx_struct_conn_angle.value 
_pdbx_struct_conn_angle.value_esd 
1  O6 ? A G 15 ? A G 15 ? 1_555 K ? B K . ? A K 101 ? 1_555 O6 ? A G 16 ? A G 16 ? 1_555 97.6  ? 
2  O6 ? A G 15 ? A G 15 ? 1_555 K ? B K . ? A K 101 ? 1_555 O6 ? A G 22 ? A G 22 ? 1_555 77.0  ? 
3  O6 ? A G 16 ? A G 16 ? 1_555 K ? B K . ? A K 101 ? 1_555 O6 ? A G 22 ? A G 22 ? 1_555 80.2  ? 
4  O6 ? A G 15 ? A G 15 ? 1_555 K ? B K . ? A K 101 ? 1_555 O6 ? A G 25 ? A G 25 ? 1_555 103.0 ? 
5  O6 ? A G 16 ? A G 16 ? 1_555 K ? B K . ? A K 101 ? 1_555 O6 ? A G 25 ? A G 25 ? 1_555 133.8 ? 
6  O6 ? A G 22 ? A G 22 ? 1_555 K ? B K . ? A K 101 ? 1_555 O6 ? A G 25 ? A G 25 ? 1_555 65.2  ? 
7  O6 ? A G 15 ? A G 15 ? 1_555 K ? B K . ? A K 101 ? 1_555 O6 ? A G 26 ? A G 26 ? 1_555 157.7 ? 
8  O6 ? A G 16 ? A G 16 ? 1_555 K ? B K . ? A K 101 ? 1_555 O6 ? A G 26 ? A G 26 ? 1_555 104.0 ? 
9  O6 ? A G 22 ? A G 22 ? 1_555 K ? B K . ? A K 101 ? 1_555 O6 ? A G 26 ? A G 26 ? 1_555 112.0 ? 
10 O6 ? A G 25 ? A G 25 ? 1_555 K ? B K . ? A K 101 ? 1_555 O6 ? A G 26 ? A G 26 ? 1_555 65.6  ? 
# 
loop_
_pdbx_audit_revision_history.ordinal 
_pdbx_audit_revision_history.data_content_type 
_pdbx_audit_revision_history.major_revision 
_pdbx_audit_revision_history.minor_revision 
_pdbx_audit_revision_history.revision_date 
1 'Structure model' 1 0 2019-07-31 
2 'Structure model' 1 1 2019-08-28 
3 'Structure model' 1 2 2023-10-11 
# 
_pdbx_audit_revision_details.ordinal             1 
_pdbx_audit_revision_details.revision_ordinal    1 
_pdbx_audit_revision_details.data_content_type   'Structure model' 
_pdbx_audit_revision_details.provider            repository 
_pdbx_audit_revision_details.type                'Initial release' 
_pdbx_audit_revision_details.description         ? 
_pdbx_audit_revision_details.details             ? 
# 
loop_
_pdbx_audit_revision_group.ordinal 
_pdbx_audit_revision_group.revision_ordinal 
_pdbx_audit_revision_group.data_content_type 
_pdbx_audit_revision_group.group 
1 2 'Structure model' 'Data collection'        
2 2 'Structure model' 'Database references'    
3 3 'Structure model' 'Data collection'        
4 3 'Structure model' 'Database references'    
5 3 'Structure model' 'Refinement description' 
# 
loop_
_pdbx_audit_revision_category.ordinal 
_pdbx_audit_revision_category.revision_ordinal 
_pdbx_audit_revision_category.data_content_type 
_pdbx_audit_revision_category.category 
1 2 'Structure model' citation                      
2 3 'Structure model' chem_comp_atom                
3 3 'Structure model' chem_comp_bond                
4 3 'Structure model' database_2                    
5 3 'Structure model' pdbx_initial_refinement_model 
# 
loop_
_pdbx_audit_revision_item.ordinal 
_pdbx_audit_revision_item.revision_ordinal 
_pdbx_audit_revision_item.data_content_type 
_pdbx_audit_revision_item.item 
1 2 'Structure model' '_citation.journal_volume'            
2 2 'Structure model' '_citation.page_first'                
3 3 'Structure model' '_database_2.pdbx_DOI'                
4 3 'Structure model' '_database_2.pdbx_database_accession' 
# 
_pdbx_refine_tls.pdbx_refine_id   'X-RAY DIFFRACTION' 
_pdbx_refine_tls.id               1 
_pdbx_refine_tls.details          ? 
_pdbx_refine_tls.method           refined 
_pdbx_refine_tls.origin_x         0.0067 
_pdbx_refine_tls.origin_y         0.0975 
_pdbx_refine_tls.origin_z         0.0561 
_pdbx_refine_tls.T[1][1]          2.0099 
_pdbx_refine_tls.T[2][2]          1.1441 
_pdbx_refine_tls.T[3][3]          0.3923 
_pdbx_refine_tls.T[1][2]          -1.0097 
_pdbx_refine_tls.T[1][3]          -0.7060 
_pdbx_refine_tls.T[2][3]          -0.1069 
_pdbx_refine_tls.L[1][1]          0.3046 
_pdbx_refine_tls.L[2][2]          0.3953 
_pdbx_refine_tls.L[3][3]          0.9078 
_pdbx_refine_tls.L[1][2]          -0.0877 
_pdbx_refine_tls.L[1][3]          -0.4610 
_pdbx_refine_tls.L[2][3]          -0.1809 
_pdbx_refine_tls.S[1][1]          0.1017 
_pdbx_refine_tls.S[2][2]          -0.4392 
_pdbx_refine_tls.S[3][3]          0.4200 
_pdbx_refine_tls.S[1][2]          -0.2113 
_pdbx_refine_tls.S[1][3]          -0.2434 
_pdbx_refine_tls.S[2][3]          -0.3936 
_pdbx_refine_tls.S[2][1]          0.5955 
_pdbx_refine_tls.S[3][1]          -1.4428 
_pdbx_refine_tls.S[3][2]          1.3440 
# 
loop_
_pdbx_refine_tls_group.pdbx_refine_id 
_pdbx_refine_tls_group.id 
_pdbx_refine_tls_group.refine_tls_id 
_pdbx_refine_tls_group.beg_auth_asym_id 
_pdbx_refine_tls_group.beg_auth_seq_id 
_pdbx_refine_tls_group.end_auth_asym_id 
_pdbx_refine_tls_group.end_auth_seq_id 
_pdbx_refine_tls_group.selection_details 
_pdbx_refine_tls_group.beg_label_asym_id 
_pdbx_refine_tls_group.beg_label_seq_id 
_pdbx_refine_tls_group.end_label_asym_id 
_pdbx_refine_tls_group.end_label_seq_id 
_pdbx_refine_tls_group.selection 
'X-RAY DIFFRACTION' 1 1 A 1 A 36 all ? ? ? ? ? 
'X-RAY DIFFRACTION' 2 1 D 2 D 2  all ? ? ? ? ? 
'X-RAY DIFFRACTION' 3 1 B 1 B 1  all ? ? ? ? ? 
# 
_pdbx_phasing_MR.entry_id                     6E82 
_pdbx_phasing_MR.method_rotation              ? 
_pdbx_phasing_MR.method_translation           ? 
_pdbx_phasing_MR.model_details                ? 
_pdbx_phasing_MR.R_factor                     ? 
_pdbx_phasing_MR.R_rigid_body                 ? 
_pdbx_phasing_MR.correlation_coeff_Fo_to_Fc   ? 
_pdbx_phasing_MR.correlation_coeff_Io_to_Ic   ? 
_pdbx_phasing_MR.d_res_high_rotation          3.000 
_pdbx_phasing_MR.d_res_low_rotation           38.280 
_pdbx_phasing_MR.d_res_high_translation       3.000 
_pdbx_phasing_MR.d_res_low_translation        38.280 
_pdbx_phasing_MR.packing                      ? 
_pdbx_phasing_MR.reflns_percent_rotation      ? 
_pdbx_phasing_MR.reflns_percent_translation   ? 
_pdbx_phasing_MR.sigma_F_rotation             ? 
_pdbx_phasing_MR.sigma_F_translation          ? 
_pdbx_phasing_MR.sigma_I_rotation             ? 
_pdbx_phasing_MR.sigma_I_translation          ? 
# 
_phasing.method   MR 
# 
loop_
_software.citation_id 
_software.classification 
_software.compiler_name 
_software.compiler_version 
_software.contact_author 
_software.contact_author_email 
_software.date 
_software.description 
_software.dependencies 
_software.hardware 
_software.language 
_software.location 
_software.mods 
_software.name 
_software.os 
_software.os_version 
_software.type 
_software.version 
_software.pdbx_ordinal 
? refinement        ? ? ? ? ? ? ? ? ? ? ? PHENIX      ? ? ? .      1 
? 'data scaling'    ? ? ? ? ? ? ? ? ? ? ? Aimless     ? ? ? 0.5.27 2 
? phasing           ? ? ? ? ? ? ? ? ? ? ? PHASER      ? ? ? 2.7.16 3 
? 'data extraction' ? ? ? ? ? ? ? ? ? ? ? PDB_EXTRACT ? ? ? 3.24   4 
? 'data reduction'  ? ? ? ? ? ? ? ? ? ? ? DIALS       ? ? ? .      5 
# 
loop_
_pdbx_validate_close_contact.id 
_pdbx_validate_close_contact.PDB_model_num 
_pdbx_validate_close_contact.auth_atom_id_1 
_pdbx_validate_close_contact.auth_asym_id_1 
_pdbx_validate_close_contact.auth_comp_id_1 
_pdbx_validate_close_contact.auth_seq_id_1 
_pdbx_validate_close_contact.PDB_ins_code_1 
_pdbx_validate_close_contact.label_alt_id_1 
_pdbx_validate_close_contact.auth_atom_id_2 
_pdbx_validate_close_contact.auth_asym_id_2 
_pdbx_validate_close_contact.auth_comp_id_2 
_pdbx_validate_close_contact.auth_seq_id_2 
_pdbx_validate_close_contact.PDB_ins_code_2 
_pdbx_validate_close_contact.label_alt_id_2 
_pdbx_validate_close_contact.dist 
1 1 "O2'" A A 10 ? ? "O2'" A G 26 ? ? 1.96 
2 1 O6    A G 12 ? ? N1    A G 25 ? ? 2.06 
3 1 N3    A G 8  ? ? N2    A G 13 ? ? 2.12 
4 1 O6    A G 9  ? ? N4    A C 18 ? ? 2.16 
# 
loop_
_pdbx_validate_rmsd_angle.id 
_pdbx_validate_rmsd_angle.PDB_model_num 
_pdbx_validate_rmsd_angle.auth_atom_id_1 
_pdbx_validate_rmsd_angle.auth_asym_id_1 
_pdbx_validate_rmsd_angle.auth_comp_id_1 
_pdbx_validate_rmsd_angle.auth_seq_id_1 
_pdbx_validate_rmsd_angle.PDB_ins_code_1 
_pdbx_validate_rmsd_angle.label_alt_id_1 
_pdbx_validate_rmsd_angle.auth_atom_id_2 
_pdbx_validate_rmsd_angle.auth_asym_id_2 
_pdbx_validate_rmsd_angle.auth_comp_id_2 
_pdbx_validate_rmsd_angle.auth_seq_id_2 
_pdbx_validate_rmsd_angle.PDB_ins_code_2 
_pdbx_validate_rmsd_angle.label_alt_id_2 
_pdbx_validate_rmsd_angle.auth_atom_id_3 
_pdbx_validate_rmsd_angle.auth_asym_id_3 
_pdbx_validate_rmsd_angle.auth_comp_id_3 
_pdbx_validate_rmsd_angle.auth_seq_id_3 
_pdbx_validate_rmsd_angle.PDB_ins_code_3 
_pdbx_validate_rmsd_angle.label_alt_id_3 
_pdbx_validate_rmsd_angle.angle_value 
_pdbx_validate_rmsd_angle.angle_target_value 
_pdbx_validate_rmsd_angle.angle_deviation 
_pdbx_validate_rmsd_angle.angle_standard_deviation 
_pdbx_validate_rmsd_angle.linker_flag 
1  1 C6    A G 13 ? ? N1    A G 13 ? ? C2    A G 13 ? ? 129.67 125.10 4.57  0.60 N 
2  1 N3    A G 13 ? ? C4    A G 13 ? ? N9    A G 13 ? ? 121.81 126.00 -4.19 0.60 N 
3  1 N1    A G 13 ? ? C2    A G 13 ? ? N2    A G 13 ? ? 121.66 116.20 5.46  0.90 N 
4  1 C6    A U 14 ? ? N1    A U 14 ? ? C2    A U 14 ? ? 114.47 121.00 -6.53 0.60 N 
5  1 C5    A U 14 ? ? C6    A U 14 ? ? N1    A U 14 ? ? 126.19 122.70 3.49  0.50 N 
6  1 N1    A U 14 ? ? C2    A U 14 ? ? O2    A U 14 ? ? 127.25 122.80 4.45  0.70 N 
7  1 N3    A U 14 ? ? C2    A U 14 ? ? O2    A U 14 ? ? 114.79 122.20 -7.41 0.70 N 
8  1 N3    A G 20 ? ? C4    A G 20 ? ? C5    A G 20 ? ? 125.52 128.60 -3.08 0.50 N 
9  1 N3    A G 20 ? ? C4    A G 20 ? ? N9    A G 20 ? ? 131.23 126.00 5.23  0.60 N 
10 1 C6    A G 20 ? ? C5    A G 20 ? ? N7    A G 20 ? ? 124.45 130.40 -5.95 0.60 N 
11 1 N1    A G 20 ? ? C6    A G 20 ? ? O6    A G 20 ? ? 125.04 119.90 5.14  0.60 N 
12 1 C5    A G 20 ? ? C6    A G 20 ? ? O6    A G 20 ? ? 124.09 128.60 -4.51 0.60 N 
13 1 C8    A G 20 ? ? N9    A G 20 ? ? "C1'" A G 20 ? ? 117.45 127.00 -9.55 1.30 N 
14 1 C4    A G 20 ? ? N9    A G 20 ? ? "C1'" A G 20 ? ? 136.96 126.50 10.46 1.30 N 
15 1 "O4'" A A 21 ? ? "C1'" A A 21 ? ? N9    A A 21 ? ? 114.05 108.50 5.55  0.70 N 
16 1 C5    A A 21 ? ? N7    A A 21 ? ? C8    A A 21 ? ? 100.82 103.90 -3.08 0.50 N 
17 1 N1    A A 29 ? ? C6    A A 29 ? ? N6    A A 29 ? ? 114.58 118.60 -4.02 0.60 N 
# 
loop_
_chem_comp_atom.comp_id 
_chem_comp_atom.atom_id 
_chem_comp_atom.type_symbol 
_chem_comp_atom.pdbx_aromatic_flag 
_chem_comp_atom.pdbx_stereo_config 
_chem_comp_atom.pdbx_ordinal 
A   OP3    O N N 1   
A   P      P N N 2   
A   OP1    O N N 3   
A   OP2    O N N 4   
A   "O5'"  O N N 5   
A   "C5'"  C N N 6   
A   "C4'"  C N R 7   
A   "O4'"  O N N 8   
A   "C3'"  C N S 9   
A   "O3'"  O N N 10  
A   "C2'"  C N R 11  
A   "O2'"  O N N 12  
A   "C1'"  C N R 13  
A   N9     N Y N 14  
A   C8     C Y N 15  
A   N7     N Y N 16  
A   C5     C Y N 17  
A   C6     C Y N 18  
A   N6     N N N 19  
A   N1     N Y N 20  
A   C2     C Y N 21  
A   N3     N Y N 22  
A   C4     C Y N 23  
A   HOP3   H N N 24  
A   HOP2   H N N 25  
A   "H5'"  H N N 26  
A   "H5''" H N N 27  
A   "H4'"  H N N 28  
A   "H3'"  H N N 29  
A   "HO3'" H N N 30  
A   "H2'"  H N N 31  
A   "HO2'" H N N 32  
A   "H1'"  H N N 33  
A   H8     H N N 34  
A   H61    H N N 35  
A   H62    H N N 36  
A   H2     H N N 37  
C   OP3    O N N 38  
C   P      P N N 39  
C   OP1    O N N 40  
C   OP2    O N N 41  
C   "O5'"  O N N 42  
C   "C5'"  C N N 43  
C   "C4'"  C N R 44  
C   "O4'"  O N N 45  
C   "C3'"  C N S 46  
C   "O3'"  O N N 47  
C   "C2'"  C N R 48  
C   "O2'"  O N N 49  
C   "C1'"  C N R 50  
C   N1     N N N 51  
C   C2     C N N 52  
C   O2     O N N 53  
C   N3     N N N 54  
C   C4     C N N 55  
C   N4     N N N 56  
C   C5     C N N 57  
C   C6     C N N 58  
C   HOP3   H N N 59  
C   HOP2   H N N 60  
C   "H5'"  H N N 61  
C   "H5''" H N N 62  
C   "H4'"  H N N 63  
C   "H3'"  H N N 64  
C   "HO3'" H N N 65  
C   "H2'"  H N N 66  
C   "HO2'" H N N 67  
C   "H1'"  H N N 68  
C   H41    H N N 69  
C   H42    H N N 70  
C   H5     H N N 71  
C   H6     H N N 72  
G   OP3    O N N 73  
G   P      P N N 74  
G   OP1    O N N 75  
G   OP2    O N N 76  
G   "O5'"  O N N 77  
G   "C5'"  C N N 78  
G   "C4'"  C N R 79  
G   "O4'"  O N N 80  
G   "C3'"  C N S 81  
G   "O3'"  O N N 82  
G   "C2'"  C N R 83  
G   "O2'"  O N N 84  
G   "C1'"  C N R 85  
G   N9     N Y N 86  
G   C8     C Y N 87  
G   N7     N Y N 88  
G   C5     C Y N 89  
G   C6     C N N 90  
G   O6     O N N 91  
G   N1     N N N 92  
G   C2     C N N 93  
G   N2     N N N 94  
G   N3     N N N 95  
G   C4     C Y N 96  
G   HOP3   H N N 97  
G   HOP2   H N N 98  
G   "H5'"  H N N 99  
G   "H5''" H N N 100 
G   "H4'"  H N N 101 
G   "H3'"  H N N 102 
G   "HO3'" H N N 103 
G   "H2'"  H N N 104 
G   "HO2'" H N N 105 
G   "H1'"  H N N 106 
G   H8     H N N 107 
G   H1     H N N 108 
G   H21    H N N 109 
G   H22    H N N 110 
K   K      K N N 111 
TFX N1     N Y N 112 
TFX S1     S Y N 113 
TFX C2     C Y N 114 
TFX N2     N N N 115 
TFX C3     C Y N 116 
TFX C4     C Y N 117 
TFX C5     C Y N 118 
TFX C6     C Y N 119 
TFX C7     C Y N 120 
TFX C8     C Y N 121 
TFX C9     C Y N 122 
TFX C10    C Y N 123 
TFX C11    C Y N 124 
TFX C12    C Y N 125 
TFX C13    C Y N 126 
TFX C14    C Y N 127 
TFX C15    C N N 128 
TFX C16    C N N 129 
TFX C17    C N N 130 
TFX C18    C N N 131 
TFX H3     H N N 132 
TFX H4     H N N 133 
TFX H6     H N N 134 
TFX H7     H N N 135 
TFX H11    H N N 136 
TFX H13    H N N 137 
TFX H14    H N N 138 
TFX H15    H N N 139 
TFX H15A   H N N 140 
TFX H15B   H N N 141 
TFX H16    H N N 142 
TFX H16A   H N N 143 
TFX H16B   H N N 144 
TFX H17    H N N 145 
TFX H17A   H N N 146 
TFX H17B   H N N 147 
TFX H18    H N N 148 
TFX H18A   H N N 149 
TFX H18B   H N N 150 
U   OP3    O N N 151 
U   P      P N N 152 
U   OP1    O N N 153 
U   OP2    O N N 154 
U   "O5'"  O N N 155 
U   "C5'"  C N N 156 
U   "C4'"  C N R 157 
U   "O4'"  O N N 158 
U   "C3'"  C N S 159 
U   "O3'"  O N N 160 
U   "C2'"  C N R 161 
U   "O2'"  O N N 162 
U   "C1'"  C N R 163 
U   N1     N N N 164 
U   C2     C N N 165 
U   O2     O N N 166 
U   N3     N N N 167 
U   C4     C N N 168 
U   O4     O N N 169 
U   C5     C N N 170 
U   C6     C N N 171 
U   HOP3   H N N 172 
U   HOP2   H N N 173 
U   "H5'"  H N N 174 
U   "H5''" H N N 175 
U   "H4'"  H N N 176 
U   "H3'"  H N N 177 
U   "HO3'" H N N 178 
U   "H2'"  H N N 179 
U   "HO2'" H N N 180 
U   "H1'"  H N N 181 
U   H3     H N N 182 
U   H5     H N N 183 
U   H6     H N N 184 
# 
loop_
_chem_comp_bond.comp_id 
_chem_comp_bond.atom_id_1 
_chem_comp_bond.atom_id_2 
_chem_comp_bond.value_order 
_chem_comp_bond.pdbx_aromatic_flag 
_chem_comp_bond.pdbx_stereo_config 
_chem_comp_bond.pdbx_ordinal 
A   OP3   P      sing N N 1   
A   OP3   HOP3   sing N N 2   
A   P     OP1    doub N N 3   
A   P     OP2    sing N N 4   
A   P     "O5'"  sing N N 5   
A   OP2   HOP2   sing N N 6   
A   "O5'" "C5'"  sing N N 7   
A   "C5'" "C4'"  sing N N 8   
A   "C5'" "H5'"  sing N N 9   
A   "C5'" "H5''" sing N N 10  
A   "C4'" "O4'"  sing N N 11  
A   "C4'" "C3'"  sing N N 12  
A   "C4'" "H4'"  sing N N 13  
A   "O4'" "C1'"  sing N N 14  
A   "C3'" "O3'"  sing N N 15  
A   "C3'" "C2'"  sing N N 16  
A   "C3'" "H3'"  sing N N 17  
A   "O3'" "HO3'" sing N N 18  
A   "C2'" "O2'"  sing N N 19  
A   "C2'" "C1'"  sing N N 20  
A   "C2'" "H2'"  sing N N 21  
A   "O2'" "HO2'" sing N N 22  
A   "C1'" N9     sing N N 23  
A   "C1'" "H1'"  sing N N 24  
A   N9    C8     sing Y N 25  
A   N9    C4     sing Y N 26  
A   C8    N7     doub Y N 27  
A   C8    H8     sing N N 28  
A   N7    C5     sing Y N 29  
A   C5    C6     sing Y N 30  
A   C5    C4     doub Y N 31  
A   C6    N6     sing N N 32  
A   C6    N1     doub Y N 33  
A   N6    H61    sing N N 34  
A   N6    H62    sing N N 35  
A   N1    C2     sing Y N 36  
A   C2    N3     doub Y N 37  
A   C2    H2     sing N N 38  
A   N3    C4     sing Y N 39  
C   OP3   P      sing N N 40  
C   OP3   HOP3   sing N N 41  
C   P     OP1    doub N N 42  
C   P     OP2    sing N N 43  
C   P     "O5'"  sing N N 44  
C   OP2   HOP2   sing N N 45  
C   "O5'" "C5'"  sing N N 46  
C   "C5'" "C4'"  sing N N 47  
C   "C5'" "H5'"  sing N N 48  
C   "C5'" "H5''" sing N N 49  
C   "C4'" "O4'"  sing N N 50  
C   "C4'" "C3'"  sing N N 51  
C   "C4'" "H4'"  sing N N 52  
C   "O4'" "C1'"  sing N N 53  
C   "C3'" "O3'"  sing N N 54  
C   "C3'" "C2'"  sing N N 55  
C   "C3'" "H3'"  sing N N 56  
C   "O3'" "HO3'" sing N N 57  
C   "C2'" "O2'"  sing N N 58  
C   "C2'" "C1'"  sing N N 59  
C   "C2'" "H2'"  sing N N 60  
C   "O2'" "HO2'" sing N N 61  
C   "C1'" N1     sing N N 62  
C   "C1'" "H1'"  sing N N 63  
C   N1    C2     sing N N 64  
C   N1    C6     sing N N 65  
C   C2    O2     doub N N 66  
C   C2    N3     sing N N 67  
C   N3    C4     doub N N 68  
C   C4    N4     sing N N 69  
C   C4    C5     sing N N 70  
C   N4    H41    sing N N 71  
C   N4    H42    sing N N 72  
C   C5    C6     doub N N 73  
C   C5    H5     sing N N 74  
C   C6    H6     sing N N 75  
G   OP3   P      sing N N 76  
G   OP3   HOP3   sing N N 77  
G   P     OP1    doub N N 78  
G   P     OP2    sing N N 79  
G   P     "O5'"  sing N N 80  
G   OP2   HOP2   sing N N 81  
G   "O5'" "C5'"  sing N N 82  
G   "C5'" "C4'"  sing N N 83  
G   "C5'" "H5'"  sing N N 84  
G   "C5'" "H5''" sing N N 85  
G   "C4'" "O4'"  sing N N 86  
G   "C4'" "C3'"  sing N N 87  
G   "C4'" "H4'"  sing N N 88  
G   "O4'" "C1'"  sing N N 89  
G   "C3'" "O3'"  sing N N 90  
G   "C3'" "C2'"  sing N N 91  
G   "C3'" "H3'"  sing N N 92  
G   "O3'" "HO3'" sing N N 93  
G   "C2'" "O2'"  sing N N 94  
G   "C2'" "C1'"  sing N N 95  
G   "C2'" "H2'"  sing N N 96  
G   "O2'" "HO2'" sing N N 97  
G   "C1'" N9     sing N N 98  
G   "C1'" "H1'"  sing N N 99  
G   N9    C8     sing Y N 100 
G   N9    C4     sing Y N 101 
G   C8    N7     doub Y N 102 
G   C8    H8     sing N N 103 
G   N7    C5     sing Y N 104 
G   C5    C6     sing N N 105 
G   C5    C4     doub Y N 106 
G   C6    O6     doub N N 107 
G   C6    N1     sing N N 108 
G   N1    C2     sing N N 109 
G   N1    H1     sing N N 110 
G   C2    N2     sing N N 111 
G   C2    N3     doub N N 112 
G   N2    H21    sing N N 113 
G   N2    H22    sing N N 114 
G   N3    C4     sing N N 115 
TFX N1    C8     doub Y N 116 
TFX N1    C9     sing Y N 117 
TFX N1    C17    sing N N 118 
TFX S1    C8     sing Y N 119 
TFX S1    C10    sing Y N 120 
TFX C2    N2     sing N N 121 
TFX C2    C3     doub Y N 122 
TFX C2    C7     sing Y N 123 
TFX N2    C15    sing N N 124 
TFX N2    C16    sing N N 125 
TFX C3    C4     sing Y N 126 
TFX C4    C5     doub Y N 127 
TFX C5    C6     sing Y N 128 
TFX C5    C8     sing Y N 129 
TFX C6    C7     doub Y N 130 
TFX C9    C10    doub Y N 131 
TFX C9    C14    sing Y N 132 
TFX C10   C11    sing Y N 133 
TFX C11   C12    doub Y N 134 
TFX C12   C13    sing Y N 135 
TFX C12   C18    sing N N 136 
TFX C13   C14    doub Y N 137 
TFX C3    H3     sing N N 138 
TFX C4    H4     sing N N 139 
TFX C6    H6     sing N N 140 
TFX C7    H7     sing N N 141 
TFX C11   H11    sing N N 142 
TFX C13   H13    sing N N 143 
TFX C14   H14    sing N N 144 
TFX C15   H15    sing N N 145 
TFX C15   H15A   sing N N 146 
TFX C15   H15B   sing N N 147 
TFX C16   H16    sing N N 148 
TFX C16   H16A   sing N N 149 
TFX C16   H16B   sing N N 150 
TFX C17   H17    sing N N 151 
TFX C17   H17A   sing N N 152 
TFX C17   H17B   sing N N 153 
TFX C18   H18    sing N N 154 
TFX C18   H18A   sing N N 155 
TFX C18   H18B   sing N N 156 
U   OP3   P      sing N N 157 
U   OP3   HOP3   sing N N 158 
U   P     OP1    doub N N 159 
U   P     OP2    sing N N 160 
U   P     "O5'"  sing N N 161 
U   OP2   HOP2   sing N N 162 
U   "O5'" "C5'"  sing N N 163 
U   "C5'" "C4'"  sing N N 164 
U   "C5'" "H5'"  sing N N 165 
U   "C5'" "H5''" sing N N 166 
U   "C4'" "O4'"  sing N N 167 
U   "C4'" "C3'"  sing N N 168 
U   "C4'" "H4'"  sing N N 169 
U   "O4'" "C1'"  sing N N 170 
U   "C3'" "O3'"  sing N N 171 
U   "C3'" "C2'"  sing N N 172 
U   "C3'" "H3'"  sing N N 173 
U   "O3'" "HO3'" sing N N 174 
U   "C2'" "O2'"  sing N N 175 
U   "C2'" "C1'"  sing N N 176 
U   "C2'" "H2'"  sing N N 177 
U   "O2'" "HO2'" sing N N 178 
U   "C1'" N1     sing N N 179 
U   "C1'" "H1'"  sing N N 180 
U   N1    C2     sing N N 181 
U   N1    C6     sing N N 182 
U   C2    O2     doub N N 183 
U   C2    N3     sing N N 184 
U   N3    C4     sing N N 185 
U   N3    H3     sing N N 186 
U   C4    O4     doub N N 187 
U   C4    C5     sing N N 188 
U   C5    C6     doub N N 189 
U   C5    H5     sing N N 190 
U   C6    H6     sing N N 191 
# 
loop_
_ndb_struct_conf_na.entry_id 
_ndb_struct_conf_na.feature 
6E82 'double helix'        
6E82 'a-form double helix' 
6E82 'triple helix'        
# 
loop_
_ndb_struct_na_base_pair.model_number 
_ndb_struct_na_base_pair.i_label_asym_id 
_ndb_struct_na_base_pair.i_label_comp_id 
_ndb_struct_na_base_pair.i_label_seq_id 
_ndb_struct_na_base_pair.i_symmetry 
_ndb_struct_na_base_pair.j_label_asym_id 
_ndb_struct_na_base_pair.j_label_comp_id 
_ndb_struct_na_base_pair.j_label_seq_id 
_ndb_struct_na_base_pair.j_symmetry 
_ndb_struct_na_base_pair.shear 
_ndb_struct_na_base_pair.stretch 
_ndb_struct_na_base_pair.stagger 
_ndb_struct_na_base_pair.buckle 
_ndb_struct_na_base_pair.propeller 
_ndb_struct_na_base_pair.opening 
_ndb_struct_na_base_pair.pair_number 
_ndb_struct_na_base_pair.pair_name 
_ndb_struct_na_base_pair.i_auth_asym_id 
_ndb_struct_na_base_pair.i_auth_seq_id 
_ndb_struct_na_base_pair.i_PDB_ins_code 
_ndb_struct_na_base_pair.j_auth_asym_id 
_ndb_struct_na_base_pair.j_auth_seq_id 
_ndb_struct_na_base_pair.j_PDB_ins_code 
_ndb_struct_na_base_pair.hbond_type_28 
_ndb_struct_na_base_pair.hbond_type_12 
1 A G 1  1_555 A C 36 1_555 0.147  -0.023 0.498  -0.488  2.240   -0.308   1  A_G1:C36_A  A 1  ? A 36 ? 19 1 
1 A G 2  1_555 A C 35 1_555 -0.469 -0.854 0.282  3.028   -17.476 0.616    2  A_G2:C35_A  A 2  ? A 35 ? 19 1 
1 A C 3  1_555 A G 34 1_555 -0.455 -0.141 0.013  -5.911  -18.013 0.898    3  A_C3:G34_A  A 3  ? A 34 ? 19 1 
1 A G 4  1_555 A C 33 1_555 -1.072 -0.470 -0.586 -10.774 13.508  -4.766   4  A_G4:C33_A  A 4  ? A 33 ? 19 1 
1 A C 5  1_555 A G 32 1_555 2.431  -0.656 -0.962 9.948   13.951  -2.550   5  A_C5:G32_A  A 5  ? A 32 ? ?  1 
1 A G 9  1_555 A C 18 1_555 0.187  -0.273 0.300  -29.090 12.803  -16.276  6  A_G9:C18_A  A 9  ? A 18 ? ?  1 
1 A G 15 1_555 A G 12 1_555 -2.716 -2.908 1.231  8.710   -8.036  71.494   7  A_G15:G12_A A 15 ? A 12 ? 6  3 
1 A G 22 1_555 A G 25 1_555 1.351  3.866  1.020  -17.864 7.920   -93.288  8  A_G22:G25_A A 22 ? A 25 ? 6  3 
1 A G 23 1_555 A G 26 1_555 1.830  3.874  0.680  -5.020  6.767   -87.750  9  A_G23:G26_A A 23 ? A 26 ? 6  3 
1 A U 27 1_555 A A 21 1_555 -0.149 3.781  -0.539 -0.396  16.517  -138.659 10 A_U27:A21_A A 27 ? A 21 ? ?  ? 
1 A C 28 1_555 A G 20 1_555 0.045  -0.037 -0.310 24.287  -10.534 -134.467 11 A_C28:G20_A A 28 ? A 20 ? ?  ? 
# 
loop_
_ndb_struct_na_base_pair_step.model_number 
_ndb_struct_na_base_pair_step.i_label_asym_id_1 
_ndb_struct_na_base_pair_step.i_label_comp_id_1 
_ndb_struct_na_base_pair_step.i_label_seq_id_1 
_ndb_struct_na_base_pair_step.i_symmetry_1 
_ndb_struct_na_base_pair_step.j_label_asym_id_1 
_ndb_struct_na_base_pair_step.j_label_comp_id_1 
_ndb_struct_na_base_pair_step.j_label_seq_id_1 
_ndb_struct_na_base_pair_step.j_symmetry_1 
_ndb_struct_na_base_pair_step.i_label_asym_id_2 
_ndb_struct_na_base_pair_step.i_label_comp_id_2 
_ndb_struct_na_base_pair_step.i_label_seq_id_2 
_ndb_struct_na_base_pair_step.i_symmetry_2 
_ndb_struct_na_base_pair_step.j_label_asym_id_2 
_ndb_struct_na_base_pair_step.j_label_comp_id_2 
_ndb_struct_na_base_pair_step.j_label_seq_id_2 
_ndb_struct_na_base_pair_step.j_symmetry_2 
_ndb_struct_na_base_pair_step.shift 
_ndb_struct_na_base_pair_step.slide 
_ndb_struct_na_base_pair_step.rise 
_ndb_struct_na_base_pair_step.tilt 
_ndb_struct_na_base_pair_step.roll 
_ndb_struct_na_base_pair_step.twist 
_ndb_struct_na_base_pair_step.x_displacement 
_ndb_struct_na_base_pair_step.y_displacement 
_ndb_struct_na_base_pair_step.helical_rise 
_ndb_struct_na_base_pair_step.inclination 
_ndb_struct_na_base_pair_step.tip 
_ndb_struct_na_base_pair_step.helical_twist 
_ndb_struct_na_base_pair_step.step_number 
_ndb_struct_na_base_pair_step.step_name 
_ndb_struct_na_base_pair_step.i_auth_asym_id_1 
_ndb_struct_na_base_pair_step.i_auth_seq_id_1 
_ndb_struct_na_base_pair_step.i_PDB_ins_code_1 
_ndb_struct_na_base_pair_step.j_auth_asym_id_1 
_ndb_struct_na_base_pair_step.j_auth_seq_id_1 
_ndb_struct_na_base_pair_step.j_PDB_ins_code_1 
_ndb_struct_na_base_pair_step.i_auth_asym_id_2 
_ndb_struct_na_base_pair_step.i_auth_seq_id_2 
_ndb_struct_na_base_pair_step.i_PDB_ins_code_2 
_ndb_struct_na_base_pair_step.j_auth_asym_id_2 
_ndb_struct_na_base_pair_step.j_auth_seq_id_2 
_ndb_struct_na_base_pair_step.j_PDB_ins_code_2 
1 A G 1  1_555 A C 36 1_555 A G 2  1_555 A C 35 1_555 -0.152 -2.147 3.120 1.345  5.009  28.250  -5.340 0.578  2.697 10.155 -2.727  
28.713  1 AA_G1G2:C35C36_AA   A 1  ? A 36 ? A 2  ? A 35 ? 
1 A G 2  1_555 A C 35 1_555 A C 3  1_555 A G 34 1_555 -0.017 -1.328 3.610 3.648  7.531  36.393  -3.137 0.540  3.263 11.867 -5.747  
37.310  2 AA_G2C3:G34C35_AA   A 2  ? A 35 ? A 3  ? A 34 ? 
1 A C 3  1_555 A G 34 1_555 A G 4  1_555 A C 33 1_555 0.583  -0.999 3.166 6.006  13.156 28.182  -4.087 -0.042 2.531 25.040 -11.431 
31.609  3 AA_C3G4:C33G34_AA   A 3  ? A 34 ? A 4  ? A 33 ? 
1 A G 4  1_555 A C 33 1_555 A C 5  1_555 A G 32 1_555 0.468  -1.600 2.575 3.731  4.005  44.624  -2.373 -0.351 2.459 5.251  -4.892  
44.941  4 AA_G4C5:G32C33_AA   A 4  ? A 33 ? A 5  ? A 32 ? 
1 A G 15 1_555 A G 12 1_555 A G 22 1_555 A G 25 1_555 -1.453 -3.061 1.076 11.990 -5.605 174.637 -1.531 0.730  1.076 -2.805 -6.001  
174.673 5 AA_G15G22:G25G12_AA A 15 ? A 12 ? A 22 ? A 25 ? 
1 A G 22 1_555 A G 25 1_555 A G 23 1_555 A G 26 1_555 -0.668 -1.180 2.703 7.176  -0.298 37.093  -1.792 1.782  2.544 -0.463 -11.151 
37.758  6 AA_G22G23:G26G25_AA A 22 ? A 25 ? A 23 ? A 26 ? 
1 A G 23 1_555 A G 26 1_555 A U 27 1_555 A A 21 1_555 2.827  -0.074 4.338 2.625  7.654  161.986 -0.061 -1.423 4.347 3.875  -1.329  
162.032 7 AA_G23U27:A21G26_AA A 23 ? A 26 ? A 27 ? A 21 ? 
1 A U 27 1_555 A A 21 1_555 A C 28 1_555 A G 20 1_555 0.469  1.345  2.546 10.409 4.967  20.616  1.861  1.848  2.713 12.678 -26.569 
23.592  8 AA_U27C28:G20A21_AA A 27 ? A 21 ? A 28 ? A 20 ? 
# 
loop_
_pdbx_entity_nonpoly.entity_id 
_pdbx_entity_nonpoly.name 
_pdbx_entity_nonpoly.comp_id 
2 'POTASSIUM ION'                                                   K   
3 '2-[4-(dimethylamino)phenyl]-3,6-dimethyl-1,3-benzothiazol-3-ium' TFX 
# 
_pdbx_initial_refinement_model.id               1 
_pdbx_initial_refinement_model.entity_id_list   ? 
_pdbx_initial_refinement_model.type             'experimental model' 
_pdbx_initial_refinement_model.source_name      PDB 
_pdbx_initial_refinement_model.accession_code   5BJP 
_pdbx_initial_refinement_model.details          ? 
# 
_pdbx_struct_assembly_auth_evidence.id                     1 
_pdbx_struct_assembly_auth_evidence.assembly_id            1 
_pdbx_struct_assembly_auth_evidence.experimental_support   'equilibrium centrifugation' 
_pdbx_struct_assembly_auth_evidence.details                ? 
# 
